data_6WJ8
#
_entry.id   6WJ8
#
_cell.length_a   193.539
_cell.length_b   63.351
_cell.length_c   128.135
_cell.angle_alpha   90.000
_cell.angle_beta   95.702
_cell.angle_gamma   90.000
#
_symmetry.space_group_name_H-M   'C 1 2 1'
#
loop_
_entity.id
_entity.type
_entity.pdbx_description
1 polymer '4-aminobutyrate aminotransferase PuuE'
2 water water
#
_entity_poly.entity_id   1
_entity_poly.type   'polypeptide(L)'
_entity_poly.pdbx_seq_one_letter_code
;MKSSELNQRRQQATPRGVGVMCNYFVEKAENATLWDIEGNEVIDFAAGIAVLNTGHRHPKVVAAVADQLQAFTHTAYQIV
PYESYVSLAERINDLAPIDGPAKTAFFTTGAEAVENAVKIARAYTGRPGLITFGGGFHGRTFMTMALTGKVAPYKIGFGP
FPGSVYHGVYPNAAHGVTTADALKSLERIFKADIAPDQVAAIILEPIQGEGGFNVAPADFMQALRDLCDTHGILLIADEV
QTGFARTGKLFAMQHYEVKPDLMTMA(LLP)SLAGGFPLSGVVGRAEVMDAPAPGGLGGTYAGNPLAVAAAHAVLDVIAE
EQLCQRAEQLGSHLQEVLNQARATCPAIVDVRGRGSMVAVEFNDPQTGEPSPEFTRLVQQKAQENGLLLLSCGVYGNVIR
FLYPLTIPDAQFSKALDILARVLKS
;
_entity_poly.pdbx_strand_id   A,B,C,D
#
# COMPACT_ATOMS: atom_id res chain seq x y z
N MET A 1 -38.05 30.30 -11.18
CA MET A 1 -38.15 30.09 -12.63
C MET A 1 -36.77 30.18 -13.28
N LYS A 2 -36.17 31.36 -13.19
CA LYS A 2 -34.86 31.60 -13.81
C LYS A 2 -33.77 30.73 -13.21
N SER A 3 -33.96 30.22 -11.99
CA SER A 3 -32.99 29.30 -11.41
C SER A 3 -33.02 27.94 -12.11
N SER A 4 -34.15 27.59 -12.71
CA SER A 4 -34.27 26.27 -13.36
C SER A 4 -33.42 26.20 -14.63
N GLU A 5 -33.35 27.30 -15.39
CA GLU A 5 -32.46 27.33 -16.54
C GLU A 5 -31.00 27.22 -16.10
N LEU A 6 -30.67 27.82 -14.96
CA LEU A 6 -29.30 27.71 -14.43
C LEU A 6 -29.02 26.31 -13.90
N ASN A 7 -30.02 25.64 -13.33
CA ASN A 7 -29.81 24.29 -12.83
C ASN A 7 -29.57 23.31 -13.98
N GLN A 8 -30.31 23.44 -15.07
CA GLN A 8 -30.07 22.60 -16.23
C GLN A 8 -28.70 22.88 -16.84
N ARG A 9 -28.31 24.16 -16.89
CA ARG A 9 -26.95 24.49 -17.32
C ARG A 9 -25.92 23.87 -16.39
N ARG A 10 -26.17 23.94 -15.08
CA ARG A 10 -25.23 23.38 -14.11
C ARG A 10 -25.13 21.87 -14.25
N GLN A 11 -26.25 21.20 -14.56
CA GLN A 11 -26.24 19.75 -14.67
C GLN A 11 -25.58 19.27 -15.96
N GLN A 12 -25.66 20.06 -17.02
CA GLN A 12 -25.06 19.66 -18.30
C GLN A 12 -23.59 20.00 -18.37
N ALA A 13 -23.14 21.01 -17.62
CA ALA A 13 -21.77 21.51 -17.75
C ALA A 13 -20.82 20.99 -16.68
N THR A 14 -21.33 20.59 -15.52
CA THR A 14 -20.48 20.07 -14.46
C THR A 14 -20.84 18.61 -14.16
N PRO A 15 -19.90 17.82 -13.65
CA PRO A 15 -20.20 16.41 -13.37
C PRO A 15 -21.16 16.27 -12.21
N ARG A 16 -21.89 15.15 -12.20
CA ARG A 16 -22.79 14.86 -11.10
C ARG A 16 -22.06 14.62 -9.79
N GLY A 17 -20.74 14.39 -9.85
CA GLY A 17 -19.99 14.08 -8.63
C GLY A 17 -19.97 15.23 -7.64
N VAL A 18 -20.08 16.47 -8.13
CA VAL A 18 -20.12 17.64 -7.25
C VAL A 18 -21.60 17.86 -6.91
N GLY A 19 -22.04 17.25 -5.81
CA GLY A 19 -23.41 17.42 -5.38
C GLY A 19 -23.68 18.83 -4.92
N VAL A 20 -24.94 19.25 -5.05
CA VAL A 20 -25.38 20.59 -4.69
C VAL A 20 -26.63 20.47 -3.85
N MET A 21 -26.60 21.05 -2.65
CA MET A 21 -27.66 20.84 -1.67
C MET A 21 -28.92 21.63 -2.04
N CYS A 22 -28.76 22.91 -2.36
CA CYS A 22 -29.89 23.80 -2.62
C CYS A 22 -29.98 24.09 -4.12
N ASN A 23 -31.21 24.11 -4.63
CA ASN A 23 -31.46 24.37 -6.04
C ASN A 23 -31.47 25.85 -6.38
N TYR A 24 -31.18 26.73 -5.43
CA TYR A 24 -31.12 28.16 -5.68
C TYR A 24 -29.67 28.63 -5.67
N PHE A 25 -29.43 29.75 -6.36
CA PHE A 25 -28.09 30.27 -6.58
C PHE A 25 -27.92 31.61 -5.88
N VAL A 26 -26.77 31.81 -5.26
CA VAL A 26 -26.52 33.01 -4.47
C VAL A 26 -26.19 34.19 -5.37
N GLU A 27 -26.73 35.36 -5.03
CA GLU A 27 -26.41 36.61 -5.69
C GLU A 27 -25.61 37.56 -4.82
N LYS A 28 -25.84 37.55 -3.51
CA LYS A 28 -25.15 38.43 -2.58
C LYS A 28 -25.23 37.83 -1.19
N ALA A 29 -24.21 38.08 -0.38
CA ALA A 29 -24.15 37.59 0.98
C ALA A 29 -23.49 38.63 1.88
N GLU A 30 -23.99 38.74 3.11
CA GLU A 30 -23.47 39.73 4.05
C GLU A 30 -23.76 39.25 5.46
N ASN A 31 -22.71 39.11 6.27
CA ASN A 31 -22.81 38.61 7.63
C ASN A 31 -23.44 37.22 7.65
N ALA A 32 -24.72 37.14 8.01
CA ALA A 32 -25.44 35.86 8.05
C ALA A 32 -26.66 35.87 7.15
N THR A 33 -26.67 36.73 6.13
CA THR A 33 -27.82 36.90 5.25
C THR A 33 -27.42 36.54 3.81
N LEU A 34 -28.22 35.68 3.18
CA LEU A 34 -28.01 35.29 1.80
C LEU A 34 -29.14 35.82 0.93
N TRP A 35 -28.80 36.27 -0.27
CA TRP A 35 -29.78 36.71 -1.27
C TRP A 35 -29.57 35.88 -2.53
N ASP A 36 -30.61 35.19 -2.97
CA ASP A 36 -30.53 34.44 -4.21
C ASP A 36 -30.95 35.31 -5.38
N ILE A 37 -30.85 34.74 -6.58
CA ILE A 37 -31.07 35.50 -7.82
C ILE A 37 -32.56 35.73 -8.05
N GLU A 38 -33.39 35.25 -7.13
CA GLU A 38 -34.83 35.47 -7.18
C GLU A 38 -35.30 36.46 -6.12
N GLY A 39 -34.38 37.05 -5.35
CA GLY A 39 -34.73 38.01 -4.32
C GLY A 39 -35.01 37.41 -2.96
N ASN A 40 -35.01 36.09 -2.83
CA ASN A 40 -35.34 35.46 -1.56
C ASN A 40 -34.20 35.63 -0.56
N GLU A 41 -34.55 36.09 0.64
CA GLU A 41 -33.59 36.33 1.71
C GLU A 41 -33.57 35.12 2.63
N VAL A 42 -32.37 34.58 2.86
CA VAL A 42 -32.18 33.37 3.65
C VAL A 42 -31.24 33.69 4.81
N ILE A 43 -31.64 33.27 6.01
CA ILE A 43 -30.74 33.33 7.17
C ILE A 43 -29.77 32.18 7.08
N ASP A 44 -28.48 32.48 7.21
CA ASP A 44 -27.43 31.50 6.99
C ASP A 44 -27.03 30.88 8.33
N PHE A 45 -27.38 29.61 8.53
CA PHE A 45 -26.90 28.83 9.65
C PHE A 45 -25.86 27.80 9.23
N ALA A 46 -25.20 28.05 8.10
CA ALA A 46 -24.13 27.20 7.58
C ALA A 46 -22.79 27.90 7.53
N ALA A 47 -22.77 29.18 7.14
CA ALA A 47 -21.54 29.98 7.05
C ALA A 47 -20.51 29.30 6.15
N GLY A 48 -20.97 28.83 4.99
CA GLY A 48 -20.09 28.14 4.06
C GLY A 48 -19.42 26.92 4.68
N ILE A 49 -20.15 26.19 5.51
CA ILE A 49 -19.63 25.08 6.30
C ILE A 49 -18.52 25.58 7.23
N ALA A 50 -18.90 26.41 8.21
CA ALA A 50 -18.03 26.89 9.27
C ALA A 50 -16.85 27.72 8.76
N VAL A 51 -16.93 28.23 7.53
CA VAL A 51 -15.87 29.08 7.00
C VAL A 51 -16.07 30.55 7.39
N LEU A 52 -17.29 30.96 7.72
CA LEU A 52 -17.54 32.37 7.97
C LEU A 52 -18.01 32.61 9.40
N ASN A 53 -17.15 32.31 10.38
CA ASN A 53 -17.44 32.72 11.75
C ASN A 53 -17.51 34.23 11.87
N THR A 54 -16.70 34.94 11.08
CA THR A 54 -16.73 36.40 11.04
C THR A 54 -17.79 36.95 10.10
N GLY A 55 -18.58 36.08 9.46
CA GLY A 55 -19.67 36.51 8.60
C GLY A 55 -19.26 36.72 7.15
N HIS A 56 -20.26 36.73 6.29
CA HIS A 56 -20.04 36.97 4.87
C HIS A 56 -19.59 38.41 4.65
N ARG A 57 -18.44 38.58 4.00
CA ARG A 57 -17.95 39.89 3.60
C ARG A 57 -17.90 40.86 4.78
N HIS A 58 -17.25 40.43 5.85
CA HIS A 58 -17.09 41.31 7.00
C HIS A 58 -16.35 42.58 6.58
N PRO A 59 -16.80 43.75 7.01
CA PRO A 59 -16.17 45.00 6.53
C PRO A 59 -14.66 45.07 6.73
N LYS A 60 -14.16 44.66 7.90
CA LYS A 60 -12.73 44.72 8.14
C LYS A 60 -11.98 43.67 7.34
N VAL A 61 -12.61 42.53 7.07
CA VAL A 61 -11.96 41.50 6.25
C VAL A 61 -11.91 41.95 4.79
N VAL A 62 -12.99 42.55 4.30
CA VAL A 62 -13.04 43.00 2.90
C VAL A 62 -12.05 44.14 2.68
N ALA A 63 -12.00 45.10 3.60
CA ALA A 63 -11.07 46.21 3.46
C ALA A 63 -9.62 45.74 3.52
N ALA A 64 -9.35 44.67 4.27
CA ALA A 64 -8.00 44.11 4.29
C ALA A 64 -7.67 43.45 2.96
N VAL A 65 -8.63 42.73 2.38
CA VAL A 65 -8.41 42.07 1.10
C VAL A 65 -8.31 43.10 -0.02
N ALA A 66 -9.14 44.15 0.02
CA ALA A 66 -9.08 45.19 -1.00
C ALA A 66 -7.75 45.94 -0.95
N ASP A 67 -7.21 46.15 0.25
CA ASP A 67 -5.89 46.76 0.37
C ASP A 67 -4.83 45.89 -0.29
N GLN A 68 -4.93 44.57 -0.10
CA GLN A 68 -3.95 43.66 -0.70
C GLN A 68 -4.10 43.61 -2.22
N LEU A 69 -5.30 43.90 -2.73
CA LEU A 69 -5.51 43.88 -4.18
C LEU A 69 -4.70 44.95 -4.89
N GLN A 70 -4.43 46.07 -4.22
CA GLN A 70 -3.67 47.16 -4.81
C GLN A 70 -2.15 46.96 -4.70
N ALA A 71 -1.70 45.87 -4.07
CA ALA A 71 -0.29 45.62 -3.88
C ALA A 71 0.16 44.37 -4.70
N PHE A 72 -0.31 43.20 -4.33
CA PHE A 72 0.01 41.98 -5.06
C PHE A 72 -0.95 40.89 -4.60
N THR A 73 -1.32 40.02 -5.53
CA THR A 73 -2.21 38.89 -5.22
C THR A 73 -1.48 37.57 -5.13
N HIS A 74 -0.31 37.44 -5.77
CA HIS A 74 0.42 36.17 -5.77
C HIS A 74 1.86 36.35 -6.24
N THR A 75 2.81 35.78 -5.48
CA THR A 75 4.19 35.71 -5.90
C THR A 75 4.79 34.32 -5.73
N ALA A 76 4.02 33.36 -5.21
CA ALA A 76 4.52 32.07 -4.74
C ALA A 76 5.52 32.30 -3.60
N TYR A 77 5.10 32.00 -2.37
CA TYR A 77 5.91 32.30 -1.20
C TYR A 77 7.27 31.63 -1.26
N GLN A 78 7.37 30.45 -1.87
CA GLN A 78 8.64 29.75 -1.98
C GLN A 78 9.63 30.45 -2.90
N ILE A 79 9.19 31.45 -3.67
CA ILE A 79 10.06 32.17 -4.58
C ILE A 79 10.38 33.53 -3.96
N VAL A 80 9.40 34.41 -3.91
CA VAL A 80 9.55 35.70 -3.24
C VAL A 80 8.56 35.77 -2.09
N PRO A 81 9.03 35.82 -0.85
CA PRO A 81 8.13 35.84 0.30
C PRO A 81 7.59 37.25 0.55
N TYR A 82 6.72 37.36 1.53
CA TYR A 82 6.12 38.62 1.91
C TYR A 82 6.00 38.70 3.41
N GLU A 83 5.88 39.91 3.95
CA GLU A 83 5.89 40.10 5.40
C GLU A 83 4.63 39.56 6.06
N SER A 84 3.48 39.69 5.40
CA SER A 84 2.21 39.30 6.01
C SER A 84 2.18 37.82 6.37
N TYR A 85 2.83 36.98 5.56
CA TYR A 85 2.95 35.56 5.89
C TYR A 85 3.63 35.37 7.24
N VAL A 86 4.74 36.08 7.47
CA VAL A 86 5.50 35.91 8.70
C VAL A 86 4.70 36.40 9.90
N SER A 87 4.10 37.59 9.79
CA SER A 87 3.39 38.17 10.92
C SER A 87 2.17 37.34 11.31
N LEU A 88 1.49 36.74 10.33
CA LEU A 88 0.36 35.88 10.66
C LEU A 88 0.85 34.60 11.34
N ALA A 89 1.94 34.02 10.86
CA ALA A 89 2.52 32.87 11.54
C ALA A 89 2.97 33.24 12.95
N GLU A 90 3.49 34.46 13.12
CA GLU A 90 3.88 34.91 14.45
C GLU A 90 2.67 35.00 15.38
N ARG A 91 1.55 35.54 14.88
CA ARG A 91 0.35 35.60 15.68
C ARG A 91 -0.18 34.21 15.99
N ILE A 92 -0.22 33.33 14.99
CA ILE A 92 -0.69 31.96 15.21
C ILE A 92 0.21 31.23 16.21
N ASN A 93 1.51 31.51 16.18
CA ASN A 93 2.42 30.86 17.12
C ASN A 93 2.15 31.30 18.56
N ASP A 94 1.79 32.57 18.75
CA ASP A 94 1.50 33.05 20.10
C ASP A 94 0.15 32.55 20.61
N LEU A 95 -0.80 32.32 19.71
CA LEU A 95 -2.16 31.99 20.09
C LEU A 95 -2.45 30.49 20.14
N ALA A 96 -1.70 29.67 19.41
CA ALA A 96 -2.00 28.26 19.35
C ALA A 96 -1.59 27.57 20.66
N PRO A 97 -2.41 26.64 21.17
CA PRO A 97 -2.02 25.90 22.38
C PRO A 97 -0.95 24.86 22.08
N ILE A 98 0.29 25.31 21.98
CA ILE A 98 1.44 24.45 21.72
C ILE A 98 2.40 24.57 22.87
N ASP A 99 2.82 23.42 23.41
CA ASP A 99 3.80 23.42 24.50
C ASP A 99 5.17 23.82 23.94
N GLY A 100 5.71 24.94 24.44
CA GLY A 100 6.99 25.42 24.00
C GLY A 100 6.90 26.22 22.72
N PRO A 101 8.06 26.50 22.11
CA PRO A 101 8.07 27.30 20.88
C PRO A 101 7.30 26.59 19.76
N ALA A 102 6.60 27.40 18.97
CA ALA A 102 5.79 26.90 17.87
C ALA A 102 6.26 27.48 16.55
N LYS A 103 5.92 26.77 15.47
CA LYS A 103 6.17 27.24 14.12
C LYS A 103 4.94 26.96 13.28
N THR A 104 4.69 27.83 12.31
CA THR A 104 3.48 27.76 11.49
C THR A 104 3.87 27.78 10.01
N ALA A 105 3.26 26.88 9.25
CA ALA A 105 3.39 26.85 7.80
C ALA A 105 2.00 26.97 7.20
N PHE A 106 1.85 27.84 6.21
CA PHE A 106 0.56 28.12 5.60
C PHE A 106 0.41 27.40 4.28
N PHE A 107 -0.79 26.90 4.02
CA PHE A 107 -1.13 26.26 2.75
C PHE A 107 -2.49 26.80 2.34
N THR A 108 -3.19 26.09 1.45
CA THR A 108 -4.40 26.62 0.84
C THR A 108 -5.67 25.96 1.33
N THR A 109 -5.79 24.63 1.24
CA THR A 109 -7.00 23.92 1.60
C THR A 109 -6.82 23.15 2.89
N GLY A 110 -7.94 22.84 3.54
CA GLY A 110 -7.90 22.09 4.78
C GLY A 110 -7.30 20.70 4.59
N ALA A 111 -7.63 20.04 3.48
CA ALA A 111 -7.02 18.75 3.19
C ALA A 111 -5.51 18.90 3.01
N GLU A 112 -5.06 20.01 2.42
CA GLU A 112 -3.63 20.26 2.29
C GLU A 112 -2.98 20.43 3.66
N ALA A 113 -3.67 21.08 4.59
CA ALA A 113 -3.14 21.24 5.94
C ALA A 113 -2.96 19.90 6.62
N VAL A 114 -4.01 19.07 6.61
CA VAL A 114 -3.90 17.72 7.16
C VAL A 114 -2.83 16.93 6.42
N GLU A 115 -2.74 17.12 5.10
CA GLU A 115 -1.73 16.42 4.31
C GLU A 115 -0.32 16.78 4.76
N ASN A 116 -0.07 18.07 5.00
CA ASN A 116 1.25 18.47 5.47
C ASN A 116 1.48 18.09 6.93
N ALA A 117 0.40 17.96 7.70
CA ALA A 117 0.53 17.53 9.09
C ALA A 117 1.08 16.10 9.17
N VAL A 118 0.60 15.22 8.28
CA VAL A 118 1.15 13.86 8.27
C VAL A 118 2.52 13.84 7.62
N LYS A 119 2.79 14.75 6.67
CA LYS A 119 4.13 14.85 6.10
C LYS A 119 5.13 15.28 7.15
N ILE A 120 4.74 16.23 8.01
CA ILE A 120 5.61 16.65 9.10
C ILE A 120 5.77 15.53 10.12
N ALA A 121 4.67 14.86 10.48
CA ALA A 121 4.74 13.78 11.45
C ALA A 121 5.55 12.61 10.92
N ARG A 122 5.38 12.29 9.63
CA ARG A 122 6.17 11.19 9.05
C ARG A 122 7.64 11.56 8.96
N ALA A 123 7.96 12.81 8.62
CA ALA A 123 9.35 13.23 8.57
C ALA A 123 9.98 13.25 9.95
N TYR A 124 9.20 13.58 10.98
CA TYR A 124 9.76 13.69 12.33
C TYR A 124 9.96 12.31 12.97
N THR A 125 8.95 11.45 12.89
CA THR A 125 9.01 10.15 13.52
C THR A 125 9.66 9.08 12.66
N GLY A 126 9.66 9.26 11.34
CA GLY A 126 10.12 8.21 10.45
C GLY A 126 9.22 7.00 10.40
N ARG A 127 8.00 7.10 10.91
CA ARG A 127 7.04 6.00 10.99
C ARG A 127 5.94 6.15 9.96
N PRO A 128 5.34 5.05 9.51
CA PRO A 128 4.28 5.13 8.49
C PRO A 128 2.87 5.21 9.07
N GLY A 129 2.71 4.83 10.33
CA GLY A 129 1.38 4.61 10.87
C GLY A 129 0.61 5.89 11.11
N LEU A 130 -0.68 5.83 10.83
CA LEU A 130 -1.61 6.93 11.09
C LEU A 130 -2.92 6.34 11.58
N ILE A 131 -3.41 6.82 12.72
CA ILE A 131 -4.64 6.33 13.32
C ILE A 131 -5.63 7.49 13.44
N THR A 132 -6.82 7.32 12.87
CA THR A 132 -7.91 8.26 13.08
C THR A 132 -9.08 7.55 13.75
N PHE A 133 -10.27 8.10 13.64
CA PHE A 133 -11.45 7.52 14.27
C PHE A 133 -12.61 7.52 13.29
N GLY A 134 -13.44 6.49 13.38
CA GLY A 134 -14.63 6.43 12.55
C GLY A 134 -15.54 7.61 12.82
N GLY A 135 -16.07 8.20 11.76
CA GLY A 135 -16.81 9.43 11.85
C GLY A 135 -15.97 10.68 11.69
N GLY A 136 -14.65 10.56 11.67
CA GLY A 136 -13.80 11.70 11.42
C GLY A 136 -13.79 12.08 9.94
N PHE A 137 -13.56 13.36 9.70
CA PHE A 137 -13.44 13.88 8.35
C PHE A 137 -12.22 14.80 8.29
N HIS A 138 -11.34 14.49 7.37
CA HIS A 138 -10.13 15.22 7.18
C HIS A 138 -9.77 15.75 5.84
N GLY A 139 -10.64 15.64 4.87
CA GLY A 139 -10.41 16.08 3.52
C GLY A 139 -10.82 15.05 2.50
N ARG A 140 -10.63 15.39 1.23
CA ARG A 140 -11.05 14.55 0.12
C ARG A 140 -9.90 14.08 -0.77
N THR A 141 -8.66 14.37 -0.38
CA THR A 141 -7.53 13.83 -1.13
C THR A 141 -7.36 12.34 -0.81
N PHE A 142 -6.47 11.69 -1.56
CA PHE A 142 -6.26 10.26 -1.40
C PHE A 142 -5.92 9.89 0.04
N MET A 143 -4.97 10.62 0.64
CA MET A 143 -4.58 10.33 2.02
C MET A 143 -5.66 10.78 3.00
N THR A 144 -6.24 11.95 2.79
CA THR A 144 -7.25 12.46 3.72
C THR A 144 -8.55 11.66 3.63
N MET A 145 -8.83 11.06 2.46
CA MET A 145 -9.96 10.15 2.39
C MET A 145 -9.70 8.90 3.24
N ALA A 146 -8.47 8.38 3.18
CA ALA A 146 -8.12 7.23 4.02
C ALA A 146 -8.24 7.58 5.49
N LEU A 147 -7.80 8.78 5.88
CA LEU A 147 -7.93 9.20 7.26
C LEU A 147 -9.39 9.46 7.63
N THR A 148 -10.21 9.88 6.66
CA THR A 148 -11.62 10.11 6.90
C THR A 148 -12.30 8.82 7.30
N GLY A 149 -13.13 8.90 8.35
CA GLY A 149 -13.79 7.72 8.88
C GLY A 149 -15.22 7.54 8.43
N LYS A 150 -15.55 8.01 7.23
CA LYS A 150 -16.88 7.85 6.65
C LYS A 150 -16.72 7.48 5.19
N VAL A 151 -17.10 6.24 4.85
CA VAL A 151 -16.87 5.75 3.50
C VAL A 151 -17.86 6.35 2.52
N ALA A 152 -19.14 6.41 2.88
CA ALA A 152 -20.15 6.98 1.99
C ALA A 152 -20.42 8.42 2.36
N PRO A 153 -20.34 9.36 1.41
CA PRO A 153 -19.98 9.12 0.01
C PRO A 153 -18.54 9.50 -0.30
N TYR A 154 -17.74 9.69 0.75
CA TYR A 154 -16.46 10.37 0.60
C TYR A 154 -15.44 9.53 -0.17
N LYS A 155 -15.44 8.21 0.03
CA LYS A 155 -14.45 7.36 -0.62
C LYS A 155 -15.07 6.24 -1.44
N ILE A 156 -16.36 6.33 -1.78
CA ILE A 156 -16.99 5.29 -2.60
C ILE A 156 -16.43 5.40 -4.01
N GLY A 157 -15.61 4.42 -4.40
CA GLY A 157 -15.10 4.34 -5.75
C GLY A 157 -13.71 4.90 -5.97
N PHE A 158 -13.01 5.31 -4.90
CA PHE A 158 -11.70 5.92 -5.03
C PHE A 158 -10.58 5.06 -4.47
N GLY A 159 -10.88 3.86 -3.96
CA GLY A 159 -9.87 2.96 -3.51
C GLY A 159 -9.04 2.42 -4.67
N PRO A 160 -8.07 1.55 -4.35
CA PRO A 160 -7.67 1.08 -3.01
C PRO A 160 -6.95 2.16 -2.23
N PHE A 161 -6.88 2.00 -0.91
CA PHE A 161 -6.36 3.04 -0.04
C PHE A 161 -5.05 2.60 0.62
N PRO A 162 -4.20 3.55 1.03
CA PRO A 162 -2.86 3.17 1.47
C PRO A 162 -2.90 2.45 2.81
N GLY A 163 -1.92 1.56 3.00
CA GLY A 163 -1.79 0.83 4.24
C GLY A 163 -1.37 1.74 5.39
N SER A 164 -1.24 1.11 6.57
CA SER A 164 -0.79 1.79 7.78
C SER A 164 -1.73 2.91 8.21
N VAL A 165 -2.99 2.82 7.82
CA VAL A 165 -4.01 3.80 8.21
C VAL A 165 -5.20 3.03 8.74
N TYR A 166 -5.49 3.19 10.03
CA TYR A 166 -6.58 2.49 10.69
C TYR A 166 -7.42 3.48 11.48
N HIS A 167 -8.62 3.05 11.85
CA HIS A 167 -9.60 3.92 12.49
C HIS A 167 -10.00 3.33 13.83
N GLY A 168 -9.77 4.08 14.90
CA GLY A 168 -10.30 3.73 16.20
C GLY A 168 -11.76 4.15 16.33
N VAL A 169 -12.30 3.94 17.52
CA VAL A 169 -13.68 4.30 17.82
C VAL A 169 -13.69 5.61 18.60
N TYR A 170 -14.43 6.59 18.10
CA TYR A 170 -14.52 7.88 18.77
C TYR A 170 -15.52 7.80 19.92
N PRO A 171 -15.18 8.31 21.10
CA PRO A 171 -16.07 8.15 22.26
C PRO A 171 -17.33 9.00 22.13
N ASN A 172 -18.48 8.36 22.33
CA ASN A 172 -19.77 9.05 22.36
C ASN A 172 -20.63 8.31 23.39
N ALA A 173 -20.50 8.72 24.65
CA ALA A 173 -21.28 8.11 25.72
C ALA A 173 -22.78 8.20 25.47
N ALA A 174 -23.22 9.16 24.66
CA ALA A 174 -24.61 9.22 24.23
C ALA A 174 -24.99 8.09 23.29
N HIS A 175 -24.00 7.36 22.76
CA HIS A 175 -24.24 6.21 21.89
C HIS A 175 -23.86 4.90 22.56
N GLY A 176 -23.59 4.91 23.86
CA GLY A 176 -23.10 3.72 24.53
C GLY A 176 -21.65 3.41 24.26
N VAL A 177 -20.85 4.44 23.96
CA VAL A 177 -19.43 4.28 23.65
C VAL A 177 -18.67 5.11 24.67
N THR A 178 -18.08 4.45 25.66
CA THR A 178 -17.35 5.15 26.71
C THR A 178 -15.96 5.55 26.23
N THR A 179 -15.26 6.31 27.08
CA THR A 179 -13.85 6.59 26.83
C THR A 179 -13.04 5.30 26.88
N ALA A 180 -13.37 4.41 27.82
CA ALA A 180 -12.72 3.10 27.85
C ALA A 180 -12.99 2.33 26.56
N ASP A 181 -14.22 2.42 26.04
CA ASP A 181 -14.52 1.83 24.74
C ASP A 181 -13.62 2.42 23.66
N ALA A 182 -13.38 3.73 23.72
CA ALA A 182 -12.51 4.36 22.73
C ALA A 182 -11.05 3.94 22.92
N LEU A 183 -10.56 3.99 24.16
CA LEU A 183 -9.15 3.71 24.42
C LEU A 183 -8.77 2.30 23.99
N LYS A 184 -9.61 1.32 24.30
CA LYS A 184 -9.30 -0.08 24.03
C LYS A 184 -9.40 -0.41 22.55
N SER A 185 -10.19 0.38 21.80
CA SER A 185 -10.19 0.25 20.36
C SER A 185 -8.84 0.64 19.78
N LEU A 186 -8.14 1.56 20.42
CA LEU A 186 -6.77 1.89 20.01
C LEU A 186 -5.81 0.77 20.34
N GLU A 187 -5.94 0.18 21.53
CA GLU A 187 -5.06 -0.91 21.93
C GLU A 187 -5.25 -2.13 21.05
N ARG A 188 -6.47 -2.36 20.56
CA ARG A 188 -6.69 -3.45 19.61
C ARG A 188 -6.00 -3.18 18.29
N ILE A 189 -5.97 -1.91 17.86
CA ILE A 189 -5.19 -1.53 16.68
C ILE A 189 -3.71 -1.79 16.93
N PHE A 190 -3.26 -1.56 18.16
CA PHE A 190 -1.85 -1.80 18.48
C PHE A 190 -1.52 -3.28 18.50
N LYS A 191 -2.44 -4.07 19.01
CA LYS A 191 -2.28 -5.49 19.12
C LYS A 191 -2.53 -6.32 17.85
N ALA A 192 -3.22 -5.76 16.89
CA ALA A 192 -3.63 -6.48 15.69
C ALA A 192 -3.22 -5.82 14.39
N ASP A 193 -3.27 -4.49 14.31
CA ASP A 193 -3.02 -3.79 13.06
C ASP A 193 -1.56 -3.37 12.90
N ILE A 194 -1.08 -2.53 13.81
CA ILE A 194 0.25 -1.93 13.66
C ILE A 194 0.82 -1.68 15.05
N ALA A 195 2.14 -1.87 15.17
CA ALA A 195 2.80 -1.67 16.45
C ALA A 195 2.78 -0.19 16.84
N PRO A 196 2.69 0.11 18.13
CA PRO A 196 2.65 1.52 18.55
C PRO A 196 3.86 2.32 18.11
N ASP A 197 5.05 1.73 18.15
CA ASP A 197 6.24 2.46 17.71
C ASP A 197 6.33 2.58 16.20
N GLN A 198 5.35 2.09 15.46
CA GLN A 198 5.27 2.31 14.02
C GLN A 198 4.17 3.27 13.63
N VAL A 199 3.43 3.82 14.61
CA VAL A 199 2.40 4.80 14.35
C VAL A 199 3.01 6.18 14.46
N ALA A 200 2.95 6.96 13.38
CA ALA A 200 3.55 8.29 13.37
C ALA A 200 2.70 9.29 14.13
N ALA A 201 1.37 9.19 14.01
CA ALA A 201 0.50 10.19 14.60
C ALA A 201 -0.89 9.61 14.82
N ILE A 202 -1.56 10.09 15.87
CA ILE A 202 -2.97 9.86 16.09
C ILE A 202 -3.68 11.18 15.84
N ILE A 203 -4.59 11.19 14.88
CA ILE A 203 -5.26 12.41 14.42
C ILE A 203 -6.73 12.33 14.79
N LEU A 204 -7.25 13.42 15.35
CA LEU A 204 -8.66 13.48 15.74
C LEU A 204 -9.12 14.92 15.74
N GLU A 205 -10.41 15.11 15.50
CA GLU A 205 -11.01 16.41 15.74
C GLU A 205 -11.43 16.50 17.21
N PRO A 206 -11.18 17.64 17.87
CA PRO A 206 -11.71 17.79 19.24
C PRO A 206 -13.22 17.67 19.28
N ILE A 207 -13.90 18.15 18.25
CA ILE A 207 -15.32 17.90 18.03
C ILE A 207 -15.48 17.48 16.58
N GLN A 208 -16.07 16.31 16.36
CA GLN A 208 -16.19 15.76 15.02
C GLN A 208 -17.13 16.63 14.18
N GLY A 209 -16.60 17.18 13.09
CA GLY A 209 -17.39 18.02 12.22
C GLY A 209 -18.55 17.30 11.56
N GLU A 210 -18.26 16.58 10.48
CA GLU A 210 -19.29 15.78 9.81
C GLU A 210 -19.71 14.57 10.63
N GLY A 211 -18.99 14.24 11.70
CA GLY A 211 -19.30 13.08 12.50
C GLY A 211 -20.51 13.20 13.39
N GLY A 212 -21.03 14.41 13.58
CA GLY A 212 -22.21 14.60 14.40
C GLY A 212 -22.00 15.49 15.60
N PHE A 213 -20.93 16.29 15.56
CA PHE A 213 -20.60 17.24 16.63
C PHE A 213 -20.42 16.53 17.97
N ASN A 214 -19.79 15.35 17.93
CA ASN A 214 -19.47 14.61 19.14
C ASN A 214 -18.19 15.17 19.76
N VAL A 215 -18.31 15.70 20.98
CA VAL A 215 -17.19 16.35 21.64
C VAL A 215 -16.34 15.29 22.35
N ALA A 216 -15.02 15.43 22.25
CA ALA A 216 -14.12 14.50 22.91
C ALA A 216 -14.12 14.78 24.42
N PRO A 217 -14.30 13.76 25.25
CA PRO A 217 -14.23 13.98 26.70
C PRO A 217 -12.81 14.32 27.13
N ALA A 218 -12.71 14.96 28.30
CA ALA A 218 -11.42 15.36 28.82
C ALA A 218 -10.54 14.15 29.16
N ASP A 219 -11.14 13.11 29.75
CA ASP A 219 -10.36 11.93 30.12
C ASP A 219 -9.90 11.16 28.88
N PHE A 220 -10.62 11.28 27.77
CA PHE A 220 -10.16 10.67 26.53
C PHE A 220 -8.97 11.43 25.96
N MET A 221 -9.06 12.76 25.92
CA MET A 221 -7.95 13.57 25.44
C MET A 221 -6.72 13.42 26.33
N GLN A 222 -6.93 13.24 27.63
CA GLN A 222 -5.81 13.04 28.55
C GLN A 222 -5.10 11.73 28.26
N ALA A 223 -5.85 10.62 28.24
CA ALA A 223 -5.24 9.32 28.00
C ALA A 223 -4.63 9.24 26.61
N LEU A 224 -5.16 10.01 25.65
CA LEU A 224 -4.55 10.06 24.33
C LEU A 224 -3.18 10.70 24.39
N ARG A 225 -3.06 11.82 25.12
CA ARG A 225 -1.77 12.48 25.29
C ARG A 225 -0.77 11.55 25.98
N ASP A 226 -1.21 10.85 27.02
CA ASP A 226 -0.33 9.88 27.69
C ASP A 226 0.04 8.74 26.76
N LEU A 227 -0.92 8.29 25.93
CA LEU A 227 -0.65 7.21 24.99
C LEU A 227 0.47 7.59 24.03
N CYS A 228 0.41 8.81 23.49
CA CYS A 228 1.41 9.26 22.54
C CYS A 228 2.75 9.55 23.22
N ASP A 229 2.70 10.06 24.45
CA ASP A 229 3.94 10.32 25.19
C ASP A 229 4.70 9.02 25.44
N THR A 230 3.98 7.92 25.66
CA THR A 230 4.64 6.66 25.99
C THR A 230 5.28 6.03 24.76
N HIS A 231 4.58 6.01 23.63
CA HIS A 231 5.02 5.30 22.45
C HIS A 231 5.66 6.21 21.40
N GLY A 232 6.03 7.43 21.77
CA GLY A 232 6.61 8.34 20.79
C GLY A 232 5.68 8.76 19.69
N ILE A 233 4.36 8.65 19.90
CA ILE A 233 3.38 9.09 18.93
C ILE A 233 3.24 10.60 19.00
N LEU A 234 2.83 11.20 17.88
CA LEU A 234 2.51 12.61 17.83
C LEU A 234 1.00 12.81 17.88
N LEU A 235 0.56 13.75 18.68
CA LEU A 235 -0.85 14.09 18.79
C LEU A 235 -1.17 15.25 17.85
N ILE A 236 -2.06 15.00 16.89
CA ILE A 236 -2.46 16.00 15.91
C ILE A 236 -3.93 16.31 16.14
N ALA A 237 -4.23 17.57 16.44
CA ALA A 237 -5.60 18.05 16.56
C ALA A 237 -6.02 18.70 15.25
N ASP A 238 -7.12 18.22 14.68
CA ASP A 238 -7.66 18.79 13.45
C ASP A 238 -8.71 19.83 13.85
N GLU A 239 -8.32 21.10 13.80
CA GLU A 239 -9.22 22.21 14.13
C GLU A 239 -9.62 23.01 12.89
N VAL A 240 -9.78 22.31 11.76
CA VAL A 240 -10.25 22.99 10.55
C VAL A 240 -11.67 23.50 10.74
N GLN A 241 -12.53 22.69 11.35
CA GLN A 241 -13.92 23.09 11.59
C GLN A 241 -14.14 23.68 12.97
N THR A 242 -13.40 23.21 13.99
CA THR A 242 -13.58 23.73 15.34
C THR A 242 -12.82 25.03 15.57
N GLY A 243 -11.83 25.34 14.74
CA GLY A 243 -10.94 26.44 15.04
C GLY A 243 -11.60 27.80 14.90
N PHE A 244 -11.03 28.75 15.64
CA PHE A 244 -11.31 30.19 15.54
C PHE A 244 -12.67 30.56 16.11
N ALA A 245 -12.76 30.54 17.43
CA ALA A 245 -13.83 31.08 18.25
C ALA A 245 -15.13 30.30 18.14
N ARG A 246 -15.19 29.24 17.33
CA ARG A 246 -16.45 28.54 17.13
C ARG A 246 -16.94 27.88 18.41
N THR A 247 -16.02 27.33 19.20
CA THR A 247 -16.38 26.54 20.38
C THR A 247 -16.34 27.34 21.67
N GLY A 248 -16.36 28.67 21.59
CA GLY A 248 -16.26 29.51 22.76
C GLY A 248 -14.84 29.91 23.14
N LYS A 249 -13.84 29.20 22.63
CA LYS A 249 -12.45 29.60 22.75
C LYS A 249 -11.85 29.59 21.35
N LEU A 250 -10.69 30.25 21.20
CA LEU A 250 -10.09 30.38 19.88
C LEU A 250 -9.84 29.02 19.24
N PHE A 251 -9.41 28.04 20.03
CA PHE A 251 -9.24 26.69 19.55
C PHE A 251 -9.87 25.72 20.54
N ALA A 252 -10.55 24.70 19.99
CA ALA A 252 -11.26 23.75 20.85
C ALA A 252 -10.32 23.04 21.81
N MET A 253 -9.05 22.85 21.42
CA MET A 253 -8.09 22.21 22.31
C MET A 253 -7.83 23.03 23.57
N GLN A 254 -8.07 24.34 23.53
CA GLN A 254 -7.91 25.16 24.73
C GLN A 254 -8.93 24.85 25.81
N HIS A 255 -9.95 24.06 25.50
CA HIS A 255 -10.86 23.52 26.51
C HIS A 255 -10.23 22.39 27.31
N TYR A 256 -9.00 22.01 27.00
CA TYR A 256 -8.31 20.93 27.68
C TYR A 256 -6.95 21.42 28.17
N GLU A 257 -6.44 20.76 29.22
CA GLU A 257 -5.08 20.99 29.67
C GLU A 257 -4.05 20.23 28.83
N VAL A 258 -4.52 19.36 27.94
CA VAL A 258 -3.64 18.64 27.03
C VAL A 258 -3.33 19.51 25.82
N LYS A 259 -2.09 19.48 25.37
CA LYS A 259 -1.67 20.24 24.21
C LYS A 259 -1.19 19.30 23.11
N PRO A 260 -1.70 19.42 21.89
CA PRO A 260 -1.26 18.53 20.81
C PRO A 260 0.10 18.95 20.27
N ASP A 261 0.73 18.01 19.56
CA ASP A 261 2.02 18.29 18.95
C ASP A 261 1.87 19.12 17.68
N LEU A 262 0.81 18.87 16.91
CA LEU A 262 0.50 19.63 15.72
C LEU A 262 -0.98 20.00 15.74
N MET A 263 -1.32 21.00 14.92
CA MET A 263 -2.71 21.41 14.76
C MET A 263 -2.91 21.95 13.36
N THR A 264 -3.97 21.50 12.70
CA THR A 264 -4.33 21.97 11.37
C THR A 264 -5.43 23.02 11.49
N MET A 265 -5.34 24.04 10.64
CA MET A 265 -6.31 25.12 10.61
C MET A 265 -6.72 25.41 9.18
N ALA A 266 -7.99 25.76 8.99
CA ALA A 266 -8.51 26.17 7.69
C ALA A 266 -9.86 26.85 7.87
N1 LLP A 267 -10.81 18.67 8.10
C2 LLP A 267 -11.89 19.04 8.80
C2' LLP A 267 -11.99 18.74 10.32
C3 LLP A 267 -12.96 19.69 8.14
O3 LLP A 267 -14.10 20.08 8.87
C4 LLP A 267 -12.89 19.97 6.79
C4' LLP A 267 -14.13 20.73 6.10
C5 LLP A 267 -11.79 19.61 6.09
C6 LLP A 267 -10.73 18.95 6.73
C5' LLP A 267 -11.70 19.90 4.55
OP4 LLP A 267 -11.10 21.14 4.26
P LLP A 267 -11.00 21.53 2.76
OP1 LLP A 267 -10.68 23.01 2.62
OP2 LLP A 267 -9.95 20.73 2.11
OP3 LLP A 267 -12.30 21.24 2.10
N LLP A 267 -10.70 26.72 6.84
CA LLP A 267 -12.08 27.24 6.85
CB LLP A 267 -12.94 26.33 7.69
CG LLP A 267 -13.15 25.05 6.87
CD LLP A 267 -14.30 24.17 7.41
CE LLP A 267 -14.58 23.07 6.37
NZ LLP A 267 -14.62 21.74 7.00
C LLP A 267 -12.15 28.66 7.31
O LLP A 267 -11.88 29.56 6.54
N SER A 268 -12.49 28.86 8.59
CA SER A 268 -12.70 30.22 9.08
C SER A 268 -11.42 30.92 9.52
N LEU A 269 -10.27 30.25 9.36
CA LEU A 269 -8.98 30.90 9.61
C LEU A 269 -8.86 32.18 8.79
N ALA A 270 -9.36 32.17 7.56
CA ALA A 270 -9.33 33.35 6.70
C ALA A 270 -10.69 33.95 6.46
N GLY A 271 -11.74 33.42 7.08
CA GLY A 271 -13.06 34.05 7.04
C GLY A 271 -13.67 34.21 5.66
N GLY A 272 -13.46 33.23 4.78
CA GLY A 272 -14.08 33.28 3.47
C GLY A 272 -13.12 33.38 2.31
N PHE A 273 -11.87 32.96 2.54
CA PHE A 273 -10.83 33.02 1.52
C PHE A 273 -9.95 31.78 1.63
N PRO A 274 -9.41 31.29 0.52
CA PRO A 274 -8.64 30.04 0.55
C PRO A 274 -7.32 30.15 1.30
N LEU A 275 -7.31 29.66 2.54
CA LEU A 275 -6.10 29.63 3.34
C LEU A 275 -6.19 28.50 4.35
N SER A 276 -5.06 27.85 4.61
CA SER A 276 -4.98 26.81 5.63
C SER A 276 -3.60 26.88 6.26
N GLY A 277 -3.45 26.22 7.41
CA GLY A 277 -2.20 26.29 8.13
C GLY A 277 -1.98 25.11 9.04
N VAL A 278 -0.72 24.91 9.39
CA VAL A 278 -0.30 23.87 10.33
C VAL A 278 0.63 24.51 11.35
N VAL A 279 0.23 24.49 12.61
CA VAL A 279 1.04 24.99 13.71
C VAL A 279 1.38 23.80 14.62
N GLY A 280 2.60 23.82 15.15
CA GLY A 280 3.02 22.73 16.01
C GLY A 280 4.33 23.08 16.70
N ARG A 281 4.81 22.11 17.47
CA ARG A 281 6.09 22.28 18.15
C ARG A 281 7.20 22.54 17.13
N ALA A 282 8.06 23.52 17.44
CA ALA A 282 9.10 23.93 16.50
C ALA A 282 10.01 22.77 16.12
N GLU A 283 10.46 22.02 17.13
CA GLU A 283 11.27 20.84 16.87
C GLU A 283 10.59 19.91 15.87
N VAL A 284 9.28 19.72 16.00
CA VAL A 284 8.56 18.82 15.11
C VAL A 284 8.37 19.44 13.73
N MET A 285 8.02 20.73 13.69
CA MET A 285 7.76 21.40 12.42
C MET A 285 9.00 21.46 11.54
N ASP A 286 10.18 21.52 12.13
CA ASP A 286 11.42 21.65 11.36
C ASP A 286 11.92 20.32 10.80
N ALA A 287 11.18 19.23 10.99
CA ALA A 287 11.64 17.94 10.48
C ALA A 287 11.75 17.89 8.97
N PRO A 288 10.75 18.30 8.18
CA PRO A 288 10.92 18.27 6.72
C PRO A 288 12.06 19.18 6.28
N ALA A 289 12.90 18.66 5.38
CA ALA A 289 14.02 19.40 4.87
C ALA A 289 13.55 20.55 3.98
N PRO A 290 14.39 21.56 3.78
CA PRO A 290 14.01 22.66 2.87
C PRO A 290 13.67 22.14 1.48
N GLY A 291 12.56 22.65 0.94
CA GLY A 291 12.03 22.17 -0.32
C GLY A 291 11.01 21.05 -0.19
N GLY A 292 10.85 20.48 1.01
CA GLY A 292 9.90 19.40 1.18
C GLY A 292 8.46 19.86 1.34
N LEU A 293 8.26 21.03 1.92
CA LEU A 293 6.93 21.62 2.06
C LEU A 293 6.75 22.75 1.06
N GLY A 294 5.54 22.89 0.55
CA GLY A 294 5.27 23.95 -0.39
C GLY A 294 3.86 23.88 -0.93
N GLY A 295 3.68 24.46 -2.11
CA GLY A 295 2.38 24.64 -2.71
C GLY A 295 2.32 25.98 -3.41
N THR A 296 1.84 26.00 -4.66
CA THR A 296 1.89 27.22 -5.45
C THR A 296 1.04 28.32 -4.83
N TYR A 297 -0.22 28.00 -4.50
CA TYR A 297 -1.12 28.98 -3.91
C TYR A 297 -0.90 29.17 -2.42
N ALA A 298 -0.05 28.35 -1.79
CA ALA A 298 0.08 28.32 -0.34
C ALA A 298 0.31 29.72 0.22
N GLY A 299 -0.44 30.04 1.29
CA GLY A 299 -0.38 31.35 1.89
C GLY A 299 -0.73 32.46 0.94
N ASN A 300 -1.91 32.37 0.32
CA ASN A 300 -2.33 33.38 -0.63
C ASN A 300 -2.33 34.76 0.04
N PRO A 301 -1.66 35.75 -0.54
CA PRO A 301 -1.58 37.07 0.11
C PRO A 301 -2.93 37.68 0.47
N LEU A 302 -3.93 37.53 -0.40
CA LEU A 302 -5.26 38.04 -0.07
C LEU A 302 -5.85 37.29 1.11
N ALA A 303 -5.74 35.95 1.10
CA ALA A 303 -6.27 35.16 2.20
C ALA A 303 -5.51 35.39 3.49
N VAL A 304 -4.21 35.69 3.40
CA VAL A 304 -3.44 36.01 4.59
C VAL A 304 -3.90 37.35 5.17
N ALA A 305 -4.13 38.34 4.30
CA ALA A 305 -4.64 39.62 4.76
C ALA A 305 -6.01 39.48 5.42
N ALA A 306 -6.84 38.58 4.89
CA ALA A 306 -8.14 38.33 5.50
C ALA A 306 -7.98 37.68 6.87
N ALA A 307 -7.11 36.67 6.98
CA ALA A 307 -6.89 36.01 8.26
C ALA A 307 -6.34 36.98 9.30
N HIS A 308 -5.51 37.93 8.87
CA HIS A 308 -5.05 38.98 9.77
C HIS A 308 -6.23 39.78 10.32
N ALA A 309 -7.20 40.10 9.46
CA ALA A 309 -8.38 40.83 9.91
C ALA A 309 -9.31 39.93 10.71
N VAL A 310 -9.38 38.65 10.38
CA VAL A 310 -10.23 37.73 11.12
C VAL A 310 -9.79 37.64 12.59
N LEU A 311 -8.47 37.58 12.81
CA LEU A 311 -7.97 37.56 14.17
C LEU A 311 -8.31 38.83 14.92
N ASP A 312 -8.22 39.99 14.23
CA ASP A 312 -8.58 41.25 14.88
C ASP A 312 -10.07 41.31 15.18
N VAL A 313 -10.91 40.77 14.29
CA VAL A 313 -12.35 40.79 14.51
C VAL A 313 -12.71 39.91 15.70
N ILE A 314 -12.11 38.72 15.79
CA ILE A 314 -12.40 37.81 16.90
C ILE A 314 -12.10 38.48 18.23
N ALA A 315 -11.04 39.30 18.28
CA ALA A 315 -10.68 39.99 19.51
C ALA A 315 -11.54 41.23 19.72
N GLU A 316 -11.67 42.06 18.68
CA GLU A 316 -12.38 43.33 18.83
C GLU A 316 -13.86 43.13 19.10
N GLU A 317 -14.47 42.09 18.53
CA GLU A 317 -15.89 41.83 18.71
C GLU A 317 -16.18 40.80 19.79
N GLN A 318 -15.15 40.25 20.43
CA GLN A 318 -15.30 39.27 21.52
C GLN A 318 -16.18 38.11 21.08
N LEU A 319 -15.78 37.47 19.98
CA LEU A 319 -16.61 36.45 19.36
C LEU A 319 -16.54 35.11 20.09
N CYS A 320 -15.54 34.89 20.93
CA CYS A 320 -15.47 33.67 21.71
C CYS A 320 -16.64 33.59 22.70
N GLN A 321 -16.87 34.68 23.44
CA GLN A 321 -18.00 34.70 24.36
C GLN A 321 -19.32 34.79 23.62
N ARG A 322 -19.36 35.55 22.52
CA ARG A 322 -20.58 35.63 21.74
C ARG A 322 -20.98 34.25 21.20
N ALA A 323 -19.99 33.45 20.80
CA ALA A 323 -20.27 32.07 20.43
C ALA A 323 -20.84 31.29 21.61
N GLU A 324 -20.31 31.53 22.81
CA GLU A 324 -20.86 30.89 24.00
C GLU A 324 -22.26 31.37 24.30
N GLN A 325 -22.52 32.67 24.06
CA GLN A 325 -23.84 33.22 24.34
C GLN A 325 -24.87 32.73 23.32
N LEU A 326 -24.50 32.76 22.03
CA LEU A 326 -25.42 32.30 21.00
C LEU A 326 -25.70 30.81 21.14
N GLY A 327 -24.69 30.03 21.50
CA GLY A 327 -24.88 28.59 21.64
C GLY A 327 -25.72 28.22 22.84
N SER A 328 -25.64 28.98 23.92
CA SER A 328 -26.47 28.71 25.09
C SER A 328 -27.93 29.02 24.81
N HIS A 329 -28.21 30.15 24.15
CA HIS A 329 -29.57 30.48 23.77
C HIS A 329 -30.15 29.43 22.82
N LEU A 330 -29.30 28.92 21.93
CA LEU A 330 -29.76 27.89 21.00
C LEU A 330 -30.11 26.59 21.73
N GLN A 331 -29.26 26.16 22.66
CA GLN A 331 -29.54 24.95 23.42
C GLN A 331 -30.80 25.11 24.27
N GLU A 332 -31.06 26.31 24.76
CA GLU A 332 -32.30 26.56 25.51
C GLU A 332 -33.52 26.35 24.63
N VAL A 333 -33.47 26.86 23.39
CA VAL A 333 -34.58 26.68 22.46
C VAL A 333 -34.73 25.20 22.10
N LEU A 334 -33.61 24.54 21.81
CA LEU A 334 -33.67 23.13 21.41
C LEU A 334 -34.17 22.25 22.55
N ASN A 335 -33.75 22.54 23.78
CA ASN A 335 -34.20 21.74 24.92
C ASN A 335 -35.67 22.01 25.24
N GLN A 336 -36.13 23.25 25.04
CA GLN A 336 -37.55 23.52 25.17
C GLN A 336 -38.34 22.87 24.05
N ALA A 337 -37.74 22.75 22.86
CA ALA A 337 -38.41 22.11 21.73
C ALA A 337 -38.50 20.60 21.90
N ARG A 338 -37.71 20.01 22.81
CA ARG A 338 -37.65 18.56 22.93
C ARG A 338 -38.99 17.98 23.38
N ALA A 339 -39.81 18.76 24.08
CA ALA A 339 -41.06 18.24 24.60
C ALA A 339 -42.05 17.95 23.48
N THR A 340 -42.38 18.96 22.68
CA THR A 340 -43.27 18.79 21.54
C THR A 340 -42.53 18.30 20.30
N CYS A 341 -41.40 17.63 20.48
CA CYS A 341 -40.65 17.02 19.37
C CYS A 341 -40.00 15.74 19.89
N PRO A 342 -40.77 14.64 19.91
CA PRO A 342 -40.22 13.39 20.46
C PRO A 342 -39.03 12.84 19.69
N ALA A 343 -38.78 13.32 18.47
CA ALA A 343 -37.66 12.80 17.70
C ALA A 343 -36.31 13.24 18.24
N ILE A 344 -36.26 14.35 19.00
CA ILE A 344 -35.00 14.85 19.50
C ILE A 344 -34.48 13.90 20.58
N VAL A 345 -33.37 13.23 20.29
CA VAL A 345 -32.78 12.29 21.24
C VAL A 345 -31.60 12.91 22.01
N ASP A 346 -31.01 13.98 21.51
CA ASP A 346 -29.85 14.56 22.17
C ASP A 346 -29.64 16.00 21.71
N VAL A 347 -29.02 16.78 22.57
CA VAL A 347 -28.58 18.14 22.27
C VAL A 347 -27.12 18.23 22.69
N ARG A 348 -26.21 18.26 21.72
CA ARG A 348 -24.78 18.22 21.96
C ARG A 348 -24.15 19.58 21.64
N GLY A 349 -22.84 19.66 21.84
CA GLY A 349 -22.06 20.78 21.35
C GLY A 349 -21.32 21.51 22.46
N ARG A 350 -20.46 22.43 22.01
CA ARG A 350 -19.70 23.31 22.88
C ARG A 350 -19.64 24.69 22.24
N GLY A 351 -20.01 25.71 22.99
CA GLY A 351 -20.02 27.05 22.43
C GLY A 351 -21.06 27.18 21.35
N SER A 352 -20.66 27.73 20.20
CA SER A 352 -21.53 27.83 19.03
C SER A 352 -21.29 26.69 18.04
N MET A 353 -20.88 25.52 18.53
CA MET A 353 -20.81 24.31 17.71
C MET A 353 -21.80 23.30 18.27
N VAL A 354 -23.08 23.66 18.24
CA VAL A 354 -24.15 22.87 18.84
C VAL A 354 -24.88 22.10 17.75
N ALA A 355 -25.32 20.89 18.08
CA ALA A 355 -26.07 20.07 17.15
C ALA A 355 -27.20 19.36 17.89
N VAL A 356 -28.15 18.85 17.12
CA VAL A 356 -29.29 18.09 17.64
C VAL A 356 -29.43 16.82 16.83
N GLU A 357 -29.65 15.70 17.52
CA GLU A 357 -29.79 14.40 16.88
C GLU A 357 -31.24 13.95 16.93
N PHE A 358 -31.72 13.37 15.83
CA PHE A 358 -33.10 12.95 15.70
C PHE A 358 -33.18 11.43 15.62
N ASN A 359 -34.20 10.87 16.27
CA ASN A 359 -34.44 9.43 16.25
C ASN A 359 -35.91 9.16 16.00
N ASP A 360 -36.18 8.15 15.19
CA ASP A 360 -37.53 7.65 14.99
C ASP A 360 -38.06 7.10 16.32
N PRO A 361 -39.18 7.64 16.83
CA PRO A 361 -39.57 7.31 18.22
C PRO A 361 -39.84 5.83 18.51
N GLN A 362 -40.16 5.01 17.52
CA GLN A 362 -40.54 3.62 17.80
C GLN A 362 -39.34 2.81 18.26
N THR A 363 -38.24 2.88 17.53
CA THR A 363 -36.98 2.29 17.95
C THR A 363 -35.98 3.43 17.89
N GLY A 364 -34.94 3.36 18.72
CA GLY A 364 -33.89 4.36 18.72
C GLY A 364 -33.09 4.26 17.44
N GLU A 365 -33.74 4.57 16.32
CA GLU A 365 -33.18 4.49 14.98
C GLU A 365 -33.10 5.89 14.37
N PRO A 366 -32.00 6.21 13.70
CA PRO A 366 -31.89 7.52 13.05
C PRO A 366 -33.00 7.73 12.04
N SER A 367 -33.35 8.99 11.83
CA SER A 367 -34.44 9.37 10.93
C SER A 367 -34.01 10.54 10.05
N PRO A 368 -33.06 10.32 9.13
CA PRO A 368 -32.66 11.40 8.22
C PRO A 368 -33.83 12.03 7.48
N GLU A 369 -34.89 11.26 7.21
CA GLU A 369 -36.09 11.84 6.61
C GLU A 369 -36.66 12.94 7.50
N PHE A 370 -36.82 12.65 8.80
CA PHE A 370 -37.24 13.69 9.72
C PHE A 370 -36.22 14.81 9.78
N THR A 371 -34.93 14.46 9.75
CA THR A 371 -33.89 15.48 9.69
C THR A 371 -34.02 16.31 8.42
N ARG A 372 -34.18 15.65 7.27
CA ARG A 372 -34.39 16.37 6.03
C ARG A 372 -35.68 17.17 6.07
N LEU A 373 -36.70 16.65 6.74
CA LEU A 373 -37.97 17.38 6.87
C LEU A 373 -37.76 18.69 7.62
N VAL A 374 -36.98 18.67 8.70
CA VAL A 374 -36.65 19.90 9.41
C VAL A 374 -35.85 20.83 8.51
N GLN A 375 -34.89 20.27 7.76
CA GLN A 375 -34.10 21.08 6.85
C GLN A 375 -34.97 21.75 5.79
N GLN A 376 -35.83 20.96 5.14
CA GLN A 376 -36.67 21.49 4.08
C GLN A 376 -37.72 22.46 4.62
N LYS A 377 -38.23 22.21 5.83
CA LYS A 377 -39.21 23.12 6.40
C LYS A 377 -38.57 24.44 6.80
N ALA A 378 -37.34 24.39 7.33
CA ALA A 378 -36.64 25.63 7.68
C ALA A 378 -36.27 26.41 6.44
N GLN A 379 -35.92 25.72 5.35
CA GLN A 379 -35.57 26.41 4.10
C GLN A 379 -36.77 27.14 3.52
N GLU A 380 -37.96 26.55 3.65
CA GLU A 380 -39.17 27.22 3.17
C GLU A 380 -39.46 28.48 3.97
N ASN A 381 -39.03 28.53 5.23
CA ASN A 381 -39.22 29.69 6.08
C ASN A 381 -38.00 30.61 6.11
N GLY A 382 -37.01 30.34 5.26
CA GLY A 382 -35.87 31.23 5.14
C GLY A 382 -34.71 30.93 6.04
N LEU A 383 -34.52 29.67 6.45
CA LEU A 383 -33.42 29.28 7.31
C LEU A 383 -32.69 28.10 6.68
N LEU A 384 -31.38 28.24 6.49
CA LEU A 384 -30.56 27.23 5.85
C LEU A 384 -29.85 26.42 6.92
N LEU A 385 -30.23 25.16 7.05
CA LEU A 385 -29.66 24.25 8.05
C LEU A 385 -28.92 23.12 7.36
N LEU A 386 -27.80 22.71 7.95
CA LEU A 386 -27.00 21.60 7.45
C LEU A 386 -27.21 20.37 8.33
N SER A 387 -26.97 19.21 7.74
CA SER A 387 -27.01 17.94 8.46
C SER A 387 -25.61 17.34 8.54
N CYS A 388 -25.39 16.55 9.59
CA CYS A 388 -24.13 15.82 9.76
C CYS A 388 -24.41 14.44 10.34
N GLY A 389 -23.43 13.88 11.02
CA GLY A 389 -23.66 12.59 11.67
C GLY A 389 -23.38 11.42 10.77
N VAL A 390 -23.04 10.29 11.40
CA VAL A 390 -22.76 9.07 10.66
C VAL A 390 -24.01 8.57 9.93
N TYR A 391 -25.19 8.85 10.48
CA TYR A 391 -26.44 8.40 9.90
C TYR A 391 -27.28 9.53 9.35
N GLY A 392 -26.73 10.74 9.22
CA GLY A 392 -27.47 11.85 8.68
C GLY A 392 -28.67 12.25 9.50
N ASN A 393 -28.71 11.88 10.78
CA ASN A 393 -29.83 12.21 11.66
C ASN A 393 -29.50 13.35 12.62
N VAL A 394 -28.44 14.10 12.34
CA VAL A 394 -27.99 15.20 13.18
C VAL A 394 -28.04 16.49 12.37
N ILE A 395 -28.65 17.52 12.94
CA ILE A 395 -28.60 18.87 12.38
C ILE A 395 -27.58 19.67 13.17
N ARG A 396 -26.60 20.22 12.47
CA ARG A 396 -25.60 21.09 13.07
C ARG A 396 -25.96 22.55 12.81
N PHE A 397 -25.53 23.42 13.72
CA PHE A 397 -25.87 24.83 13.66
C PHE A 397 -24.58 25.63 13.50
N LEU A 398 -24.35 26.16 12.30
CA LEU A 398 -23.12 26.86 12.00
C LEU A 398 -23.40 28.29 11.53
N TYR A 399 -24.17 29.03 12.31
CA TYR A 399 -24.39 30.43 12.04
C TYR A 399 -23.07 31.20 12.22
N PRO A 400 -22.88 32.29 11.47
CA PRO A 400 -21.75 33.18 11.77
C PRO A 400 -21.88 33.74 13.18
N LEU A 401 -20.76 33.74 13.90
CA LEU A 401 -20.77 34.30 15.26
C LEU A 401 -21.10 35.78 15.27
N THR A 402 -21.02 36.45 14.12
CA THR A 402 -21.34 37.86 13.99
C THR A 402 -22.79 38.11 13.62
N ILE A 403 -23.63 37.08 13.69
CA ILE A 403 -25.03 37.24 13.26
C ILE A 403 -25.73 38.27 14.13
N PRO A 404 -26.47 39.22 13.57
CA PRO A 404 -27.21 40.17 14.42
C PRO A 404 -28.23 39.43 15.28
N ASP A 405 -28.37 39.90 16.53
CA ASP A 405 -29.18 39.17 17.49
C ASP A 405 -30.66 39.16 17.11
N ALA A 406 -31.13 40.20 16.41
CA ALA A 406 -32.50 40.17 15.92
C ALA A 406 -32.69 39.07 14.88
N GLN A 407 -31.72 38.92 13.97
CA GLN A 407 -31.78 37.83 13.00
C GLN A 407 -31.57 36.48 13.65
N PHE A 408 -30.79 36.43 14.73
CA PHE A 408 -30.62 35.18 15.45
C PHE A 408 -31.89 34.77 16.18
N SER A 409 -32.59 35.74 16.77
CA SER A 409 -33.80 35.44 17.53
C SER A 409 -34.92 34.94 16.62
N LYS A 410 -34.94 35.50 15.42
CA LYS A 410 -35.83 35.17 14.35
C LYS A 410 -35.59 33.81 13.79
N ALA A 411 -34.36 33.48 13.65
CA ALA A 411 -33.92 32.15 13.22
C ALA A 411 -34.31 31.10 14.27
N LEU A 412 -34.21 31.46 15.55
CA LEU A 412 -34.67 30.57 16.60
C LEU A 412 -36.19 30.44 16.61
N ASP A 413 -36.90 31.50 16.23
CA ASP A 413 -38.36 31.41 16.11
C ASP A 413 -38.75 30.43 15.03
N ILE A 414 -38.11 30.52 13.86
CA ILE A 414 -38.34 29.55 12.79
C ILE A 414 -37.97 28.15 13.27
N LEU A 415 -36.80 28.02 13.88
CA LEU A 415 -36.32 26.71 14.34
C LEU A 415 -37.31 26.07 15.30
N ALA A 416 -37.86 26.85 16.24
CA ALA A 416 -38.88 26.31 17.13
C ALA A 416 -40.08 25.80 16.34
N ARG A 417 -40.56 26.61 15.39
CA ARG A 417 -41.82 26.31 14.72
C ARG A 417 -41.68 25.09 13.79
N VAL A 418 -40.57 24.97 13.07
CA VAL A 418 -40.36 23.82 12.21
C VAL A 418 -40.09 22.54 12.98
N LEU A 419 -39.96 22.63 14.31
CA LEU A 419 -39.78 21.46 15.15
C LEU A 419 -41.06 21.01 15.83
N LYS A 420 -42.06 21.87 15.95
CA LYS A 420 -43.32 21.49 16.59
C LYS A 420 -44.22 20.71 15.65
N SER A 421 -44.21 21.03 14.36
CA SER A 421 -45.12 20.41 13.40
C SER A 421 -44.97 18.89 13.41
N MET B 1 10.59 45.34 9.56
CA MET B 1 10.75 46.60 8.84
C MET B 1 11.73 46.45 7.69
N LYS B 2 12.90 45.89 7.97
CA LYS B 2 13.94 45.68 6.98
C LYS B 2 14.08 44.20 6.67
N SER B 3 14.87 43.90 5.64
CA SER B 3 14.83 42.57 5.03
C SER B 3 15.45 41.50 5.93
N SER B 4 16.67 41.74 6.43
CA SER B 4 17.31 40.72 7.27
C SER B 4 16.54 40.51 8.56
N GLU B 5 15.98 41.58 9.13
CA GLU B 5 15.05 41.42 10.25
C GLU B 5 13.90 40.51 9.87
N LEU B 6 13.33 40.71 8.69
CA LEU B 6 12.24 39.87 8.22
C LEU B 6 12.73 38.45 7.96
N ASN B 7 13.94 38.30 7.43
CA ASN B 7 14.47 36.96 7.16
C ASN B 7 14.66 36.17 8.45
N GLN B 8 15.15 36.84 9.51
CA GLN B 8 15.30 36.15 10.79
C GLN B 8 13.95 35.84 11.41
N ARG B 9 13.02 36.80 11.36
CA ARG B 9 11.67 36.54 11.85
C ARG B 9 11.02 35.40 11.08
N ARG B 10 11.34 35.28 9.78
CA ARG B 10 10.80 34.21 8.97
C ARG B 10 11.31 32.85 9.43
N GLN B 11 12.62 32.74 9.64
CA GLN B 11 13.22 31.47 10.02
C GLN B 11 12.83 31.04 11.44
N GLN B 12 12.49 31.99 12.30
CA GLN B 12 12.10 31.65 13.67
C GLN B 12 10.60 31.38 13.81
N ALA B 13 9.79 31.84 12.86
CA ALA B 13 8.35 31.65 12.94
C ALA B 13 7.83 30.56 12.00
N THR B 14 8.55 30.26 10.92
CA THR B 14 8.11 29.27 9.95
C THR B 14 9.09 28.11 9.88
N PRO B 15 8.62 26.92 9.53
CA PRO B 15 9.52 25.76 9.48
C PRO B 15 10.45 25.82 8.28
N ARG B 16 11.60 25.17 8.43
CA ARG B 16 12.60 25.15 7.36
C ARG B 16 12.11 24.40 6.14
N GLY B 17 11.11 23.53 6.28
CA GLY B 17 10.61 22.77 5.15
C GLY B 17 10.06 23.65 4.05
N VAL B 18 9.56 24.83 4.39
CA VAL B 18 9.11 25.81 3.40
C VAL B 18 10.35 26.61 3.01
N GLY B 19 11.01 26.17 1.95
CA GLY B 19 12.16 26.90 1.45
C GLY B 19 11.77 28.22 0.80
N VAL B 20 12.71 29.16 0.81
CA VAL B 20 12.52 30.46 0.18
C VAL B 20 13.72 30.72 -0.73
N MET B 21 13.45 31.17 -1.96
CA MET B 21 14.52 31.32 -2.94
C MET B 21 15.27 32.64 -2.77
N CYS B 22 14.54 33.76 -2.78
CA CYS B 22 15.16 35.07 -2.93
C CYS B 22 15.44 35.72 -1.59
N ASN B 23 16.38 36.68 -1.62
CA ASN B 23 16.75 37.42 -0.41
C ASN B 23 15.63 38.32 0.07
N TYR B 24 14.89 38.91 -0.88
CA TYR B 24 14.03 40.05 -0.61
C TYR B 24 12.58 39.64 -0.45
N PHE B 25 11.78 40.56 0.08
CA PHE B 25 10.35 40.39 0.25
C PHE B 25 9.61 41.34 -0.67
N VAL B 26 8.50 40.89 -1.25
CA VAL B 26 7.75 41.69 -2.21
C VAL B 26 6.91 42.70 -1.46
N GLU B 27 6.82 43.92 -2.00
CA GLU B 27 5.91 44.95 -1.50
C GLU B 27 4.81 45.30 -2.49
N LYS B 28 5.09 45.26 -3.79
CA LYS B 28 4.09 45.57 -4.80
C LYS B 28 4.50 44.89 -6.10
N ALA B 29 3.52 44.34 -6.82
CA ALA B 29 3.75 43.65 -8.07
C ALA B 29 2.73 44.13 -9.10
N GLU B 30 3.20 44.29 -10.34
CA GLU B 30 2.33 44.68 -11.44
C GLU B 30 2.92 44.17 -12.74
N ASN B 31 2.11 43.45 -13.52
CA ASN B 31 2.52 42.87 -14.79
C ASN B 31 3.73 41.95 -14.60
N ALA B 32 4.89 42.37 -15.09
CA ALA B 32 6.13 41.61 -14.94
C ALA B 32 7.15 42.34 -14.08
N THR B 33 6.70 43.27 -13.24
CA THR B 33 7.58 44.06 -12.39
C THR B 33 7.29 43.76 -10.92
N LEU B 34 8.35 43.59 -10.14
CA LEU B 34 8.26 43.38 -8.70
C LEU B 34 9.05 44.47 -7.99
N TRP B 35 8.44 45.08 -6.98
CA TRP B 35 9.12 46.02 -6.10
C TRP B 35 9.28 45.36 -4.73
N ASP B 36 10.53 45.21 -4.28
CA ASP B 36 10.75 44.68 -2.95
C ASP B 36 10.47 45.75 -1.90
N ILE B 37 10.55 45.37 -0.63
CA ILE B 37 10.24 46.30 0.45
C ILE B 37 11.30 47.38 0.61
N GLU B 38 12.38 47.34 -0.16
CA GLU B 38 13.41 48.35 -0.12
C GLU B 38 13.45 49.23 -1.36
N GLY B 39 12.54 49.00 -2.32
CA GLY B 39 12.45 49.82 -3.51
C GLY B 39 13.14 49.28 -4.74
N ASN B 40 13.77 48.12 -4.66
CA ASN B 40 14.46 47.55 -5.82
C ASN B 40 13.45 46.94 -6.78
N GLU B 41 13.55 47.34 -8.05
CA GLU B 41 12.64 46.87 -9.09
C GLU B 41 13.23 45.64 -9.77
N VAL B 42 12.40 44.60 -9.92
CA VAL B 42 12.85 43.31 -10.44
C VAL B 42 11.99 42.92 -11.63
N ILE B 43 12.63 42.41 -12.68
CA ILE B 43 11.93 41.87 -13.84
C ILE B 43 11.59 40.41 -13.55
N ASP B 44 10.30 40.09 -13.55
CA ASP B 44 9.84 38.75 -13.18
C ASP B 44 9.83 37.86 -14.41
N PHE B 45 10.76 36.92 -14.47
CA PHE B 45 10.73 35.82 -15.43
C PHE B 45 10.27 34.52 -14.79
N ALA B 46 9.49 34.62 -13.71
CA ALA B 46 8.92 33.48 -13.01
C ALA B 46 7.41 33.52 -12.93
N ALA B 47 6.83 34.71 -12.75
CA ALA B 47 5.37 34.91 -12.74
C ALA B 47 4.69 33.99 -11.74
N GLY B 48 5.24 33.94 -10.52
CA GLY B 48 4.70 33.07 -9.49
C GLY B 48 4.69 31.61 -9.89
N ILE B 49 5.70 31.17 -10.65
CA ILE B 49 5.77 29.82 -11.22
C ILE B 49 4.61 29.62 -12.19
N ALA B 50 4.65 30.34 -13.32
CA ALA B 50 3.71 30.17 -14.42
C ALA B 50 2.26 30.39 -14.00
N VAL B 51 2.03 31.28 -13.04
CA VAL B 51 0.71 31.53 -12.51
C VAL B 51 0.13 32.79 -13.13
N LEU B 52 1.00 33.76 -13.42
CA LEU B 52 0.53 35.03 -13.95
C LEU B 52 0.89 35.20 -15.41
N ASN B 53 0.35 34.33 -16.27
CA ASN B 53 0.51 34.53 -17.71
C ASN B 53 -0.08 35.86 -18.14
N THR B 54 -1.15 36.31 -17.47
CA THR B 54 -1.76 37.61 -17.73
C THR B 54 -1.14 38.72 -16.90
N GLY B 55 -0.06 38.44 -16.19
CA GLY B 55 0.67 39.45 -15.46
C GLY B 55 0.14 39.67 -14.05
N HIS B 56 0.95 40.25 -13.20
CA HIS B 56 0.52 40.50 -11.87
C HIS B 56 -0.48 41.57 -11.86
N ARG B 57 -1.57 41.35 -11.17
CA ARG B 57 -2.64 42.32 -10.94
C ARG B 57 -3.10 42.97 -12.24
N HIS B 58 -3.47 42.14 -13.20
CA HIS B 58 -3.99 42.66 -14.45
C HIS B 58 -5.25 43.48 -14.17
N PRO B 59 -5.39 44.66 -14.77
CA PRO B 59 -6.53 45.54 -14.43
C PRO B 59 -7.88 44.86 -14.59
N LYS B 60 -8.09 44.13 -15.68
CA LYS B 60 -9.38 43.48 -15.90
C LYS B 60 -9.63 42.38 -14.88
N VAL B 61 -8.59 41.62 -14.52
CA VAL B 61 -8.73 40.59 -13.51
C VAL B 61 -9.00 41.22 -12.14
N VAL B 62 -8.28 42.30 -11.83
CA VAL B 62 -8.49 42.99 -10.55
C VAL B 62 -9.89 43.62 -10.52
N ALA B 63 -10.32 44.22 -11.64
CA ALA B 63 -11.65 44.80 -11.69
C ALA B 63 -12.73 43.74 -11.54
N ALA B 64 -12.50 42.55 -12.08
CA ALA B 64 -13.46 41.46 -11.92
C ALA B 64 -13.48 40.98 -10.47
N VAL B 65 -12.31 40.91 -9.83
CA VAL B 65 -12.26 40.45 -8.45
C VAL B 65 -12.85 41.48 -7.50
N ALA B 66 -12.53 42.76 -7.72
CA ALA B 66 -13.10 43.82 -6.88
C ALA B 66 -14.62 43.86 -7.00
N ASP B 67 -15.16 43.52 -8.16
CA ASP B 67 -16.60 43.47 -8.33
C ASP B 67 -17.21 42.31 -7.54
N GLN B 68 -16.61 41.12 -7.66
CA GLN B 68 -17.09 39.97 -6.90
C GLN B 68 -16.92 40.19 -5.40
N LEU B 69 -15.96 41.03 -5.00
CA LEU B 69 -15.76 41.32 -3.59
C LEU B 69 -16.98 41.98 -2.96
N GLN B 70 -17.77 42.69 -3.76
CA GLN B 70 -18.97 43.38 -3.28
C GLN B 70 -20.22 42.51 -3.37
N ALA B 71 -20.08 41.24 -3.75
CA ALA B 71 -21.20 40.32 -3.84
C ALA B 71 -21.10 39.21 -2.81
N PHE B 72 -20.10 38.35 -2.92
CA PHE B 72 -19.81 37.31 -1.95
C PHE B 72 -18.45 36.71 -2.26
N THR B 73 -17.74 36.29 -1.22
CA THR B 73 -16.42 35.70 -1.38
C THR B 73 -16.41 34.19 -1.27
N HIS B 74 -17.37 33.61 -0.58
CA HIS B 74 -17.49 32.17 -0.45
C HIS B 74 -18.85 31.75 0.02
N THR B 75 -19.42 30.72 -0.54
CA THR B 75 -20.67 30.12 -0.07
C THR B 75 -20.60 28.60 0.05
N ALA B 76 -19.46 27.99 -0.27
CA ALA B 76 -19.33 26.55 -0.44
C ALA B 76 -20.25 26.08 -1.56
N TYR B 77 -19.68 25.86 -2.75
CA TYR B 77 -20.49 25.54 -3.93
C TYR B 77 -21.35 24.30 -3.71
N GLN B 78 -20.84 23.32 -2.96
CA GLN B 78 -21.62 22.12 -2.67
C GLN B 78 -22.84 22.40 -1.80
N ILE B 79 -22.96 23.60 -1.24
CA ILE B 79 -24.12 23.99 -0.45
C ILE B 79 -24.98 25.00 -1.21
N VAL B 80 -24.40 26.11 -1.63
CA VAL B 80 -25.11 27.09 -2.45
C VAL B 80 -24.30 27.37 -3.71
N PRO B 81 -24.78 26.99 -4.88
CA PRO B 81 -24.06 27.25 -6.13
C PRO B 81 -24.22 28.71 -6.55
N TYR B 82 -23.49 29.07 -7.61
CA TYR B 82 -23.58 30.41 -8.16
C TYR B 82 -23.33 30.34 -9.67
N GLU B 83 -23.86 31.35 -10.37
CA GLU B 83 -23.85 31.33 -11.83
C GLU B 83 -22.43 31.35 -12.39
N SER B 84 -21.52 32.10 -11.74
CA SER B 84 -20.17 32.25 -12.27
C SER B 84 -19.45 30.91 -12.37
N TYR B 85 -19.72 30.00 -11.43
CA TYR B 85 -19.17 28.64 -11.52
C TYR B 85 -19.62 27.94 -12.80
N VAL B 86 -20.93 28.01 -13.07
CA VAL B 86 -21.47 27.29 -14.22
C VAL B 86 -20.97 27.88 -15.53
N SER B 87 -20.93 29.22 -15.62
CA SER B 87 -20.50 29.86 -16.86
C SER B 87 -19.04 29.58 -17.17
N LEU B 88 -18.18 29.59 -16.14
CA LEU B 88 -16.77 29.26 -16.35
C LEU B 88 -16.61 27.81 -16.79
N ALA B 89 -17.37 26.90 -16.18
CA ALA B 89 -17.36 25.51 -16.61
C ALA B 89 -17.78 25.39 -18.07
N GLU B 90 -18.82 26.13 -18.47
CA GLU B 90 -19.27 26.10 -19.86
C GLU B 90 -18.18 26.62 -20.80
N ARG B 91 -17.53 27.73 -20.42
CA ARG B 91 -16.46 28.28 -21.26
C ARG B 91 -15.31 27.29 -21.40
N ILE B 92 -14.96 26.60 -20.32
CA ILE B 92 -13.88 25.60 -20.39
C ILE B 92 -14.31 24.43 -21.26
N ASN B 93 -15.58 24.01 -21.15
CA ASN B 93 -16.07 22.88 -21.94
C ASN B 93 -15.94 23.13 -23.43
N ASP B 94 -16.11 24.38 -23.87
CA ASP B 94 -15.99 24.71 -25.29
C ASP B 94 -14.54 24.76 -25.74
N LEU B 95 -13.66 25.33 -24.92
CA LEU B 95 -12.26 25.54 -25.29
C LEU B 95 -11.38 24.34 -25.02
N ALA B 96 -11.85 23.36 -24.25
CA ALA B 96 -10.98 22.25 -23.87
C ALA B 96 -10.79 21.29 -25.04
N PRO B 97 -9.59 20.76 -25.24
CA PRO B 97 -9.39 19.73 -26.27
C PRO B 97 -9.92 18.39 -25.83
N ILE B 98 -11.24 18.23 -25.84
CA ILE B 98 -11.91 17.02 -25.39
C ILE B 98 -12.78 16.49 -26.53
N ASP B 99 -12.62 15.21 -26.83
CA ASP B 99 -13.39 14.57 -27.90
C ASP B 99 -14.82 14.35 -27.42
N GLY B 100 -15.76 15.10 -27.98
CA GLY B 100 -17.15 14.97 -27.63
C GLY B 100 -17.57 15.94 -26.54
N PRO B 101 -18.74 15.70 -25.95
CA PRO B 101 -19.22 16.58 -24.88
C PRO B 101 -18.27 16.56 -23.69
N ALA B 102 -18.11 17.72 -23.06
CA ALA B 102 -17.20 17.88 -21.94
C ALA B 102 -17.94 18.43 -20.72
N LYS B 103 -17.42 18.10 -19.54
CA LYS B 103 -17.88 18.64 -18.28
C LYS B 103 -16.67 19.09 -17.47
N THR B 104 -16.90 20.07 -16.60
CA THR B 104 -15.80 20.65 -15.82
C THR B 104 -16.22 20.74 -14.35
N ALA B 105 -15.31 20.33 -13.47
CA ALA B 105 -15.43 20.54 -12.04
C ALA B 105 -14.28 21.42 -11.57
N PHE B 106 -14.57 22.33 -10.64
CA PHE B 106 -13.58 23.29 -10.17
C PHE B 106 -13.17 22.98 -8.73
N PHE B 107 -11.88 23.10 -8.46
CA PHE B 107 -11.34 22.89 -7.13
C PHE B 107 -10.45 24.09 -6.82
N THR B 108 -9.50 23.92 -5.91
CA THR B 108 -8.70 25.04 -5.43
C THR B 108 -7.24 24.98 -5.89
N THR B 109 -6.56 23.86 -5.68
CA THR B 109 -5.13 23.78 -5.96
C THR B 109 -4.87 22.76 -7.07
N GLY B 110 -3.73 22.94 -7.74
CA GLY B 110 -3.37 22.04 -8.83
C GLY B 110 -3.20 20.61 -8.36
N ALA B 111 -2.68 20.42 -7.15
CA ALA B 111 -2.61 19.08 -6.58
C ALA B 111 -4.01 18.51 -6.37
N GLU B 112 -4.95 19.35 -5.93
CA GLU B 112 -6.34 18.91 -5.83
C GLU B 112 -6.91 18.58 -7.20
N ALA B 113 -6.51 19.34 -8.22
CA ALA B 113 -6.96 19.04 -9.58
C ALA B 113 -6.50 17.66 -10.03
N VAL B 114 -5.20 17.40 -9.88
CA VAL B 114 -4.66 16.08 -10.22
C VAL B 114 -5.33 15.01 -9.35
N GLU B 115 -5.52 15.32 -8.07
CA GLU B 115 -6.15 14.36 -7.16
C GLU B 115 -7.53 13.96 -7.65
N ASN B 116 -8.34 14.93 -8.06
CA ASN B 116 -9.70 14.62 -8.51
C ASN B 116 -9.69 13.95 -9.89
N ALA B 117 -8.70 14.26 -10.73
CA ALA B 117 -8.54 13.52 -11.97
C ALA B 117 -8.26 12.05 -11.68
N VAL B 118 -7.41 11.77 -10.70
CA VAL B 118 -7.15 10.39 -10.30
C VAL B 118 -8.42 9.75 -9.76
N LYS B 119 -9.14 10.48 -8.89
CA LYS B 119 -10.38 9.96 -8.33
C LYS B 119 -11.42 9.68 -9.41
N ILE B 120 -11.55 10.59 -10.38
CA ILE B 120 -12.48 10.36 -11.48
C ILE B 120 -12.06 9.16 -12.30
N ALA B 121 -10.75 9.04 -12.57
CA ALA B 121 -10.26 7.92 -13.36
C ALA B 121 -10.51 6.58 -12.66
N ARG B 122 -10.31 6.55 -11.35
CA ARG B 122 -10.54 5.30 -10.60
C ARG B 122 -12.02 4.95 -10.55
N ALA B 123 -12.89 5.96 -10.45
CA ALA B 123 -14.32 5.69 -10.38
C ALA B 123 -14.86 5.16 -11.70
N TYR B 124 -14.32 5.65 -12.81
CA TYR B 124 -14.81 5.22 -14.13
C TYR B 124 -14.33 3.83 -14.47
N THR B 125 -13.04 3.57 -14.29
CA THR B 125 -12.44 2.30 -14.69
C THR B 125 -12.52 1.25 -13.59
N GLY B 126 -12.58 1.66 -12.32
CA GLY B 126 -12.55 0.70 -11.24
C GLY B 126 -11.22 0.02 -11.06
N ARG B 127 -10.13 0.63 -11.53
CA ARG B 127 -8.81 0.02 -11.49
C ARG B 127 -7.86 0.85 -10.63
N PRO B 128 -6.89 0.20 -9.97
CA PRO B 128 -6.00 0.93 -9.07
C PRO B 128 -4.83 1.62 -9.75
N GLY B 129 -4.42 1.17 -10.93
CA GLY B 129 -3.13 1.55 -11.46
C GLY B 129 -3.08 2.99 -11.95
N LEU B 130 -1.93 3.62 -11.73
CA LEU B 130 -1.62 4.94 -12.26
C LEU B 130 -0.15 4.95 -12.69
N ILE B 131 0.11 5.47 -13.88
CA ILE B 131 1.46 5.50 -14.42
C ILE B 131 1.82 6.93 -14.80
N THR B 132 2.91 7.43 -14.22
CA THR B 132 3.45 8.73 -14.61
C THR B 132 4.84 8.54 -15.21
N PHE B 133 5.63 9.61 -15.29
CA PHE B 133 6.95 9.55 -15.90
C PHE B 133 7.97 10.26 -15.03
N GLY B 134 9.21 9.78 -15.11
CA GLY B 134 10.28 10.41 -14.36
C GLY B 134 10.45 11.86 -14.76
N GLY B 135 10.67 12.72 -13.76
CA GLY B 135 10.72 14.15 -13.98
C GLY B 135 9.38 14.84 -13.97
N GLY B 136 8.29 14.09 -13.84
CA GLY B 136 6.98 14.70 -13.75
C GLY B 136 6.73 15.30 -12.37
N PHE B 137 5.97 16.40 -12.36
CA PHE B 137 5.52 17.01 -11.13
C PHE B 137 4.01 17.17 -11.19
N HIS B 138 3.31 16.72 -10.14
CA HIS B 138 1.86 16.75 -10.15
C HIS B 138 1.27 17.20 -8.82
N GLY B 139 2.08 17.67 -7.87
CA GLY B 139 1.61 18.12 -6.59
C GLY B 139 2.39 17.52 -5.44
N ARG B 140 2.15 18.06 -4.26
CA ARG B 140 2.89 17.67 -3.06
C ARG B 140 2.07 16.86 -2.07
N THR B 141 0.80 16.56 -2.37
CA THR B 141 0.03 15.69 -1.50
C THR B 141 0.53 14.25 -1.64
N PHE B 142 0.01 13.38 -0.77
CA PHE B 142 0.49 12.00 -0.71
C PHE B 142 0.42 11.32 -2.08
N MET B 143 -0.74 11.33 -2.70
CA MET B 143 -0.89 10.68 -4.01
C MET B 143 -0.12 11.43 -5.09
N THR B 144 -0.18 12.76 -5.09
CA THR B 144 0.52 13.52 -6.11
C THR B 144 2.02 13.48 -5.93
N MET B 145 2.51 13.30 -4.69
CA MET B 145 3.92 13.05 -4.49
C MET B 145 4.33 11.71 -5.10
N ALA B 146 3.49 10.68 -4.91
CA ALA B 146 3.76 9.40 -5.55
C ALA B 146 3.73 9.53 -7.07
N LEU B 147 2.84 10.37 -7.59
CA LEU B 147 2.78 10.59 -9.03
C LEU B 147 3.97 11.42 -9.51
N THR B 148 4.51 12.28 -8.66
CA THR B 148 5.67 13.09 -9.03
C THR B 148 6.89 12.19 -9.20
N GLY B 149 7.64 12.42 -10.27
CA GLY B 149 8.79 11.59 -10.60
C GLY B 149 10.12 12.21 -10.25
N LYS B 150 10.18 12.98 -9.16
CA LYS B 150 11.43 13.52 -8.64
C LYS B 150 11.44 13.31 -7.14
N VAL B 151 12.35 12.46 -6.65
CA VAL B 151 12.39 12.12 -5.24
C VAL B 151 12.89 13.29 -4.42
N ALA B 152 13.98 13.93 -4.87
CA ALA B 152 14.56 15.05 -4.15
C ALA B 152 14.04 16.35 -4.72
N PRO B 153 13.44 17.23 -3.91
CA PRO B 153 13.20 17.04 -2.48
C PRO B 153 11.74 16.76 -2.16
N TYR B 154 10.92 16.56 -3.19
CA TYR B 154 9.47 16.53 -3.01
C TYR B 154 9.00 15.34 -2.16
N LYS B 155 9.73 14.23 -2.19
CA LYS B 155 9.28 13.00 -1.56
C LYS B 155 10.20 12.50 -0.46
N ILE B 156 11.29 13.19 -0.16
CA ILE B 156 12.21 12.74 0.87
C ILE B 156 11.57 12.90 2.24
N GLY B 157 11.42 11.77 2.95
CA GLY B 157 10.95 11.79 4.33
C GLY B 157 9.45 11.68 4.51
N PHE B 158 8.69 11.47 3.44
CA PHE B 158 7.24 11.38 3.54
C PHE B 158 6.70 10.03 3.11
N GLY B 159 7.57 9.04 2.88
CA GLY B 159 7.14 7.71 2.55
C GLY B 159 6.58 6.98 3.76
N PRO B 160 6.16 5.72 3.56
CA PRO B 160 6.15 5.01 2.27
C PRO B 160 4.95 5.39 1.41
N PHE B 161 5.07 5.17 0.11
CA PHE B 161 4.09 5.64 -0.85
C PHE B 161 3.23 4.49 -1.35
N PRO B 162 2.04 4.76 -1.87
CA PRO B 162 1.10 3.69 -2.19
C PRO B 162 1.56 2.86 -3.38
N GLY B 163 0.99 1.65 -3.46
CA GLY B 163 1.23 0.76 -4.58
C GLY B 163 0.43 1.18 -5.81
N SER B 164 0.57 0.36 -6.86
CA SER B 164 -0.10 0.58 -8.14
C SER B 164 0.27 1.91 -8.77
N VAL B 165 1.37 2.53 -8.34
CA VAL B 165 1.87 3.77 -8.90
C VAL B 165 3.30 3.54 -9.34
N TYR B 166 3.56 3.74 -10.64
CA TYR B 166 4.88 3.50 -11.20
C TYR B 166 5.22 4.63 -12.16
N HIS B 167 6.48 4.70 -12.56
CA HIS B 167 6.99 5.78 -13.40
C HIS B 167 7.70 5.20 -14.61
N GLY B 168 7.27 5.64 -15.79
CA GLY B 168 7.99 5.36 -17.02
C GLY B 168 9.08 6.39 -17.27
N VAL B 169 9.62 6.36 -18.49
CA VAL B 169 10.69 7.27 -18.88
C VAL B 169 10.11 8.26 -19.88
N TYR B 170 10.16 9.54 -19.53
CA TYR B 170 9.70 10.60 -20.43
C TYR B 170 10.71 10.78 -21.55
N PRO B 171 10.27 10.86 -22.80
CA PRO B 171 11.23 10.95 -23.91
C PRO B 171 11.86 12.34 -24.00
N ASN B 172 13.18 12.37 -24.16
CA ASN B 172 13.87 13.58 -24.59
C ASN B 172 15.09 13.12 -25.40
N ALA B 173 14.93 13.10 -26.73
CA ALA B 173 16.02 12.68 -27.61
C ALA B 173 17.26 13.53 -27.45
N ALA B 174 17.17 14.65 -26.72
CA ALA B 174 18.34 15.43 -26.34
C ALA B 174 19.16 14.78 -25.24
N HIS B 175 18.72 13.63 -24.73
CA HIS B 175 19.46 12.89 -23.71
C HIS B 175 19.71 11.44 -24.10
N GLY B 176 19.32 11.02 -25.29
CA GLY B 176 19.43 9.63 -25.68
C GLY B 176 18.23 8.78 -25.37
N VAL B 177 17.09 9.39 -25.04
CA VAL B 177 15.86 8.67 -24.73
C VAL B 177 14.87 9.00 -25.85
N THR B 178 14.68 8.06 -26.77
CA THR B 178 13.75 8.27 -27.87
C THR B 178 12.33 7.95 -27.44
N THR B 179 11.38 8.22 -28.35
CA THR B 179 10.01 7.79 -28.14
C THR B 179 9.93 6.27 -28.00
N ALA B 180 10.70 5.55 -28.82
CA ALA B 180 10.77 4.10 -28.68
C ALA B 180 11.27 3.69 -27.31
N ASP B 181 12.27 4.40 -26.79
CA ASP B 181 12.74 4.14 -25.43
C ASP B 181 11.64 4.37 -24.41
N ALA B 182 10.87 5.46 -24.57
CA ALA B 182 9.79 5.77 -23.65
C ALA B 182 8.73 4.68 -23.66
N LEU B 183 8.33 4.24 -24.85
CA LEU B 183 7.33 3.18 -24.95
C LEU B 183 7.85 1.86 -24.41
N LYS B 184 9.17 1.63 -24.52
CA LYS B 184 9.76 0.41 -23.97
C LYS B 184 9.61 0.36 -22.46
N SER B 185 9.80 1.52 -21.80
CA SER B 185 9.63 1.57 -20.35
C SER B 185 8.19 1.27 -19.95
N LEU B 186 7.22 1.77 -20.73
CA LEU B 186 5.82 1.50 -20.43
C LEU B 186 5.50 0.02 -20.57
N GLU B 187 5.99 -0.61 -21.65
CA GLU B 187 5.76 -2.03 -21.82
C GLU B 187 6.49 -2.87 -20.77
N ARG B 188 7.60 -2.34 -20.24
CA ARG B 188 8.29 -3.03 -19.16
C ARG B 188 7.50 -2.96 -17.86
N ILE B 189 6.79 -1.84 -17.63
CA ILE B 189 5.89 -1.76 -16.48
C ILE B 189 4.75 -2.75 -16.64
N PHE B 190 4.22 -2.89 -17.85
CA PHE B 190 3.11 -3.79 -18.11
C PHE B 190 3.47 -5.25 -17.95
N LYS B 191 4.75 -5.59 -18.09
CA LYS B 191 5.21 -6.97 -18.01
C LYS B 191 5.90 -7.31 -16.70
N ALA B 192 6.07 -6.35 -15.81
CA ALA B 192 6.75 -6.59 -14.54
C ALA B 192 6.01 -6.03 -13.34
N ASP B 193 5.40 -4.86 -13.46
CA ASP B 193 4.81 -4.16 -12.33
C ASP B 193 3.30 -4.39 -12.22
N ILE B 194 2.55 -4.01 -13.25
CA ILE B 194 1.09 -4.05 -13.19
C ILE B 194 0.56 -4.38 -14.58
N ALA B 195 -0.51 -5.18 -14.61
CA ALA B 195 -1.13 -5.52 -15.87
C ALA B 195 -1.84 -4.30 -16.46
N PRO B 196 -1.82 -4.12 -17.78
CA PRO B 196 -2.47 -2.93 -18.37
C PRO B 196 -3.96 -2.87 -18.08
N ASP B 197 -4.63 -4.01 -17.96
CA ASP B 197 -6.03 -4.08 -17.58
C ASP B 197 -6.26 -3.74 -16.11
N GLN B 198 -5.23 -3.29 -15.40
CA GLN B 198 -5.36 -2.83 -14.02
C GLN B 198 -4.88 -1.39 -13.84
N VAL B 199 -4.55 -0.72 -14.93
CA VAL B 199 -4.12 0.69 -14.90
C VAL B 199 -5.32 1.55 -15.23
N ALA B 200 -5.62 2.51 -14.35
CA ALA B 200 -6.75 3.40 -14.57
C ALA B 200 -6.38 4.53 -15.54
N ALA B 201 -5.20 5.12 -15.38
CA ALA B 201 -4.85 6.28 -16.18
C ALA B 201 -3.34 6.40 -16.30
N ILE B 202 -2.91 6.99 -17.42
CA ILE B 202 -1.53 7.41 -17.63
C ILE B 202 -1.51 8.93 -17.60
N ILE B 203 -0.67 9.50 -16.73
CA ILE B 203 -0.66 10.93 -16.46
C ILE B 203 0.69 11.51 -16.87
N LEU B 204 0.65 12.58 -17.66
CA LEU B 204 1.88 13.24 -18.10
C LEU B 204 1.58 14.70 -18.40
N GLU B 205 2.63 15.51 -18.32
CA GLU B 205 2.54 16.90 -18.75
C GLU B 205 2.90 17.00 -20.23
N PRO B 206 2.14 17.75 -21.03
CA PRO B 206 2.55 17.95 -22.43
C PRO B 206 3.94 18.56 -22.56
N ILE B 207 4.33 19.40 -21.60
CA ILE B 207 5.69 19.86 -21.44
C ILE B 207 6.01 19.79 -19.95
N GLN B 208 6.95 18.94 -19.57
CA GLN B 208 7.29 18.75 -18.17
C GLN B 208 7.72 20.07 -17.55
N GLY B 209 7.03 20.48 -16.49
CA GLY B 209 7.31 21.74 -15.84
C GLY B 209 8.65 21.97 -15.17
N GLU B 210 8.84 21.37 -13.99
CA GLU B 210 10.15 21.34 -13.35
C GLU B 210 11.01 20.18 -13.84
N GLY B 211 10.50 19.35 -14.74
CA GLY B 211 11.29 18.30 -15.35
C GLY B 211 12.33 18.76 -16.35
N GLY B 212 12.37 20.05 -16.66
CA GLY B 212 13.36 20.59 -17.57
C GLY B 212 12.78 21.16 -18.84
N PHE B 213 11.46 21.38 -18.87
CA PHE B 213 10.75 21.87 -20.04
C PHE B 213 10.96 20.96 -21.24
N ASN B 214 10.85 19.65 -21.02
CA ASN B 214 10.97 18.67 -22.08
C ASN B 214 9.61 18.48 -22.75
N VAL B 215 9.57 18.69 -24.05
CA VAL B 215 8.32 18.62 -24.80
C VAL B 215 8.04 17.16 -25.18
N ALA B 216 6.79 16.75 -25.03
CA ALA B 216 6.37 15.42 -25.47
C ALA B 216 6.25 15.42 -26.99
N PRO B 217 6.95 14.52 -27.70
CA PRO B 217 6.78 14.46 -29.15
C PRO B 217 5.40 13.93 -29.52
N ALA B 218 4.91 14.38 -30.68
CA ALA B 218 3.67 13.82 -31.21
C ALA B 218 3.81 12.32 -31.45
N ASP B 219 5.00 11.87 -31.81
CA ASP B 219 5.38 10.46 -31.76
C ASP B 219 4.92 9.82 -30.47
N PHE B 220 5.32 10.42 -29.35
CA PHE B 220 5.02 9.87 -28.03
C PHE B 220 3.54 9.96 -27.72
N MET B 221 2.91 11.10 -28.02
CA MET B 221 1.52 11.32 -27.62
C MET B 221 0.58 10.39 -28.38
N GLN B 222 0.79 10.22 -29.69
CA GLN B 222 -0.07 9.35 -30.47
C GLN B 222 0.02 7.91 -29.99
N ALA B 223 1.23 7.44 -29.67
CA ALA B 223 1.40 6.09 -29.15
C ALA B 223 0.70 5.93 -27.81
N LEU B 224 0.74 6.96 -26.97
CA LEU B 224 0.05 6.91 -25.69
C LEU B 224 -1.46 6.81 -25.89
N ARG B 225 -1.98 7.53 -26.88
CA ARG B 225 -3.42 7.52 -27.12
C ARG B 225 -3.90 6.14 -27.55
N ASP B 226 -3.18 5.50 -28.48
CA ASP B 226 -3.58 4.18 -28.94
C ASP B 226 -3.37 3.13 -27.85
N LEU B 227 -2.28 3.27 -27.09
CA LEU B 227 -2.02 2.34 -25.98
C LEU B 227 -3.17 2.36 -24.98
N CYS B 228 -3.60 3.56 -24.59
CA CYS B 228 -4.74 3.67 -23.68
C CYS B 228 -6.03 3.20 -24.34
N ASP B 229 -6.19 3.48 -25.63
CA ASP B 229 -7.36 2.99 -26.36
C ASP B 229 -7.41 1.47 -26.36
N THR B 230 -6.27 0.82 -26.56
CA THR B 230 -6.24 -0.63 -26.62
C THR B 230 -6.53 -1.26 -25.26
N HIS B 231 -5.94 -0.73 -24.20
CA HIS B 231 -6.03 -1.33 -22.88
C HIS B 231 -7.06 -0.66 -21.98
N GLY B 232 -7.95 0.16 -22.54
CA GLY B 232 -8.99 0.79 -21.75
C GLY B 232 -8.46 1.73 -20.68
N ILE B 233 -7.30 2.31 -20.91
CA ILE B 233 -6.70 3.25 -19.96
C ILE B 233 -7.13 4.66 -20.33
N LEU B 234 -7.20 5.53 -19.32
CA LEU B 234 -7.52 6.93 -19.54
C LEU B 234 -6.24 7.74 -19.71
N LEU B 235 -6.25 8.65 -20.68
CA LEU B 235 -5.11 9.52 -20.94
C LEU B 235 -5.38 10.86 -20.27
N ILE B 236 -4.69 11.13 -19.16
CA ILE B 236 -4.83 12.36 -18.40
C ILE B 236 -3.69 13.30 -18.77
N ALA B 237 -4.04 14.51 -19.19
CA ALA B 237 -3.05 15.53 -19.54
C ALA B 237 -3.00 16.57 -18.41
N ASP B 238 -1.85 16.66 -17.76
CA ASP B 238 -1.66 17.63 -16.67
C ASP B 238 -1.14 18.92 -17.28
N GLU B 239 -2.05 19.86 -17.54
CA GLU B 239 -1.71 21.17 -18.09
C GLU B 239 -1.75 22.27 -17.05
N VAL B 240 -1.41 21.94 -15.79
CA VAL B 240 -1.41 22.94 -14.73
C VAL B 240 -0.41 24.05 -15.04
N GLN B 241 0.76 23.68 -15.55
CA GLN B 241 1.78 24.68 -15.89
C GLN B 241 1.71 25.11 -17.36
N THR B 242 1.44 24.18 -18.27
CA THR B 242 1.42 24.50 -19.69
C THR B 242 0.16 25.24 -20.13
N GLY B 243 -0.91 25.16 -19.34
CA GLY B 243 -2.20 25.64 -19.79
C GLY B 243 -2.29 27.16 -19.87
N PHE B 244 -3.28 27.60 -20.64
CA PHE B 244 -3.67 29.01 -20.74
C PHE B 244 -2.60 29.86 -21.40
N ALA B 245 -2.46 29.69 -22.72
CA ALA B 245 -1.70 30.53 -23.64
C ALA B 245 -0.18 30.42 -23.46
N ARG B 246 0.30 29.62 -22.51
CA ARG B 246 1.74 29.59 -22.22
C ARG B 246 2.53 29.06 -23.41
N THR B 247 1.98 28.10 -24.14
CA THR B 247 2.71 27.36 -25.17
C THR B 247 2.36 27.82 -26.58
N GLY B 248 1.74 28.98 -26.74
CA GLY B 248 1.31 29.45 -28.03
C GLY B 248 -0.11 29.06 -28.41
N LYS B 249 -0.68 28.08 -27.73
CA LYS B 249 -2.10 27.75 -27.80
C LYS B 249 -2.67 27.83 -26.41
N LEU B 250 -4.01 27.86 -26.32
CA LEU B 250 -4.65 27.91 -25.01
C LEU B 250 -4.24 26.72 -24.16
N PHE B 251 -4.22 25.53 -24.74
CA PHE B 251 -3.78 24.32 -24.06
C PHE B 251 -2.73 23.63 -24.90
N ALA B 252 -1.66 23.17 -24.25
CA ALA B 252 -0.56 22.55 -24.97
C ALA B 252 -0.98 21.31 -25.74
N MET B 253 -2.11 20.69 -25.36
CA MET B 253 -2.61 19.52 -26.08
C MET B 253 -3.09 19.88 -27.48
N GLN B 254 -3.40 21.15 -27.73
CA GLN B 254 -3.85 21.55 -29.07
C GLN B 254 -2.75 21.44 -30.11
N HIS B 255 -1.48 21.42 -29.68
CA HIS B 255 -0.39 21.18 -30.61
C HIS B 255 -0.43 19.78 -31.22
N TYR B 256 -1.18 18.86 -30.59
CA TYR B 256 -1.26 17.47 -31.03
C TYR B 256 -2.64 17.19 -31.61
N GLU B 257 -2.67 16.25 -32.55
CA GLU B 257 -3.94 15.75 -33.09
C GLU B 257 -4.63 14.79 -32.14
N VAL B 258 -4.01 14.48 -31.00
CA VAL B 258 -4.53 13.53 -30.03
C VAL B 258 -5.18 14.30 -28.89
N LYS B 259 -6.36 13.83 -28.46
CA LYS B 259 -7.03 14.47 -27.35
C LYS B 259 -7.02 13.59 -26.10
N PRO B 260 -6.82 14.17 -24.93
CA PRO B 260 -6.82 13.37 -23.70
C PRO B 260 -8.24 13.14 -23.19
N ASP B 261 -8.35 12.12 -22.32
CA ASP B 261 -9.64 11.86 -21.68
C ASP B 261 -9.93 12.85 -20.57
N LEU B 262 -8.92 13.19 -19.77
CA LEU B 262 -9.05 14.15 -18.69
C LEU B 262 -7.90 15.14 -18.76
N MET B 263 -8.14 16.36 -18.26
CA MET B 263 -7.13 17.40 -18.21
C MET B 263 -7.27 18.18 -16.92
N THR B 264 -6.13 18.48 -16.29
CA THR B 264 -6.08 19.26 -15.06
C THR B 264 -5.57 20.66 -15.38
N MET B 265 -6.20 21.66 -14.75
CA MET B 265 -5.82 23.05 -14.94
C MET B 265 -5.66 23.72 -13.58
N ALA B 266 -4.73 24.68 -13.54
CA ALA B 266 -4.48 25.48 -12.35
C ALA B 266 -3.57 26.64 -12.70
N1 LLP B 267 1.03 19.83 -11.60
C2 LLP B 267 1.86 20.55 -12.36
C2' LLP B 267 2.19 20.11 -13.81
C3 LLP B 267 2.46 21.73 -11.83
O3 LLP B 267 3.33 22.49 -12.64
C4 LLP B 267 2.18 22.14 -10.55
C4' LLP B 267 2.89 23.49 -10.02
C5 LLP B 267 1.34 21.41 -9.76
C6 LLP B 267 0.75 20.25 -10.28
C5' LLP B 267 1.03 21.86 -8.30
OP4 LLP B 267 -0.10 22.70 -8.22
P LLP B 267 -0.43 23.32 -6.84
OP1 LLP B 267 -1.48 24.43 -6.99
OP2 LLP B 267 -0.94 22.28 -5.93
OP3 LLP B 267 0.82 23.88 -6.27
N LLP B 267 -2.84 27.13 -11.69
CA LLP B 267 -1.85 28.20 -11.85
CB LLP B 267 -0.61 27.64 -12.52
CG LLP B 267 0.05 26.70 -11.51
CD LLP B 267 1.50 26.34 -11.90
CE LLP B 267 2.17 25.66 -10.68
NZ LLP B 267 2.89 24.45 -11.08
C LLP B 267 -2.39 29.37 -12.61
O LLP B 267 -3.06 30.21 -12.04
N SER B 268 -2.13 29.40 -13.91
CA SER B 268 -2.53 30.54 -14.72
C SER B 268 -4.02 30.57 -15.05
N LEU B 269 -4.74 29.57 -14.54
CA LEU B 269 -6.19 29.51 -14.76
C LEU B 269 -6.87 30.75 -14.21
N ALA B 270 -6.47 31.20 -13.01
CA ALA B 270 -7.12 32.32 -12.35
C ALA B 270 -6.26 33.58 -12.30
N GLY B 271 -5.08 33.56 -12.91
CA GLY B 271 -4.26 34.77 -12.98
C GLY B 271 -3.87 35.35 -11.64
N GLY B 272 -3.43 34.52 -10.70
CA GLY B 272 -3.01 34.98 -9.40
C GLY B 272 -3.99 34.78 -8.28
N PHE B 273 -4.92 33.82 -8.40
CA PHE B 273 -5.94 33.56 -7.40
C PHE B 273 -6.13 32.06 -7.27
N PRO B 274 -6.48 31.58 -6.08
CA PRO B 274 -6.54 30.12 -5.86
C PRO B 274 -7.69 29.44 -6.58
N LEU B 275 -7.40 28.78 -7.69
CA LEU B 275 -8.41 28.03 -8.44
C LEU B 275 -7.74 26.91 -9.23
N SER B 276 -8.43 25.78 -9.32
CA SER B 276 -8.00 24.67 -10.16
C SER B 276 -9.23 24.00 -10.74
N GLY B 277 -9.02 23.14 -11.73
CA GLY B 277 -10.15 22.51 -12.39
C GLY B 277 -9.77 21.24 -13.09
N VAL B 278 -10.79 20.42 -13.37
CA VAL B 278 -10.67 19.20 -14.15
C VAL B 278 -11.74 19.24 -15.24
N VAL B 279 -11.31 19.03 -16.48
CA VAL B 279 -12.25 18.92 -17.61
C VAL B 279 -11.95 17.60 -18.32
N GLY B 280 -13.00 16.99 -18.85
CA GLY B 280 -12.82 15.75 -19.57
C GLY B 280 -14.10 15.32 -20.24
N ARG B 281 -14.05 14.11 -20.80
CA ARG B 281 -15.24 13.53 -21.42
C ARG B 281 -16.36 13.44 -20.40
N ALA B 282 -17.57 13.82 -20.81
CA ALA B 282 -18.69 13.88 -19.87
C ALA B 282 -18.98 12.52 -19.25
N GLU B 283 -18.88 11.45 -20.05
CA GLU B 283 -19.12 10.11 -19.53
C GLU B 283 -18.12 9.75 -18.44
N VAL B 284 -16.86 10.15 -18.61
CA VAL B 284 -15.85 9.86 -17.59
C VAL B 284 -16.06 10.73 -16.36
N MET B 285 -16.35 12.02 -16.57
CA MET B 285 -16.50 12.94 -15.44
C MET B 285 -17.67 12.55 -14.55
N ASP B 286 -18.72 11.96 -15.13
CA ASP B 286 -19.91 11.60 -14.37
C ASP B 286 -19.77 10.30 -13.60
N ALA B 287 -18.58 9.69 -13.58
CA ALA B 287 -18.42 8.40 -12.91
C ALA B 287 -18.58 8.51 -11.40
N PRO B 288 -17.93 9.46 -10.69
CA PRO B 288 -18.18 9.58 -9.25
C PRO B 288 -19.62 9.99 -8.98
N ALA B 289 -20.17 9.43 -7.90
CA ALA B 289 -21.54 9.68 -7.52
C ALA B 289 -21.68 11.04 -6.84
N PRO B 290 -22.91 11.56 -6.74
CA PRO B 290 -23.11 12.81 -5.99
C PRO B 290 -22.59 12.69 -4.56
N GLY B 291 -21.79 13.68 -4.17
CA GLY B 291 -21.14 13.67 -2.88
C GLY B 291 -19.70 13.19 -2.91
N GLY B 292 -19.30 12.47 -3.96
CA GLY B 292 -17.95 11.94 -4.04
C GLY B 292 -16.89 12.98 -4.35
N LEU B 293 -17.28 14.10 -4.96
CA LEU B 293 -16.35 15.16 -5.31
C LEU B 293 -16.70 16.42 -4.55
N GLY B 294 -15.67 17.18 -4.19
CA GLY B 294 -15.93 18.43 -3.46
C GLY B 294 -14.65 19.08 -2.97
N GLY B 295 -14.78 19.77 -1.85
CA GLY B 295 -13.75 20.64 -1.32
C GLY B 295 -14.37 21.94 -0.87
N THR B 296 -14.04 22.39 0.35
CA THR B 296 -14.73 23.54 0.91
C THR B 296 -14.47 24.80 0.07
N TYR B 297 -13.21 25.10 -0.21
CA TYR B 297 -12.85 26.27 -1.00
C TYR B 297 -13.07 26.07 -2.50
N ALA B 298 -13.46 24.87 -2.93
CA ALA B 298 -13.49 24.53 -4.35
C ALA B 298 -14.33 25.51 -5.14
N GLY B 299 -13.74 26.05 -6.20
CA GLY B 299 -14.41 27.04 -7.03
C GLY B 299 -14.60 28.41 -6.44
N ASN B 300 -13.56 28.93 -5.78
CA ASN B 300 -13.70 30.15 -4.99
C ASN B 300 -14.31 31.26 -5.85
N PRO B 301 -15.38 31.91 -5.38
CA PRO B 301 -16.05 32.93 -6.21
C PRO B 301 -15.12 34.02 -6.73
N LEU B 302 -14.18 34.51 -5.92
CA LEU B 302 -13.27 35.53 -6.39
C LEU B 302 -12.32 34.98 -7.45
N ALA B 303 -11.84 33.75 -7.26
CA ALA B 303 -10.93 33.15 -8.24
C ALA B 303 -11.67 32.80 -9.53
N VAL B 304 -12.94 32.37 -9.43
CA VAL B 304 -13.72 32.09 -10.62
C VAL B 304 -13.94 33.36 -11.43
N ALA B 305 -14.24 34.47 -10.76
CA ALA B 305 -14.38 35.75 -11.44
C ALA B 305 -13.06 36.16 -12.10
N ALA B 306 -11.94 35.88 -11.44
CA ALA B 306 -10.64 36.20 -12.02
C ALA B 306 -10.38 35.36 -13.28
N ALA B 307 -10.68 34.07 -13.21
CA ALA B 307 -10.48 33.21 -14.37
C ALA B 307 -11.35 33.64 -15.55
N HIS B 308 -12.51 34.24 -15.27
CA HIS B 308 -13.34 34.79 -16.34
C HIS B 308 -12.60 35.90 -17.09
N ALA B 309 -11.97 36.81 -16.34
CA ALA B 309 -11.22 37.89 -16.98
C ALA B 309 -9.94 37.38 -17.62
N VAL B 310 -9.35 36.31 -17.09
CA VAL B 310 -8.13 35.76 -17.68
C VAL B 310 -8.42 35.26 -19.09
N LEU B 311 -9.47 34.46 -19.26
CA LEU B 311 -9.87 34.03 -20.59
C LEU B 311 -10.18 35.22 -21.49
N ASP B 312 -10.67 36.32 -20.91
CA ASP B 312 -10.95 37.51 -21.69
C ASP B 312 -9.65 38.20 -22.10
N VAL B 313 -8.70 38.32 -21.17
CA VAL B 313 -7.43 38.98 -21.47
C VAL B 313 -6.67 38.20 -22.53
N ILE B 314 -6.66 36.87 -22.42
CA ILE B 314 -5.97 36.02 -23.39
C ILE B 314 -6.52 36.29 -24.80
N ALA B 315 -7.84 36.40 -24.92
CA ALA B 315 -8.44 36.62 -26.23
C ALA B 315 -8.24 38.04 -26.71
N GLU B 316 -8.56 39.03 -25.86
CA GLU B 316 -8.54 40.42 -26.30
C GLU B 316 -7.13 40.94 -26.55
N GLU B 317 -6.13 40.37 -25.87
CA GLU B 317 -4.75 40.80 -26.03
C GLU B 317 -3.92 39.82 -26.84
N GLN B 318 -4.53 38.76 -27.38
CA GLN B 318 -3.86 37.81 -28.27
C GLN B 318 -2.59 37.25 -27.63
N LEU B 319 -2.74 36.69 -26.43
CA LEU B 319 -1.57 36.28 -25.65
C LEU B 319 -0.96 34.97 -26.13
N CYS B 320 -1.72 34.12 -26.83
CA CYS B 320 -1.16 32.93 -27.43
C CYS B 320 -0.15 33.29 -28.51
N GLN B 321 -0.53 34.22 -29.40
CA GLN B 321 0.42 34.71 -30.39
C GLN B 321 1.58 35.45 -29.73
N ARG B 322 1.29 36.21 -28.67
CA ARG B 322 2.34 36.89 -27.92
C ARG B 322 3.34 35.90 -27.37
N ALA B 323 2.85 34.79 -26.80
CA ALA B 323 3.75 33.78 -26.24
C ALA B 323 4.66 33.20 -27.33
N GLU B 324 4.12 33.00 -28.53
CA GLU B 324 4.95 32.51 -29.63
C GLU B 324 5.93 33.58 -30.09
N GLN B 325 5.49 34.83 -30.17
CA GLN B 325 6.39 35.92 -30.56
C GLN B 325 7.50 36.10 -29.55
N LEU B 326 7.15 36.13 -28.26
CA LEU B 326 8.16 36.32 -27.22
C LEU B 326 9.11 35.12 -27.16
N GLY B 327 8.57 33.91 -27.27
CA GLY B 327 9.41 32.73 -27.16
C GLY B 327 10.38 32.58 -28.32
N SER B 328 9.92 32.88 -29.53
CA SER B 328 10.80 32.84 -30.70
C SER B 328 11.94 33.82 -30.56
N HIS B 329 11.65 35.03 -30.07
CA HIS B 329 12.69 36.02 -29.84
C HIS B 329 13.67 35.55 -28.76
N LEU B 330 13.17 34.85 -27.75
CA LEU B 330 14.03 34.37 -26.68
C LEU B 330 14.96 33.27 -27.17
N GLN B 331 14.43 32.29 -27.90
CA GLN B 331 15.27 31.24 -28.47
C GLN B 331 16.26 31.82 -29.46
N GLU B 332 15.92 32.94 -30.10
CA GLU B 332 16.88 33.63 -30.96
C GLU B 332 18.10 34.09 -30.18
N VAL B 333 17.87 34.70 -29.01
CA VAL B 333 18.97 35.22 -28.21
C VAL B 333 19.78 34.08 -27.60
N LEU B 334 19.10 33.10 -27.02
CA LEU B 334 19.79 31.99 -26.37
C LEU B 334 20.65 31.20 -27.35
N ASN B 335 20.23 31.15 -28.62
CA ASN B 335 21.02 30.41 -29.62
C ASN B 335 22.13 31.26 -30.21
N GLN B 336 21.96 32.58 -30.26
CA GLN B 336 23.11 33.43 -30.58
C GLN B 336 24.13 33.41 -29.45
N ALA B 337 23.65 33.37 -28.20
CA ALA B 337 24.53 33.22 -27.06
C ALA B 337 25.19 31.85 -27.03
N ARG B 338 24.78 30.93 -27.91
CA ARG B 338 25.43 29.62 -27.97
C ARG B 338 26.86 29.76 -28.47
N ALA B 339 27.08 30.60 -29.48
CA ALA B 339 28.43 30.81 -29.99
C ALA B 339 29.34 31.48 -28.96
N THR B 340 28.79 32.30 -28.08
CA THR B 340 29.63 33.02 -27.13
C THR B 340 29.73 32.31 -25.78
N CYS B 341 28.94 31.27 -25.57
CA CYS B 341 28.90 30.57 -24.28
C CYS B 341 28.82 29.07 -24.53
N PRO B 342 29.93 28.34 -24.37
CA PRO B 342 29.92 26.90 -24.71
C PRO B 342 29.15 26.04 -23.72
N ALA B 343 28.79 26.57 -22.55
CA ALA B 343 28.04 25.79 -21.58
C ALA B 343 26.63 25.44 -22.08
N ILE B 344 26.08 26.22 -23.02
CA ILE B 344 24.75 25.95 -23.53
C ILE B 344 24.76 24.64 -24.30
N VAL B 345 23.99 23.67 -23.82
CA VAL B 345 23.92 22.36 -24.45
C VAL B 345 22.59 22.14 -25.19
N ASP B 346 21.53 22.83 -24.82
CA ASP B 346 20.24 22.65 -25.48
C ASP B 346 19.37 23.88 -25.23
N VAL B 347 18.50 24.17 -26.20
CA VAL B 347 17.49 25.22 -26.10
C VAL B 347 16.19 24.62 -26.62
N ARG B 348 15.22 24.43 -25.73
CA ARG B 348 14.00 23.70 -26.05
C ARG B 348 12.80 24.47 -25.52
N GLY B 349 11.61 24.04 -25.95
CA GLY B 349 10.36 24.57 -25.46
C GLY B 349 9.41 24.89 -26.58
N ARG B 350 8.19 25.30 -26.18
CA ARG B 350 7.14 25.66 -27.10
C ARG B 350 6.49 26.95 -26.63
N GLY B 351 6.28 27.88 -27.55
CA GLY B 351 5.70 29.17 -27.17
C GLY B 351 6.62 29.90 -26.22
N SER B 352 6.07 30.39 -25.12
CA SER B 352 6.83 31.05 -24.07
C SER B 352 7.14 30.11 -22.91
N MET B 353 7.17 28.81 -23.17
CA MET B 353 7.65 27.82 -22.21
C MET B 353 9.03 27.34 -22.68
N VAL B 354 10.00 28.24 -22.61
CA VAL B 354 11.34 28.04 -23.15
C VAL B 354 12.31 27.77 -22.01
N ALA B 355 13.31 26.93 -22.27
CA ALA B 355 14.35 26.62 -21.31
C ALA B 355 15.68 26.45 -22.01
N VAL B 356 16.75 26.50 -21.21
CA VAL B 356 18.11 26.28 -21.69
C VAL B 356 18.83 25.40 -20.68
N GLU B 357 19.57 24.42 -21.18
CA GLU B 357 20.30 23.48 -20.34
C GLU B 357 21.79 23.76 -20.42
N PHE B 358 22.48 23.59 -19.29
CA PHE B 358 23.91 23.89 -19.19
C PHE B 358 24.68 22.63 -18.80
N ASN B 359 25.78 22.38 -19.50
CA ASN B 359 26.75 21.37 -19.12
C ASN B 359 28.08 22.04 -18.83
N ASP B 360 28.96 21.32 -18.15
CA ASP B 360 30.31 21.81 -17.91
C ASP B 360 31.06 21.25 -19.11
N PRO B 361 31.80 22.09 -19.83
CA PRO B 361 32.35 21.60 -21.10
C PRO B 361 33.19 20.35 -20.96
N GLN B 362 33.82 20.17 -19.82
CA GLN B 362 34.73 19.04 -19.62
C GLN B 362 34.09 17.71 -20.01
N THR B 363 32.96 17.39 -19.41
CA THR B 363 32.23 16.25 -19.93
C THR B 363 30.75 16.62 -20.01
N GLY B 364 29.98 15.74 -20.65
CA GLY B 364 28.55 15.95 -20.77
C GLY B 364 27.83 15.63 -19.47
N GLU B 365 28.29 16.23 -18.38
CA GLU B 365 27.64 16.09 -17.10
C GLU B 365 27.13 17.46 -16.64
N PRO B 366 25.91 17.53 -16.13
CA PRO B 366 25.28 18.82 -15.84
C PRO B 366 26.12 19.72 -14.96
N SER B 367 26.01 21.03 -15.20
CA SER B 367 26.65 22.06 -14.40
C SER B 367 25.58 22.85 -13.67
N PRO B 368 25.11 22.39 -12.51
CA PRO B 368 24.15 23.20 -11.75
C PRO B 368 24.75 24.48 -11.21
N GLU B 369 26.07 24.51 -10.99
CA GLU B 369 26.71 25.73 -10.51
C GLU B 369 26.64 26.84 -11.55
N PHE B 370 27.06 26.54 -12.79
CA PHE B 370 26.91 27.50 -13.88
C PHE B 370 25.48 28.00 -13.99
N THR B 371 24.51 27.11 -13.78
CA THR B 371 23.11 27.51 -13.74
C THR B 371 22.87 28.50 -12.61
N ARG B 372 23.40 28.21 -11.42
CA ARG B 372 23.22 29.13 -10.29
C ARG B 372 23.96 30.44 -10.52
N LEU B 373 25.14 30.38 -11.12
CA LEU B 373 25.88 31.61 -11.41
C LEU B 373 25.10 32.51 -12.35
N VAL B 374 24.42 31.93 -13.34
CA VAL B 374 23.58 32.71 -14.24
C VAL B 374 22.40 33.30 -13.48
N GLN B 375 21.82 32.53 -12.56
CA GLN B 375 20.71 33.03 -11.75
C GLN B 375 21.15 34.19 -10.86
N GLN B 376 22.31 34.04 -10.21
CA GLN B 376 22.78 35.08 -9.30
C GLN B 376 23.12 36.36 -10.04
N LYS B 377 23.75 36.24 -11.21
CA LYS B 377 24.10 37.43 -11.98
C LYS B 377 22.86 38.11 -12.56
N ALA B 378 21.87 37.32 -12.96
CA ALA B 378 20.60 37.90 -13.39
C ALA B 378 19.91 38.60 -12.23
N GLN B 379 19.98 38.02 -11.03
CA GLN B 379 19.46 38.69 -9.85
C GLN B 379 20.24 39.97 -9.55
N GLU B 380 21.56 39.93 -9.76
CA GLU B 380 22.37 41.13 -9.58
C GLU B 380 21.96 42.23 -10.56
N ASN B 381 21.45 41.84 -11.73
CA ASN B 381 20.95 42.79 -12.71
C ASN B 381 19.44 42.99 -12.62
N GLY B 382 18.80 42.50 -11.55
CA GLY B 382 17.38 42.65 -11.38
C GLY B 382 16.55 41.81 -12.32
N LEU B 383 16.91 40.53 -12.46
CA LEU B 383 16.16 39.60 -13.29
C LEU B 383 16.00 38.30 -12.52
N LEU B 384 14.75 37.92 -12.26
CA LEU B 384 14.44 36.73 -11.49
C LEU B 384 14.27 35.54 -12.43
N LEU B 385 15.13 34.54 -12.28
CA LEU B 385 15.12 33.35 -13.13
C LEU B 385 14.93 32.10 -12.27
N LEU B 386 14.08 31.20 -12.74
CA LEU B 386 13.85 29.92 -12.07
C LEU B 386 14.67 28.83 -12.75
N SER B 387 15.24 27.95 -11.94
CA SER B 387 15.90 26.76 -12.42
C SER B 387 14.93 25.57 -12.36
N CYS B 388 15.24 24.54 -13.14
CA CYS B 388 14.45 23.32 -13.14
C CYS B 388 15.33 22.18 -13.66
N GLY B 389 14.70 21.09 -14.08
CA GLY B 389 15.41 19.94 -14.57
C GLY B 389 15.71 18.94 -13.46
N VAL B 390 16.10 17.74 -13.88
CA VAL B 390 16.37 16.67 -12.92
C VAL B 390 17.71 16.91 -12.22
N TYR B 391 18.63 17.61 -12.86
CA TYR B 391 19.94 17.88 -12.28
C TYR B 391 20.14 19.37 -11.96
N GLY B 392 19.08 20.17 -12.01
CA GLY B 392 19.21 21.59 -11.71
C GLY B 392 20.15 22.33 -12.64
N ASN B 393 20.27 21.89 -13.89
CA ASN B 393 21.12 22.54 -14.87
C ASN B 393 20.33 23.23 -15.97
N VAL B 394 19.04 23.47 -15.74
CA VAL B 394 18.14 24.04 -16.73
C VAL B 394 17.53 25.30 -16.15
N ILE B 395 17.52 26.37 -16.94
CA ILE B 395 16.87 27.62 -16.57
C ILE B 395 15.62 27.78 -17.42
N ARG B 396 14.47 27.93 -16.77
CA ARG B 396 13.20 28.11 -17.45
C ARG B 396 12.78 29.57 -17.38
N PHE B 397 12.19 30.05 -18.45
CA PHE B 397 11.82 31.47 -18.59
C PHE B 397 10.30 31.56 -18.51
N LEU B 398 9.79 31.88 -17.33
CA LEU B 398 8.36 31.97 -17.10
C LEU B 398 7.93 33.42 -16.91
N TYR B 399 8.29 34.27 -17.85
CA TYR B 399 7.83 35.65 -17.82
C TYR B 399 6.33 35.70 -18.11
N PRO B 400 5.63 36.69 -17.56
CA PRO B 400 4.22 36.89 -17.94
C PRO B 400 4.10 37.16 -19.43
N LEU B 401 3.06 36.59 -20.04
CA LEU B 401 2.83 36.80 -21.46
C LEU B 401 2.48 38.23 -21.80
N THR B 402 2.14 39.05 -20.80
CA THR B 402 1.81 40.44 -20.99
C THR B 402 3.00 41.37 -20.75
N ILE B 403 4.21 40.82 -20.66
CA ILE B 403 5.39 41.65 -20.34
C ILE B 403 5.57 42.71 -21.42
N PRO B 404 5.79 43.97 -21.06
CA PRO B 404 6.00 45.01 -22.07
C PRO B 404 7.20 44.70 -22.95
N ASP B 405 7.13 45.17 -24.21
CA ASP B 405 8.18 44.86 -25.18
C ASP B 405 9.52 45.45 -24.74
N ALA B 406 9.51 46.68 -24.22
CA ALA B 406 10.76 47.32 -23.81
C ALA B 406 11.38 46.60 -22.62
N GLN B 407 10.55 46.19 -21.65
CA GLN B 407 11.07 45.46 -20.51
C GLN B 407 11.61 44.09 -20.92
N PHE B 408 10.95 43.43 -21.87
CA PHE B 408 11.46 42.16 -22.39
C PHE B 408 12.80 42.35 -23.08
N SER B 409 12.97 43.49 -23.77
CA SER B 409 14.24 43.76 -24.44
C SER B 409 15.37 43.92 -23.44
N LYS B 410 15.12 44.67 -22.35
CA LYS B 410 16.14 44.83 -21.31
C LYS B 410 16.50 43.50 -20.69
N ALA B 411 15.51 42.64 -20.46
CA ALA B 411 15.77 41.32 -19.88
C ALA B 411 16.61 40.46 -20.82
N LEU B 412 16.37 40.57 -22.13
CA LEU B 412 17.18 39.81 -23.08
C LEU B 412 18.61 40.35 -23.13
N ASP B 413 18.78 41.67 -22.99
CA ASP B 413 20.11 42.23 -22.90
C ASP B 413 20.84 41.74 -21.66
N ILE B 414 20.15 41.72 -20.52
CA ILE B 414 20.71 41.14 -19.31
C ILE B 414 21.07 39.68 -19.54
N LEU B 415 20.21 38.96 -20.25
CA LEU B 415 20.47 37.54 -20.52
C LEU B 415 21.74 37.35 -21.32
N ALA B 416 21.91 38.11 -22.41
CA ALA B 416 23.10 37.97 -23.24
C ALA B 416 24.36 38.32 -22.48
N ARG B 417 24.33 39.39 -21.68
CA ARG B 417 25.50 39.80 -20.92
C ARG B 417 25.86 38.76 -19.86
N VAL B 418 24.86 38.20 -19.18
CA VAL B 418 25.13 37.21 -18.15
C VAL B 418 25.68 35.92 -18.76
N LEU B 419 25.26 35.57 -19.96
CA LEU B 419 25.67 34.30 -20.55
C LEU B 419 27.12 34.33 -21.02
N LYS B 420 27.66 35.51 -21.33
CA LYS B 420 29.05 35.60 -21.73
C LYS B 420 30.00 35.63 -20.53
N SER B 421 29.54 36.18 -19.41
CA SER B 421 30.40 36.38 -18.24
C SER B 421 30.89 35.06 -17.65
N SER C 3 -5.56 -43.58 -18.16
CA SER C 3 -4.99 -42.25 -18.23
C SER C 3 -5.92 -41.22 -18.79
N SER C 4 -6.71 -41.53 -19.80
CA SER C 4 -7.61 -40.51 -20.33
C SER C 4 -8.60 -40.11 -19.25
N GLU C 5 -9.15 -41.10 -18.56
CA GLU C 5 -10.04 -40.85 -17.44
C GLU C 5 -9.25 -40.17 -16.33
N LEU C 6 -8.00 -40.60 -16.13
CA LEU C 6 -7.16 -40.03 -15.11
C LEU C 6 -6.99 -38.54 -15.29
N ASN C 7 -6.84 -38.04 -16.51
CA ASN C 7 -6.72 -36.62 -16.64
C ASN C 7 -8.02 -35.92 -16.30
N GLN C 8 -9.13 -36.44 -16.80
CA GLN C 8 -10.43 -35.79 -16.61
C GLN C 8 -10.92 -35.92 -15.17
N ARG C 9 -10.52 -36.98 -14.46
CA ARG C 9 -10.70 -36.98 -13.01
C ARG C 9 -9.94 -35.83 -12.37
N ARG C 10 -8.81 -35.45 -12.95
CA ARG C 10 -7.97 -34.39 -12.42
C ARG C 10 -8.58 -33.01 -12.65
N GLN C 11 -9.38 -32.85 -13.70
CA GLN C 11 -9.94 -31.54 -14.01
C GLN C 11 -11.16 -31.23 -13.13
N GLN C 12 -12.01 -32.23 -12.90
CA GLN C 12 -13.16 -32.03 -12.03
C GLN C 12 -12.78 -31.96 -10.56
N ALA C 13 -11.60 -32.45 -10.19
CA ALA C 13 -11.16 -32.44 -8.80
C ALA C 13 -10.24 -31.27 -8.46
N THR C 14 -9.41 -30.82 -9.40
CA THR C 14 -8.43 -29.78 -9.14
C THR C 14 -8.73 -28.54 -9.99
N PRO C 15 -8.43 -27.35 -9.47
CA PRO C 15 -8.75 -26.13 -10.22
C PRO C 15 -7.87 -25.95 -11.44
N ARG C 16 -8.42 -25.24 -12.43
CA ARG C 16 -7.66 -24.89 -13.63
C ARG C 16 -6.44 -24.04 -13.32
N GLY C 17 -6.40 -23.39 -12.15
CA GLY C 17 -5.31 -22.49 -11.83
C GLY C 17 -3.96 -23.19 -11.82
N VAL C 18 -3.90 -24.39 -11.25
CA VAL C 18 -2.66 -25.16 -11.24
C VAL C 18 -2.47 -25.81 -12.60
N GLY C 19 -1.89 -25.06 -13.54
CA GLY C 19 -1.62 -25.61 -14.85
C GLY C 19 -0.59 -26.72 -14.80
N VAL C 20 -0.57 -27.53 -15.86
CA VAL C 20 0.35 -28.65 -15.96
C VAL C 20 0.84 -28.76 -17.39
N MET C 21 2.13 -29.08 -17.55
CA MET C 21 2.74 -29.17 -18.87
C MET C 21 2.39 -30.49 -19.56
N CYS C 22 2.94 -31.58 -19.06
CA CYS C 22 2.69 -32.89 -19.64
C CYS C 22 1.53 -33.57 -18.93
N ASN C 23 0.72 -34.31 -19.70
CA ASN C 23 -0.44 -34.99 -19.16
C ASN C 23 -0.24 -36.51 -19.10
N TYR C 24 1.01 -36.96 -19.13
CA TYR C 24 1.35 -38.31 -18.69
C TYR C 24 1.77 -38.24 -17.24
N PHE C 25 1.36 -39.24 -16.46
CA PHE C 25 1.50 -39.19 -15.01
C PHE C 25 2.59 -40.16 -14.56
N VAL C 26 3.39 -39.71 -13.59
CA VAL C 26 4.62 -40.39 -13.22
C VAL C 26 4.30 -41.64 -12.41
N GLU C 27 5.00 -42.72 -12.71
CA GLU C 27 4.95 -43.98 -11.96
C GLU C 27 6.20 -44.20 -11.12
N LYS C 28 7.36 -43.86 -11.66
CA LYS C 28 8.65 -44.31 -11.15
C LYS C 28 9.67 -43.23 -11.48
N ALA C 29 10.71 -43.14 -10.65
CA ALA C 29 11.71 -42.10 -10.84
C ALA C 29 13.05 -42.57 -10.29
N GLU C 30 14.11 -42.33 -11.06
CA GLU C 30 15.45 -42.77 -10.67
C GLU C 30 16.46 -41.89 -11.38
N ASN C 31 17.25 -41.14 -10.61
CA ASN C 31 18.28 -40.25 -11.15
C ASN C 31 17.68 -39.28 -12.16
N ALA C 32 17.94 -39.51 -13.45
CA ALA C 32 17.42 -38.69 -14.52
C ALA C 32 16.42 -39.43 -15.39
N THR C 33 15.95 -40.59 -14.95
CA THR C 33 15.00 -41.40 -15.69
C THR C 33 13.62 -41.32 -15.04
N LEU C 34 12.59 -41.20 -15.87
CA LEU C 34 11.21 -41.13 -15.40
C LEU C 34 10.37 -42.16 -16.13
N TRP C 35 9.52 -42.84 -15.39
CA TRP C 35 8.60 -43.84 -15.93
C TRP C 35 7.17 -43.38 -15.73
N ASP C 36 6.33 -43.57 -16.75
CA ASP C 36 4.97 -43.06 -16.79
C ASP C 36 3.96 -44.21 -16.78
N ILE C 37 2.67 -43.85 -16.88
CA ILE C 37 1.58 -44.81 -16.74
C ILE C 37 1.74 -46.00 -17.68
N GLU C 38 2.33 -45.78 -18.85
CA GLU C 38 2.48 -46.83 -19.85
C GLU C 38 3.88 -47.45 -19.84
N GLY C 39 4.65 -47.23 -18.77
CA GLY C 39 6.01 -47.72 -18.72
C GLY C 39 6.96 -47.07 -19.69
N ASN C 40 6.54 -46.00 -20.36
CA ASN C 40 7.41 -45.31 -21.30
C ASN C 40 8.54 -44.60 -20.56
N GLU C 41 9.77 -44.88 -20.98
CA GLU C 41 10.95 -44.33 -20.33
C GLU C 41 11.28 -42.97 -20.92
N VAL C 42 11.40 -41.97 -20.05
CA VAL C 42 11.69 -40.59 -20.45
C VAL C 42 12.94 -40.13 -19.72
N ILE C 43 13.88 -39.57 -20.48
CA ILE C 43 15.06 -38.94 -19.87
C ILE C 43 14.66 -37.58 -19.36
N ASP C 44 14.95 -37.31 -18.09
CA ASP C 44 14.52 -36.09 -17.44
C ASP C 44 15.60 -35.03 -17.58
N PHE C 45 15.27 -33.93 -18.27
CA PHE C 45 16.11 -32.75 -18.33
C PHE C 45 15.43 -31.56 -17.66
N ALA C 46 14.54 -31.84 -16.72
CA ALA C 46 13.87 -30.83 -15.92
C ALA C 46 14.18 -30.95 -14.45
N ALA C 47 14.30 -32.18 -13.93
CA ALA C 47 14.59 -32.42 -12.52
C ALA C 47 13.61 -31.69 -11.61
N GLY C 48 12.36 -31.56 -12.06
CA GLY C 48 11.35 -30.83 -11.32
C GLY C 48 11.77 -29.38 -11.08
N ILE C 49 12.26 -28.71 -12.12
CA ILE C 49 12.75 -27.34 -12.05
C ILE C 49 13.94 -27.25 -11.11
N ALA C 50 15.07 -27.85 -11.50
CA ALA C 50 16.35 -27.70 -10.82
C ALA C 50 16.30 -28.06 -9.34
N VAL C 51 15.32 -28.86 -8.94
CA VAL C 51 15.25 -29.35 -7.56
C VAL C 51 15.96 -30.69 -7.39
N LEU C 52 16.13 -31.46 -8.46
CA LEU C 52 16.83 -32.73 -8.37
C LEU C 52 18.19 -32.63 -9.06
N ASN C 53 19.05 -31.73 -8.56
CA ASN C 53 20.41 -31.65 -9.05
C ASN C 53 21.16 -32.96 -8.81
N THR C 54 20.84 -33.66 -7.72
CA THR C 54 21.40 -34.97 -7.44
C THR C 54 20.50 -36.11 -7.90
N GLY C 55 19.57 -35.82 -8.80
CA GLY C 55 18.77 -36.85 -9.44
C GLY C 55 17.61 -37.32 -8.58
N HIS C 56 16.67 -38.00 -9.25
CA HIS C 56 15.53 -38.59 -8.57
C HIS C 56 16.00 -39.74 -7.67
N ARG C 57 15.77 -39.60 -6.37
CA ARG C 57 16.05 -40.65 -5.39
C ARG C 57 17.50 -41.15 -5.49
N HIS C 58 18.37 -40.38 -4.87
CA HIS C 58 19.78 -40.70 -4.80
C HIS C 58 20.06 -41.68 -3.68
N PRO C 59 20.80 -42.71 -3.99
CA PRO C 59 20.95 -43.73 -2.94
C PRO C 59 21.44 -43.20 -1.60
N LYS C 60 22.14 -42.07 -1.58
CA LYS C 60 22.66 -41.55 -0.32
C LYS C 60 21.60 -40.78 0.46
N VAL C 61 20.79 -39.97 -0.24
CA VAL C 61 19.82 -39.15 0.48
C VAL C 61 18.59 -39.96 0.87
N VAL C 62 18.27 -41.04 0.15
CA VAL C 62 17.18 -41.90 0.60
C VAL C 62 17.58 -42.62 1.88
N ALA C 63 18.82 -43.11 1.94
CA ALA C 63 19.31 -43.75 3.16
C ALA C 63 19.32 -42.77 4.32
N ALA C 64 19.63 -41.50 4.03
CA ALA C 64 19.56 -40.47 5.07
C ALA C 64 18.11 -40.11 5.40
N VAL C 65 17.20 -40.27 4.43
CA VAL C 65 15.79 -39.97 4.67
C VAL C 65 15.12 -41.12 5.40
N ALA C 66 15.36 -42.36 4.94
CA ALA C 66 14.78 -43.52 5.60
C ALA C 66 15.31 -43.68 7.03
N ASP C 67 16.57 -43.28 7.26
CA ASP C 67 17.12 -43.33 8.61
C ASP C 67 16.45 -42.31 9.52
N GLN C 68 16.14 -41.12 8.98
CA GLN C 68 15.50 -40.09 9.77
C GLN C 68 14.05 -40.45 10.10
N LEU C 69 13.42 -41.28 9.26
CA LEU C 69 12.06 -41.72 9.53
C LEU C 69 12.00 -42.80 10.60
N GLN C 70 13.12 -43.45 10.90
CA GLN C 70 13.18 -44.26 12.10
C GLN C 70 13.24 -43.39 13.35
N ALA C 71 13.65 -42.14 13.20
CA ALA C 71 13.77 -41.22 14.32
C ALA C 71 12.44 -40.51 14.59
N PHE C 72 12.12 -39.48 13.82
CA PHE C 72 10.91 -38.71 14.11
C PHE C 72 10.33 -38.09 12.84
N THR C 73 9.03 -37.81 12.90
CA THR C 73 8.29 -37.19 11.81
C THR C 73 8.62 -35.71 11.66
N HIS C 74 8.42 -34.95 12.74
CA HIS C 74 8.44 -33.49 12.71
C HIS C 74 8.25 -33.00 14.14
N THR C 75 8.89 -31.89 14.51
CA THR C 75 8.80 -31.39 15.87
C THR C 75 8.17 -30.01 15.98
N ALA C 76 8.00 -29.29 14.88
CA ALA C 76 7.96 -27.85 14.93
C ALA C 76 9.22 -27.40 15.66
N TYR C 77 10.28 -27.11 14.89
CA TYR C 77 11.55 -26.69 15.47
C TYR C 77 11.35 -25.62 16.55
N GLN C 78 10.33 -24.78 16.40
CA GLN C 78 10.02 -23.75 17.39
C GLN C 78 9.84 -24.28 18.79
N ILE C 79 9.55 -25.57 18.95
CA ILE C 79 9.26 -26.11 20.28
C ILE C 79 10.45 -26.89 20.79
N VAL C 80 10.70 -28.07 20.21
CA VAL C 80 11.87 -28.87 20.54
C VAL C 80 12.76 -28.93 19.30
N PRO C 81 14.01 -28.48 19.39
CA PRO C 81 14.86 -28.41 18.19
C PRO C 81 15.66 -29.68 17.92
N TYR C 82 16.44 -29.69 16.84
CA TYR C 82 17.25 -30.83 16.43
C TYR C 82 18.73 -30.51 16.50
N GLU C 83 19.53 -31.57 16.36
CA GLU C 83 20.90 -31.45 15.89
C GLU C 83 21.00 -31.46 14.37
N SER C 84 20.03 -32.07 13.69
CA SER C 84 19.95 -32.01 12.24
C SER C 84 19.95 -30.57 11.74
N TYR C 85 19.14 -29.71 12.38
CA TYR C 85 18.99 -28.33 11.95
C TYR C 85 20.29 -27.54 12.10
N VAL C 86 20.99 -27.72 13.22
CA VAL C 86 21.96 -26.72 13.66
C VAL C 86 23.20 -26.73 12.78
N SER C 87 23.81 -27.90 12.59
CA SER C 87 25.10 -27.96 11.89
C SER C 87 24.96 -28.27 10.41
N LEU C 88 23.75 -28.60 9.94
CA LEU C 88 23.46 -28.33 8.53
C LEU C 88 23.59 -26.85 8.25
N ALA C 89 23.25 -26.01 9.24
CA ALA C 89 23.50 -24.58 9.12
C ALA C 89 24.99 -24.26 9.31
N GLU C 90 25.65 -24.91 10.27
CA GLU C 90 27.11 -24.76 10.36
C GLU C 90 27.76 -25.22 9.06
N ARG C 91 27.23 -26.28 8.45
CA ARG C 91 27.79 -26.76 7.20
C ARG C 91 27.61 -25.76 6.07
N ILE C 92 26.52 -25.00 6.08
CA ILE C 92 26.30 -23.99 5.05
C ILE C 92 26.92 -22.64 5.43
N ASN C 93 27.11 -22.38 6.73
CA ASN C 93 27.74 -21.13 7.15
C ASN C 93 29.18 -21.03 6.64
N ASP C 94 29.90 -22.15 6.61
CA ASP C 94 31.27 -22.15 6.11
C ASP C 94 31.34 -22.21 4.59
N LEU C 95 30.31 -22.72 3.93
CA LEU C 95 30.35 -22.92 2.48
C LEU C 95 29.77 -21.74 1.71
N ALA C 96 28.92 -20.93 2.34
CA ALA C 96 28.25 -19.83 1.64
C ALA C 96 29.22 -18.67 1.43
N PRO C 97 29.13 -17.99 0.28
CA PRO C 97 30.02 -16.85 0.03
C PRO C 97 29.60 -15.63 0.82
N ILE C 98 29.85 -15.65 2.14
CA ILE C 98 29.45 -14.58 3.04
C ILE C 98 30.70 -14.05 3.72
N ASP C 99 30.94 -12.75 3.60
CA ASP C 99 32.04 -12.10 4.31
C ASP C 99 31.79 -12.19 5.82
N GLY C 100 32.83 -12.59 6.55
CA GLY C 100 32.75 -12.71 7.99
C GLY C 100 31.87 -13.86 8.42
N PRO C 101 31.46 -13.88 9.68
CA PRO C 101 30.62 -14.96 10.19
C PRO C 101 29.26 -14.97 9.50
N ALA C 102 28.75 -16.18 9.25
CA ALA C 102 27.46 -16.38 8.63
C ALA C 102 26.55 -17.16 9.57
N LYS C 103 25.24 -16.93 9.42
CA LYS C 103 24.24 -17.64 10.18
C LYS C 103 23.11 -18.03 9.24
N THR C 104 22.44 -19.15 9.54
CA THR C 104 21.49 -19.75 8.62
C THR C 104 20.21 -20.14 9.35
N ALA C 105 19.07 -19.76 8.77
CA ALA C 105 17.77 -20.25 9.18
C ALA C 105 17.17 -21.09 8.05
N PHE C 106 16.35 -22.06 8.42
CA PHE C 106 15.76 -22.98 7.46
C PHE C 106 14.25 -22.85 7.46
N PHE C 107 13.65 -22.98 6.27
CA PHE C 107 12.21 -22.97 6.12
C PHE C 107 11.80 -24.12 5.20
N THR C 108 10.75 -23.96 4.40
CA THR C 108 10.28 -25.04 3.55
C THR C 108 10.26 -24.65 2.08
N THR C 109 9.43 -23.69 1.68
CA THR C 109 9.33 -23.33 0.26
C THR C 109 10.29 -22.20 -0.08
N GLY C 110 10.74 -22.19 -1.33
CA GLY C 110 11.62 -21.13 -1.79
C GLY C 110 11.00 -19.76 -1.67
N ALA C 111 9.68 -19.66 -1.87
CA ALA C 111 9.00 -18.39 -1.65
C ALA C 111 9.12 -17.94 -0.20
N GLU C 112 9.10 -18.88 0.74
CA GLU C 112 9.29 -18.54 2.14
C GLU C 112 10.70 -17.99 2.39
N ALA C 113 11.71 -18.62 1.80
CA ALA C 113 13.08 -18.15 1.97
C ALA C 113 13.23 -16.72 1.48
N VAL C 114 12.72 -16.44 0.28
CA VAL C 114 12.71 -15.06 -0.22
C VAL C 114 11.88 -14.17 0.70
N GLU C 115 10.71 -14.67 1.12
CA GLU C 115 9.87 -13.89 2.03
C GLU C 115 10.61 -13.55 3.32
N ASN C 116 11.31 -14.53 3.89
CA ASN C 116 12.03 -14.28 5.14
C ASN C 116 13.27 -13.43 4.91
N ALA C 117 13.93 -13.57 3.75
CA ALA C 117 15.05 -12.70 3.44
C ALA C 117 14.61 -11.24 3.40
N VAL C 118 13.36 -10.97 2.99
CA VAL C 118 12.84 -9.62 3.01
C VAL C 118 12.56 -9.18 4.45
N LYS C 119 11.98 -10.07 5.26
CA LYS C 119 11.72 -9.75 6.66
C LYS C 119 13.00 -9.42 7.41
N ILE C 120 14.09 -10.15 7.08
CA ILE C 120 15.37 -9.87 7.72
C ILE C 120 15.94 -8.56 7.22
N ALA C 121 15.80 -8.28 5.93
CA ALA C 121 16.26 -7.00 5.39
C ALA C 121 15.48 -5.83 5.99
N ARG C 122 14.19 -6.03 6.23
CA ARG C 122 13.38 -4.96 6.81
C ARG C 122 13.70 -4.77 8.29
N ALA C 123 13.88 -5.86 9.03
CA ALA C 123 14.20 -5.75 10.45
C ALA C 123 15.57 -5.11 10.66
N TYR C 124 16.50 -5.35 9.75
CA TYR C 124 17.86 -4.83 9.92
C TYR C 124 17.95 -3.35 9.56
N THR C 125 17.38 -2.97 8.42
CA THR C 125 17.51 -1.61 7.92
C THR C 125 16.37 -0.69 8.34
N GLY C 126 15.23 -1.25 8.75
CA GLY C 126 14.07 -0.44 9.04
C GLY C 126 13.47 0.25 7.84
N ARG C 127 13.88 -0.14 6.61
CA ARG C 127 13.44 0.46 5.36
C ARG C 127 12.37 -0.40 4.70
N PRO C 128 11.43 0.23 4.00
CA PRO C 128 10.34 -0.53 3.35
C PRO C 128 10.69 -1.00 1.95
N GLY C 129 11.60 -0.29 1.29
CA GLY C 129 11.76 -0.45 -0.15
C GLY C 129 12.43 -1.75 -0.54
N LEU C 130 12.02 -2.25 -1.71
CA LEU C 130 12.60 -3.45 -2.31
C LEU C 130 12.66 -3.25 -3.81
N ILE C 131 13.79 -3.57 -4.42
CA ILE C 131 13.99 -3.44 -5.86
C ILE C 131 14.39 -4.79 -6.42
N THR C 132 13.60 -5.27 -7.39
CA THR C 132 13.99 -6.45 -8.16
C THR C 132 14.13 -6.04 -9.63
N PHE C 133 14.07 -7.01 -10.54
CA PHE C 133 14.25 -6.73 -11.96
C PHE C 133 13.18 -7.44 -12.77
N GLY C 134 12.88 -6.89 -13.94
CA GLY C 134 11.95 -7.55 -14.84
C GLY C 134 12.48 -8.90 -15.29
N GLY C 135 11.55 -9.83 -15.47
CA GLY C 135 11.89 -11.20 -15.81
C GLY C 135 12.29 -12.06 -14.64
N GLY C 136 12.59 -11.48 -13.49
CA GLY C 136 12.94 -12.27 -12.33
C GLY C 136 11.73 -12.98 -11.76
N PHE C 137 11.99 -14.11 -11.09
CA PHE C 137 10.97 -14.90 -10.44
C PHE C 137 11.42 -15.21 -9.02
N HIS C 138 10.55 -14.87 -8.08
CA HIS C 138 10.83 -15.07 -6.67
C HIS C 138 9.79 -15.77 -5.81
N GLY C 139 8.81 -16.38 -6.42
CA GLY C 139 7.76 -17.06 -5.70
C GLY C 139 6.39 -16.60 -6.13
N ARG C 140 5.37 -17.20 -5.50
CA ARG C 140 3.99 -16.95 -5.87
C ARG C 140 3.13 -16.38 -4.76
N THR C 141 3.70 -16.11 -3.58
CA THR C 141 2.95 -15.44 -2.53
C THR C 141 2.85 -13.95 -2.82
N PHE C 142 2.10 -13.23 -1.96
CA PHE C 142 1.82 -11.82 -2.21
C PHE C 142 3.09 -11.01 -2.40
N MET C 143 4.00 -11.08 -1.43
CA MET C 143 5.25 -10.33 -1.52
C MET C 143 6.12 -10.82 -2.67
N THR C 144 6.21 -12.14 -2.83
CA THR C 144 7.08 -12.69 -3.87
C THR C 144 6.52 -12.47 -5.27
N MET C 145 5.19 -12.36 -5.40
CA MET C 145 4.61 -12.02 -6.69
C MET C 145 4.97 -10.59 -7.09
N ALA C 146 4.92 -9.66 -6.14
CA ALA C 146 5.34 -8.29 -6.41
C ALA C 146 6.83 -8.24 -6.76
N LEU C 147 7.63 -9.08 -6.11
CA LEU C 147 9.06 -9.13 -6.43
C LEU C 147 9.30 -9.79 -7.78
N THR C 148 8.46 -10.75 -8.15
CA THR C 148 8.60 -11.40 -9.46
C THR C 148 8.38 -10.39 -10.58
N GLY C 149 9.28 -10.39 -11.55
CA GLY C 149 9.23 -9.41 -12.63
C GLY C 149 8.59 -9.92 -13.91
N LYS C 150 7.56 -10.76 -13.78
CA LYS C 150 6.81 -11.27 -14.92
C LYS C 150 5.35 -11.34 -14.51
N VAL C 151 4.52 -10.50 -15.13
CA VAL C 151 3.12 -10.40 -14.72
C VAL C 151 2.32 -11.61 -15.19
N ALA C 152 2.50 -12.02 -16.44
CA ALA C 152 1.77 -13.18 -16.94
C ALA C 152 2.62 -14.43 -16.82
N PRO C 153 2.09 -15.54 -16.27
CA PRO C 153 0.75 -15.61 -15.67
C PRO C 153 0.80 -15.56 -14.14
N TYR C 154 1.94 -15.12 -13.61
CA TYR C 154 2.23 -15.30 -12.19
C TYR C 154 1.42 -14.38 -11.29
N LYS C 155 0.83 -13.30 -11.83
CA LYS C 155 0.05 -12.44 -10.96
C LYS C 155 -1.15 -11.77 -11.64
N ILE C 156 -1.70 -12.35 -12.71
CA ILE C 156 -2.91 -11.81 -13.30
C ILE C 156 -4.09 -12.12 -12.38
N GLY C 157 -4.74 -11.07 -11.89
CA GLY C 157 -5.91 -11.22 -11.05
C GLY C 157 -5.68 -11.25 -9.57
N PHE C 158 -4.44 -11.04 -9.11
CA PHE C 158 -4.11 -11.11 -7.69
C PHE C 158 -3.77 -9.75 -7.09
N GLY C 159 -3.81 -8.67 -7.87
CA GLY C 159 -3.56 -7.36 -7.35
C GLY C 159 -4.71 -6.87 -6.48
N PRO C 160 -4.55 -5.67 -5.91
CA PRO C 160 -3.40 -4.77 -5.99
C PRO C 160 -2.21 -5.23 -5.14
N PHE C 161 -1.02 -4.83 -5.54
CA PHE C 161 0.22 -5.27 -4.91
C PHE C 161 0.83 -4.15 -4.07
N PRO C 162 1.63 -4.50 -3.06
CA PRO C 162 2.08 -3.48 -2.10
C PRO C 162 3.00 -2.46 -2.74
N GLY C 163 3.10 -1.31 -2.07
CA GLY C 163 3.98 -0.25 -2.52
C GLY C 163 5.43 -0.52 -2.16
N SER C 164 6.28 0.42 -2.56
CA SER C 164 7.73 0.36 -2.30
C SER C 164 8.37 -0.88 -2.91
N VAL C 165 7.78 -1.39 -3.99
CA VAL C 165 8.34 -2.52 -4.73
C VAL C 165 8.39 -2.11 -6.20
N TYR C 166 9.60 -2.00 -6.74
CA TYR C 166 9.80 -1.53 -8.10
C TYR C 166 10.77 -2.46 -8.81
N HIS C 167 10.76 -2.41 -10.13
CA HIS C 167 11.62 -3.25 -10.89
C HIS C 167 12.50 -2.54 -11.85
N GLY C 168 13.78 -2.78 -11.71
CA GLY C 168 14.76 -2.33 -12.67
C GLY C 168 14.73 -3.19 -13.92
N VAL C 169 15.76 -3.03 -14.74
CA VAL C 169 15.92 -3.81 -15.96
C VAL C 169 17.14 -4.69 -15.80
N TYR C 170 16.97 -5.98 -16.08
CA TYR C 170 18.08 -6.92 -15.96
C TYR C 170 19.02 -6.78 -17.15
N PRO C 171 20.33 -6.78 -16.92
CA PRO C 171 21.29 -6.66 -18.03
C PRO C 171 21.20 -7.87 -18.95
N ASN C 172 20.79 -7.61 -20.20
CA ASN C 172 20.68 -8.62 -21.24
C ASN C 172 21.50 -8.16 -22.44
N ALA C 173 22.83 -8.22 -22.30
CA ALA C 173 23.72 -7.75 -23.36
C ALA C 173 23.47 -8.45 -24.68
N ALA C 174 22.87 -9.63 -24.67
CA ALA C 174 22.46 -10.32 -25.87
C ALA C 174 21.14 -9.80 -26.43
N HIS C 175 20.60 -8.71 -25.86
CA HIS C 175 19.35 -8.14 -26.34
C HIS C 175 19.36 -6.61 -26.24
N GLY C 176 20.54 -6.00 -26.30
CA GLY C 176 20.63 -4.55 -26.34
C GLY C 176 20.61 -3.85 -25.01
N VAL C 177 20.51 -4.58 -23.90
CA VAL C 177 20.49 -3.98 -22.56
C VAL C 177 21.86 -4.18 -21.94
N THR C 178 22.64 -3.10 -21.87
CA THR C 178 23.98 -3.16 -21.30
C THR C 178 23.92 -3.09 -19.79
N THR C 179 25.10 -3.22 -19.15
CA THR C 179 25.18 -2.98 -17.72
C THR C 179 24.84 -1.53 -17.39
N ALA C 180 25.29 -0.60 -18.24
CA ALA C 180 24.95 0.81 -18.04
C ALA C 180 23.45 1.04 -18.14
N ASP C 181 22.79 0.34 -19.07
CA ASP C 181 21.34 0.43 -19.17
C ASP C 181 20.68 -0.05 -17.88
N ALA C 182 21.16 -1.18 -17.35
CA ALA C 182 20.58 -1.74 -16.13
C ALA C 182 20.84 -0.83 -14.93
N LEU C 183 22.03 -0.25 -14.84
CA LEU C 183 22.33 0.64 -13.73
C LEU C 183 21.52 1.93 -13.83
N LYS C 184 21.28 2.41 -15.05
CA LYS C 184 20.46 3.61 -15.22
C LYS C 184 19.01 3.37 -14.81
N SER C 185 18.50 2.16 -15.03
CA SER C 185 17.16 1.83 -14.58
C SER C 185 17.07 1.91 -13.05
N LEU C 186 18.12 1.49 -12.36
CA LEU C 186 18.14 1.62 -10.91
C LEU C 186 18.21 3.08 -10.49
N GLU C 187 19.06 3.87 -11.16
CA GLU C 187 19.13 5.29 -10.86
C GLU C 187 17.79 5.97 -11.11
N ARG C 188 17.08 5.55 -12.16
CA ARG C 188 15.78 6.14 -12.46
C ARG C 188 14.76 5.82 -11.36
N ILE C 189 14.86 4.61 -10.78
CA ILE C 189 13.98 4.28 -9.65
C ILE C 189 14.32 5.15 -8.45
N PHE C 190 15.61 5.39 -8.21
CA PHE C 190 16.03 6.18 -7.06
C PHE C 190 15.60 7.64 -7.18
N LYS C 191 15.50 8.16 -8.41
CA LYS C 191 15.16 9.56 -8.62
C LYS C 191 13.67 9.80 -8.86
N ALA C 192 12.87 8.75 -8.98
CA ALA C 192 11.45 8.95 -9.28
C ALA C 192 10.54 8.11 -8.39
N ASP C 193 10.95 6.91 -8.01
CA ASP C 193 10.08 5.98 -7.29
C ASP C 193 10.28 6.03 -5.78
N ILE C 194 11.51 5.86 -5.30
CA ILE C 194 11.78 5.78 -3.87
C ILE C 194 13.22 6.18 -3.63
N ALA C 195 13.45 6.89 -2.53
CA ALA C 195 14.79 7.33 -2.18
C ALA C 195 15.70 6.12 -1.95
N PRO C 196 17.01 6.27 -2.19
CA PRO C 196 17.91 5.12 -1.96
C PRO C 196 17.98 4.71 -0.50
N ASP C 197 18.05 5.66 0.42
CA ASP C 197 18.10 5.36 1.85
C ASP C 197 16.77 4.85 2.40
N GLN C 198 15.80 4.58 1.54
CA GLN C 198 14.55 3.93 1.92
C GLN C 198 14.40 2.54 1.31
N VAL C 199 15.35 2.11 0.49
CA VAL C 199 15.31 0.79 -0.12
C VAL C 199 16.08 -0.17 0.78
N ALA C 200 15.38 -1.17 1.30
CA ALA C 200 15.99 -2.11 2.24
C ALA C 200 16.90 -3.11 1.53
N ALA C 201 16.49 -3.60 0.36
CA ALA C 201 17.25 -4.65 -0.30
C ALA C 201 17.09 -4.55 -1.81
N ILE C 202 18.10 -5.05 -2.52
CA ILE C 202 18.04 -5.28 -3.96
C ILE C 202 18.20 -6.77 -4.17
N ILE C 203 17.16 -7.41 -4.68
CA ILE C 203 17.12 -8.86 -4.86
C ILE C 203 17.23 -9.17 -6.34
N LEU C 204 18.11 -10.10 -6.70
CA LEU C 204 18.29 -10.50 -8.08
C LEU C 204 18.78 -11.95 -8.11
N GLU C 205 18.46 -12.63 -9.21
CA GLU C 205 19.09 -13.94 -9.35
C GLU C 205 20.42 -13.80 -10.08
N PRO C 206 21.47 -14.49 -9.61
CA PRO C 206 22.73 -14.47 -10.35
C PRO C 206 22.57 -14.90 -11.80
N ILE C 207 21.66 -15.85 -12.05
CA ILE C 207 21.23 -16.22 -13.40
C ILE C 207 19.72 -16.36 -13.36
N GLN C 208 19.02 -15.56 -14.16
CA GLN C 208 17.56 -15.54 -14.12
C GLN C 208 16.99 -16.89 -14.52
N GLY C 209 16.28 -17.52 -13.58
CA GLY C 209 15.68 -18.82 -13.83
C GLY C 209 14.60 -18.97 -14.87
N GLU C 210 13.41 -18.45 -14.59
CA GLU C 210 12.35 -18.37 -15.60
C GLU C 210 12.49 -17.16 -16.50
N GLY C 211 13.48 -16.30 -16.27
CA GLY C 211 13.67 -15.12 -17.11
C GLY C 211 14.32 -15.39 -18.44
N GLY C 212 14.99 -16.53 -18.59
CA GLY C 212 15.62 -16.88 -19.86
C GLY C 212 17.08 -17.26 -19.71
N PHE C 213 17.50 -17.53 -18.47
CA PHE C 213 18.88 -17.91 -18.16
C PHE C 213 19.86 -16.84 -18.61
N ASN C 214 19.59 -15.61 -18.18
CA ASN C 214 20.44 -14.46 -18.48
C ASN C 214 21.45 -14.31 -17.34
N VAL C 215 22.72 -14.56 -17.64
CA VAL C 215 23.78 -14.47 -16.63
C VAL C 215 24.05 -13.01 -16.31
N ALA C 216 24.24 -12.71 -15.02
CA ALA C 216 24.56 -11.36 -14.61
C ALA C 216 26.03 -11.07 -14.86
N PRO C 217 26.37 -10.05 -15.65
CA PRO C 217 27.79 -9.76 -15.90
C PRO C 217 28.51 -9.35 -14.63
N ALA C 218 29.83 -9.53 -14.64
CA ALA C 218 30.63 -9.23 -13.45
C ALA C 218 30.61 -7.74 -13.12
N ASP C 219 30.69 -6.89 -14.14
CA ASP C 219 30.66 -5.45 -13.89
C ASP C 219 29.31 -5.00 -13.34
N PHE C 220 28.23 -5.69 -13.71
CA PHE C 220 26.92 -5.36 -13.15
C PHE C 220 26.84 -5.72 -11.67
N MET C 221 27.42 -6.87 -11.29
CA MET C 221 27.40 -7.27 -9.89
C MET C 221 28.35 -6.42 -9.05
N GLN C 222 29.48 -6.01 -9.61
CA GLN C 222 30.41 -5.15 -8.88
C GLN C 222 29.77 -3.80 -8.60
N ALA C 223 29.15 -3.20 -9.62
CA ALA C 223 28.47 -1.93 -9.42
C ALA C 223 27.30 -2.06 -8.45
N LEU C 224 26.60 -3.19 -8.51
CA LEU C 224 25.51 -3.43 -7.56
C LEU C 224 26.03 -3.45 -6.13
N ARG C 225 27.18 -4.09 -5.91
CA ARG C 225 27.78 -4.11 -4.58
C ARG C 225 28.10 -2.69 -4.10
N ASP C 226 28.70 -1.88 -4.98
CA ASP C 226 29.03 -0.51 -4.60
C ASP C 226 27.79 0.36 -4.40
N LEU C 227 26.74 0.10 -5.18
CA LEU C 227 25.50 0.87 -5.04
C LEU C 227 24.90 0.67 -3.65
N CYS C 228 24.74 -0.59 -3.24
CA CYS C 228 24.19 -0.88 -1.93
C CYS C 228 25.15 -0.47 -0.81
N ASP C 229 26.46 -0.61 -1.04
CA ASP C 229 27.43 -0.16 -0.05
C ASP C 229 27.34 1.34 0.18
N THR C 230 27.02 2.10 -0.89
CA THR C 230 26.96 3.55 -0.77
C THR C 230 25.70 4.00 -0.04
N HIS C 231 24.58 3.35 -0.31
CA HIS C 231 23.28 3.78 0.22
C HIS C 231 22.77 2.88 1.34
N GLY C 232 23.63 2.05 1.91
CA GLY C 232 23.23 1.20 3.02
C GLY C 232 22.19 0.15 2.66
N ILE C 233 22.11 -0.23 1.40
CA ILE C 233 21.18 -1.27 0.96
C ILE C 233 21.85 -2.63 1.12
N LEU C 234 21.03 -3.66 1.27
CA LEU C 234 21.52 -5.03 1.38
C LEU C 234 21.30 -5.75 0.06
N LEU C 235 22.34 -6.41 -0.44
CA LEU C 235 22.26 -7.14 -1.70
C LEU C 235 21.88 -8.59 -1.39
N ILE C 236 20.63 -8.95 -1.70
CA ILE C 236 20.15 -10.30 -1.53
C ILE C 236 20.35 -11.06 -2.83
N ALA C 237 20.96 -12.25 -2.75
CA ALA C 237 21.15 -13.11 -3.90
C ALA C 237 20.12 -14.23 -3.85
N ASP C 238 19.31 -14.34 -4.90
CA ASP C 238 18.30 -15.39 -4.99
C ASP C 238 18.90 -16.57 -5.75
N GLU C 239 19.47 -17.50 -5.00
CA GLU C 239 20.11 -18.69 -5.56
C GLU C 239 19.26 -19.94 -5.32
N VAL C 240 17.93 -19.79 -5.36
CA VAL C 240 17.05 -20.93 -5.19
C VAL C 240 17.15 -21.87 -6.39
N GLN C 241 17.29 -21.31 -7.59
CA GLN C 241 17.44 -22.11 -8.80
C GLN C 241 18.89 -22.32 -9.19
N THR C 242 19.74 -21.32 -8.99
CA THR C 242 21.15 -21.41 -9.37
C THR C 242 22.01 -22.16 -8.36
N GLY C 243 21.47 -22.43 -7.17
CA GLY C 243 22.31 -22.95 -6.10
C GLY C 243 22.64 -24.42 -6.26
N PHE C 244 23.68 -24.83 -5.52
CA PHE C 244 24.07 -26.23 -5.35
C PHE C 244 24.58 -26.87 -6.63
N ALA C 245 25.80 -26.49 -7.04
CA ALA C 245 26.64 -27.12 -8.04
C ALA C 245 26.10 -27.06 -9.46
N ARG C 246 24.91 -26.50 -9.69
CA ARG C 246 24.37 -26.50 -11.04
C ARG C 246 25.16 -25.59 -11.98
N THR C 247 25.70 -24.49 -11.46
CA THR C 247 26.41 -23.51 -12.28
C THR C 247 27.91 -23.76 -12.34
N GLY C 248 28.36 -24.99 -12.08
CA GLY C 248 29.77 -25.32 -12.05
C GLY C 248 30.41 -25.15 -10.70
N LYS C 249 29.99 -24.14 -9.94
CA LYS C 249 30.40 -23.95 -8.56
C LYS C 249 29.20 -24.16 -7.65
N LEU C 250 29.49 -24.30 -6.35
CA LEU C 250 28.46 -24.54 -5.36
C LEU C 250 27.33 -23.52 -5.47
N PHE C 251 27.65 -22.25 -5.28
CA PHE C 251 26.70 -21.17 -5.47
C PHE C 251 27.17 -20.30 -6.62
N ALA C 252 26.20 -19.76 -7.37
CA ALA C 252 26.53 -18.96 -8.54
C ALA C 252 27.29 -17.69 -8.18
N MET C 253 27.10 -17.19 -6.96
CA MET C 253 27.83 -16.00 -6.52
C MET C 253 29.33 -16.25 -6.39
N GLN C 254 29.75 -17.52 -6.26
CA GLN C 254 31.17 -17.83 -6.17
C GLN C 254 31.91 -17.59 -7.48
N HIS C 255 31.18 -17.41 -8.58
CA HIS C 255 31.80 -16.99 -9.84
C HIS C 255 32.18 -15.52 -9.84
N TYR C 256 31.78 -14.76 -8.82
CA TYR C 256 32.07 -13.34 -8.71
C TYR C 256 32.95 -13.08 -7.51
N GLU C 257 33.63 -11.94 -7.53
CA GLU C 257 34.39 -11.51 -6.36
C GLU C 257 33.51 -10.87 -5.30
N VAL C 258 32.39 -10.27 -5.72
CA VAL C 258 31.48 -9.64 -4.79
C VAL C 258 30.68 -10.70 -4.04
N LYS C 259 30.36 -10.40 -2.78
CA LYS C 259 29.59 -11.29 -1.94
C LYS C 259 28.27 -10.63 -1.57
N PRO C 260 27.15 -11.35 -1.65
CA PRO C 260 25.89 -10.78 -1.21
C PRO C 260 25.81 -10.73 0.31
N ASP C 261 24.94 -9.85 0.80
CA ASP C 261 24.71 -9.79 2.24
C ASP C 261 23.81 -10.93 2.69
N LEU C 262 22.90 -11.37 1.83
CA LEU C 262 21.94 -12.41 2.16
C LEU C 262 21.77 -13.33 0.95
N MET C 263 21.50 -14.61 1.22
CA MET C 263 21.32 -15.60 0.17
C MET C 263 20.13 -16.48 0.50
N THR C 264 19.28 -16.72 -0.49
CA THR C 264 18.12 -17.60 -0.35
C THR C 264 18.36 -18.88 -1.14
N MET C 265 18.07 -20.01 -0.53
CA MET C 265 18.22 -21.30 -1.19
C MET C 265 16.95 -22.11 -1.03
N ALA C 266 16.72 -23.00 -1.98
CA ALA C 266 15.74 -24.07 -1.90
C ALA C 266 16.00 -25.01 -3.06
N1 LLP C 267 12.80 -17.97 -6.59
C2 LLP C 267 13.53 -18.53 -7.57
C2' LLP C 267 14.83 -17.83 -8.10
C3 LLP C 267 13.14 -19.78 -8.11
O3 LLP C 267 13.91 -20.37 -9.13
C4 LLP C 267 12.01 -20.42 -7.67
C4' LLP C 267 11.63 -21.85 -8.34
C5 LLP C 267 11.27 -19.86 -6.67
C6 LLP C 267 11.65 -18.63 -6.13
C5' LLP C 267 9.98 -20.56 -6.15
OP4 LLP C 267 10.29 -21.64 -5.29
P LLP C 267 9.15 -22.22 -4.42
OP1 LLP C 267 9.66 -23.44 -3.65
OP2 LLP C 267 8.68 -21.19 -3.48
OP3 LLP C 267 8.02 -22.63 -5.31
N LLP C 267 14.92 -25.58 -3.59
CA LLP C 267 15.00 -26.51 -4.73
CB LLP C 267 15.40 -25.76 -5.99
CG LLP C 267 14.24 -24.80 -6.32
CD LLP C 267 14.23 -24.43 -7.82
CE LLP C 267 12.82 -23.91 -8.18
NZ LLP C 267 12.87 -22.52 -8.65
C LLP C 267 15.97 -27.60 -4.40
O LLP C 267 15.71 -28.39 -3.51
N SER C 268 17.11 -27.64 -5.08
CA SER C 268 18.05 -28.74 -4.92
C SER C 268 18.78 -28.73 -3.58
N LEU C 269 18.34 -27.88 -2.66
CA LEU C 269 18.92 -27.86 -1.31
C LEU C 269 18.72 -29.20 -0.63
N ALA C 270 17.51 -29.75 -0.70
CA ALA C 270 17.20 -31.05 -0.12
C ALA C 270 17.12 -32.16 -1.15
N GLY C 271 17.30 -31.84 -2.43
CA GLY C 271 17.32 -32.83 -3.49
C GLY C 271 16.03 -33.63 -3.61
N GLY C 272 14.90 -32.93 -3.69
CA GLY C 272 13.61 -33.57 -3.80
C GLY C 272 12.81 -33.65 -2.53
N PHE C 273 13.04 -32.76 -1.57
CA PHE C 273 12.32 -32.74 -0.31
C PHE C 273 12.06 -31.29 0.08
N PRO C 274 10.93 -31.01 0.74
CA PRO C 274 10.56 -29.62 1.01
C PRO C 274 11.46 -28.93 2.03
N LEU C 275 12.35 -28.07 1.57
CA LEU C 275 13.19 -27.29 2.46
C LEU C 275 13.76 -26.08 1.72
N SER C 276 13.81 -24.95 2.41
CA SER C 276 14.46 -23.74 1.93
C SER C 276 15.33 -23.19 3.05
N GLY C 277 15.99 -22.06 2.80
CA GLY C 277 16.86 -21.48 3.80
C GLY C 277 17.37 -20.13 3.38
N VAL C 278 17.85 -19.38 4.38
CA VAL C 278 18.45 -18.07 4.16
C VAL C 278 19.78 -18.02 4.91
N VAL C 279 20.83 -17.58 4.23
CA VAL C 279 22.15 -17.42 4.83
C VAL C 279 22.60 -15.98 4.58
N GLY C 280 23.44 -15.48 5.48
CA GLY C 280 23.95 -14.13 5.34
C GLY C 280 24.79 -13.74 6.54
N ARG C 281 25.19 -12.47 6.55
CA ARG C 281 26.01 -11.94 7.64
C ARG C 281 25.33 -12.17 8.98
N ALA C 282 26.14 -12.48 9.99
CA ALA C 282 25.59 -12.89 11.29
C ALA C 282 24.75 -11.79 11.92
N GLU C 283 25.17 -10.53 11.76
CA GLU C 283 24.51 -9.45 12.49
C GLU C 283 23.19 -9.06 11.84
N VAL C 284 23.09 -9.12 10.51
CA VAL C 284 21.85 -8.70 9.85
C VAL C 284 20.76 -9.75 10.03
N MET C 285 21.15 -11.03 9.96
CA MET C 285 20.17 -12.10 10.12
C MET C 285 19.68 -12.24 11.55
N ASP C 286 20.42 -11.69 12.52
CA ASP C 286 20.00 -11.67 13.91
C ASP C 286 19.18 -10.42 14.25
N ALA C 287 18.86 -9.59 13.25
CA ALA C 287 18.11 -8.37 13.46
C ALA C 287 16.68 -8.65 13.91
N PRO C 288 15.96 -9.61 13.32
CA PRO C 288 14.62 -9.92 13.83
C PRO C 288 14.68 -10.42 15.27
N ALA C 289 13.61 -10.14 16.01
CA ALA C 289 13.51 -10.49 17.42
C ALA C 289 13.20 -11.97 17.58
N PRO C 290 13.48 -12.54 18.76
CA PRO C 290 13.10 -13.93 19.03
C PRO C 290 11.60 -14.12 18.86
N GLY C 291 11.23 -15.04 17.96
CA GLY C 291 9.85 -15.28 17.61
C GLY C 291 9.41 -14.64 16.31
N GLY C 292 10.17 -13.66 15.81
CA GLY C 292 9.81 -13.02 14.56
C GLY C 292 9.92 -13.94 13.36
N LEU C 293 10.89 -14.85 13.38
CA LEU C 293 11.06 -15.83 12.33
C LEU C 293 10.51 -17.17 12.79
N GLY C 294 9.81 -17.87 11.90
CA GLY C 294 9.25 -19.15 12.26
C GLY C 294 8.62 -19.87 11.10
N GLY C 295 7.74 -20.82 11.43
CA GLY C 295 7.11 -21.69 10.46
C GLY C 295 7.02 -23.11 10.98
N THR C 296 5.80 -23.68 10.98
CA THR C 296 5.60 -24.98 11.61
C THR C 296 6.42 -26.07 10.93
N TYR C 297 6.32 -26.17 9.61
CA TYR C 297 7.09 -27.16 8.86
C TYR C 297 8.56 -26.78 8.70
N ALA C 298 8.95 -25.58 9.12
CA ALA C 298 10.30 -25.08 8.86
C ALA C 298 11.35 -26.02 9.43
N GLY C 299 12.31 -26.40 8.60
CA GLY C 299 13.35 -27.32 9.02
C GLY C 299 12.83 -28.74 9.19
N ASN C 300 12.12 -29.24 8.18
CA ASN C 300 11.57 -30.58 8.20
C ASN C 300 12.68 -31.60 8.45
N PRO C 301 12.56 -32.45 9.48
CA PRO C 301 13.67 -33.37 9.83
C PRO C 301 14.18 -34.19 8.66
N LEU C 302 13.28 -34.79 7.88
CA LEU C 302 13.71 -35.61 6.75
C LEU C 302 14.40 -34.77 5.69
N ALA C 303 13.80 -33.61 5.35
CA ALA C 303 14.42 -32.73 4.36
C ALA C 303 15.77 -32.21 4.83
N VAL C 304 15.93 -31.99 6.13
CA VAL C 304 17.23 -31.60 6.67
C VAL C 304 18.23 -32.74 6.52
N ALA C 305 17.79 -33.97 6.79
CA ALA C 305 18.65 -35.12 6.58
C ALA C 305 18.95 -35.32 5.10
N ALA C 306 17.99 -35.03 4.23
CA ALA C 306 18.24 -35.13 2.79
C ALA C 306 19.21 -34.05 2.34
N ALA C 307 19.10 -32.85 2.88
CA ALA C 307 20.05 -31.80 2.53
C ALA C 307 21.46 -32.17 2.99
N HIS C 308 21.57 -32.79 4.16
CA HIS C 308 22.89 -33.18 4.66
C HIS C 308 23.61 -34.10 3.67
N ALA C 309 22.89 -35.05 3.08
CA ALA C 309 23.52 -35.98 2.16
C ALA C 309 23.69 -35.38 0.77
N VAL C 310 22.85 -34.42 0.39
CA VAL C 310 23.01 -33.75 -0.90
C VAL C 310 24.35 -33.04 -0.97
N LEU C 311 24.70 -32.32 0.10
CA LEU C 311 26.01 -31.68 0.16
C LEU C 311 27.14 -32.69 0.19
N ASP C 312 26.90 -33.88 0.77
CA ASP C 312 27.89 -34.95 0.70
C ASP C 312 28.05 -35.44 -0.74
N VAL C 313 26.94 -35.57 -1.46
CA VAL C 313 26.98 -36.19 -2.79
C VAL C 313 27.75 -35.31 -3.77
N ILE C 314 27.40 -34.01 -3.83
CA ILE C 314 28.02 -33.12 -4.80
C ILE C 314 29.52 -32.97 -4.56
N ALA C 315 29.99 -33.24 -3.34
CA ALA C 315 31.41 -33.15 -3.06
C ALA C 315 32.14 -34.43 -3.45
N GLU C 316 31.68 -35.58 -2.96
CA GLU C 316 32.37 -36.83 -3.23
C GLU C 316 32.22 -37.25 -4.70
N GLU C 317 31.10 -36.89 -5.33
CA GLU C 317 30.92 -37.17 -6.75
C GLU C 317 31.45 -36.05 -7.65
N GLN C 318 32.00 -34.99 -7.07
CA GLN C 318 32.61 -33.89 -7.81
C GLN C 318 31.62 -33.27 -8.81
N LEU C 319 30.38 -33.10 -8.37
CA LEU C 319 29.34 -32.61 -9.28
C LEU C 319 29.56 -31.16 -9.68
N CYS C 320 30.33 -30.40 -8.91
CA CYS C 320 30.70 -29.05 -9.32
C CYS C 320 31.48 -29.08 -10.63
N GLN C 321 32.52 -29.90 -10.69
CA GLN C 321 33.30 -30.02 -11.92
C GLN C 321 32.55 -30.78 -13.00
N ARG C 322 31.73 -31.76 -12.61
CA ARG C 322 30.95 -32.49 -13.60
C ARG C 322 29.99 -31.55 -14.34
N ALA C 323 29.33 -30.66 -13.61
CA ALA C 323 28.37 -29.72 -14.20
C ALA C 323 28.93 -29.03 -15.43
N GLU C 324 30.12 -28.45 -15.31
CA GLU C 324 30.65 -27.64 -16.40
C GLU C 324 31.06 -28.50 -17.59
N GLN C 325 31.45 -29.75 -17.36
CA GLN C 325 31.78 -30.61 -18.49
C GLN C 325 30.54 -31.28 -19.08
N LEU C 326 29.45 -31.41 -18.33
CA LEU C 326 28.17 -31.74 -18.96
C LEU C 326 27.69 -30.58 -19.81
N GLY C 327 27.75 -29.36 -19.29
CA GLY C 327 27.25 -28.21 -20.01
C GLY C 327 28.14 -27.77 -21.16
N SER C 328 29.45 -28.03 -21.07
CA SER C 328 30.33 -27.70 -22.18
C SER C 328 30.07 -28.63 -23.37
N HIS C 329 29.85 -29.92 -23.09
CA HIS C 329 29.47 -30.84 -24.16
C HIS C 329 28.10 -30.47 -24.73
N LEU C 330 27.19 -30.00 -23.88
CA LEU C 330 25.87 -29.59 -24.36
C LEU C 330 25.95 -28.30 -25.16
N GLN C 331 26.84 -27.38 -24.77
CA GLN C 331 26.92 -26.10 -25.46
C GLN C 331 27.49 -26.23 -26.86
N GLU C 332 28.37 -27.21 -27.09
CA GLU C 332 29.00 -27.30 -28.40
C GLU C 332 28.11 -28.05 -29.41
N VAL C 333 27.31 -29.01 -28.96
CA VAL C 333 26.35 -29.63 -29.88
C VAL C 333 25.21 -28.68 -30.19
N LEU C 334 24.95 -27.70 -29.32
CA LEU C 334 23.98 -26.66 -29.64
C LEU C 334 24.53 -25.70 -30.69
N ASN C 335 25.82 -25.39 -30.60
CA ASN C 335 26.47 -24.54 -31.59
C ASN C 335 26.87 -25.32 -32.85
N GLN C 336 26.88 -26.65 -32.78
CA GLN C 336 26.97 -27.44 -34.00
C GLN C 336 25.67 -27.38 -34.78
N ALA C 337 24.54 -27.53 -34.08
CA ALA C 337 23.24 -27.31 -34.71
C ALA C 337 22.98 -25.84 -34.99
N ARG C 338 23.80 -24.93 -34.45
CA ARG C 338 23.63 -23.51 -34.76
C ARG C 338 23.82 -23.23 -36.24
N ALA C 339 24.68 -24.01 -36.92
CA ALA C 339 25.04 -23.69 -38.30
C ALA C 339 24.03 -24.25 -39.30
N THR C 340 23.51 -25.45 -39.06
CA THR C 340 22.55 -26.07 -39.96
C THR C 340 21.10 -25.94 -39.48
N CYS C 341 20.87 -25.26 -38.35
CA CYS C 341 19.55 -24.82 -37.97
C CYS C 341 19.51 -23.29 -37.99
N PRO C 342 18.48 -22.69 -38.58
CA PRO C 342 18.43 -21.22 -38.72
C PRO C 342 17.83 -20.48 -37.54
N ALA C 343 17.29 -21.17 -36.53
CA ALA C 343 16.52 -20.52 -35.49
C ALA C 343 17.34 -20.13 -34.27
N ILE C 344 18.49 -20.75 -34.04
CA ILE C 344 19.28 -20.45 -32.85
C ILE C 344 19.88 -19.06 -32.99
N VAL C 345 19.50 -18.15 -32.09
CA VAL C 345 20.05 -16.81 -32.07
C VAL C 345 21.04 -16.61 -30.92
N ASP C 346 20.95 -17.40 -29.85
CA ASP C 346 21.86 -17.25 -28.73
C ASP C 346 21.96 -18.58 -27.99
N VAL C 347 23.11 -18.78 -27.33
CA VAL C 347 23.31 -19.94 -26.47
C VAL C 347 23.89 -19.45 -25.15
N ARG C 348 23.03 -19.27 -24.15
CA ARG C 348 23.43 -18.79 -22.84
C ARG C 348 23.63 -19.96 -21.89
N GLY C 349 24.34 -19.69 -20.80
CA GLY C 349 24.50 -20.66 -19.74
C GLY C 349 25.88 -20.62 -19.11
N ARG C 350 25.96 -21.08 -17.87
CA ARG C 350 27.21 -21.26 -17.16
C ARG C 350 27.12 -22.56 -16.38
N GLY C 351 28.16 -23.37 -16.45
CA GLY C 351 28.08 -24.71 -15.87
C GLY C 351 27.06 -25.53 -16.64
N SER C 352 26.12 -26.13 -15.93
CA SER C 352 25.01 -26.86 -16.55
C SER C 352 23.69 -26.12 -16.41
N MET C 353 23.74 -24.81 -16.15
CA MET C 353 22.55 -23.96 -16.22
C MET C 353 22.46 -23.31 -17.60
N VAL C 354 22.33 -24.18 -18.60
CA VAL C 354 22.48 -23.80 -20.00
C VAL C 354 21.10 -23.64 -20.64
N ALA C 355 21.02 -22.75 -21.63
CA ALA C 355 19.79 -22.53 -22.38
C ALA C 355 20.15 -22.10 -23.78
N VAL C 356 19.15 -22.12 -24.67
CA VAL C 356 19.32 -21.69 -26.05
C VAL C 356 18.02 -21.02 -26.50
N GLU C 357 18.14 -19.84 -27.11
CA GLU C 357 17.00 -19.02 -27.48
C GLU C 357 16.71 -19.14 -28.97
N PHE C 358 15.42 -19.16 -29.32
CA PHE C 358 14.97 -19.31 -30.69
C PHE C 358 14.23 -18.05 -31.14
N ASN C 359 14.55 -17.60 -32.34
CA ASN C 359 13.81 -16.54 -33.02
C ASN C 359 13.40 -17.03 -34.40
N ASP C 360 12.28 -16.49 -34.89
CA ASP C 360 11.83 -16.81 -36.23
C ASP C 360 12.89 -16.37 -37.25
N PRO C 361 13.08 -17.14 -38.33
CA PRO C 361 14.13 -16.78 -39.29
C PRO C 361 13.81 -15.53 -40.10
N GLN C 362 12.55 -15.31 -40.46
CA GLN C 362 12.21 -14.19 -41.33
C GLN C 362 12.24 -12.85 -40.62
N THR C 363 12.01 -12.83 -39.31
CA THR C 363 11.89 -11.58 -38.57
C THR C 363 12.71 -11.70 -37.28
N GLY C 364 12.45 -10.79 -36.35
CA GLY C 364 12.95 -10.89 -35.00
C GLY C 364 11.80 -10.93 -34.03
N GLU C 365 10.88 -11.86 -34.25
CA GLU C 365 9.70 -12.03 -33.40
C GLU C 365 9.65 -13.50 -32.98
N PRO C 366 10.07 -13.81 -31.75
CA PRO C 366 10.37 -15.20 -31.39
C PRO C 366 9.19 -16.12 -31.60
N SER C 367 9.50 -17.39 -31.84
CA SER C 367 8.48 -18.39 -32.08
C SER C 367 8.32 -19.25 -30.83
N PRO C 368 7.30 -19.03 -30.00
CA PRO C 368 6.96 -20.05 -29.00
C PRO C 368 6.62 -21.37 -29.65
N GLU C 369 5.97 -21.33 -30.82
CA GLU C 369 5.61 -22.55 -31.53
C GLU C 369 6.83 -23.37 -31.88
N PHE C 370 7.86 -22.73 -32.45
CA PHE C 370 9.12 -23.42 -32.70
C PHE C 370 9.69 -23.98 -31.41
N THR C 371 9.58 -23.23 -30.31
CA THR C 371 9.94 -23.76 -29.01
C THR C 371 8.98 -24.87 -28.60
N ARG C 372 7.68 -24.71 -28.91
CA ARG C 372 6.72 -25.78 -28.66
C ARG C 372 6.91 -26.94 -29.62
N LEU C 373 7.27 -26.65 -30.87
CA LEU C 373 7.48 -27.73 -31.84
C LEU C 373 8.66 -28.60 -31.43
N VAL C 374 9.80 -27.97 -31.11
CA VAL C 374 10.93 -28.72 -30.57
C VAL C 374 10.58 -29.26 -29.18
N GLN C 375 9.66 -28.60 -28.46
CA GLN C 375 9.09 -29.18 -27.27
C GLN C 375 8.27 -30.44 -27.59
N GLN C 376 7.61 -30.44 -28.74
CA GLN C 376 6.72 -31.53 -29.15
C GLN C 376 7.47 -32.68 -29.83
N LYS C 377 8.76 -32.52 -30.09
CA LYS C 377 9.56 -33.56 -30.73
C LYS C 377 10.34 -34.39 -29.71
N ALA C 378 11.04 -33.74 -28.78
CA ALA C 378 11.62 -34.47 -27.66
C ALA C 378 10.55 -35.11 -26.80
N GLN C 379 9.31 -34.61 -26.86
CA GLN C 379 8.21 -35.22 -26.14
C GLN C 379 7.90 -36.61 -26.68
N GLU C 380 7.70 -36.74 -27.99
CA GLU C 380 7.46 -38.03 -28.61
C GLU C 380 8.72 -38.88 -28.72
N ASN C 381 9.89 -38.31 -28.44
CA ASN C 381 11.15 -39.02 -28.51
C ASN C 381 11.69 -39.38 -27.13
N GLY C 382 10.90 -39.23 -26.09
CA GLY C 382 11.31 -39.63 -24.76
C GLY C 382 12.31 -38.71 -24.08
N LEU C 383 12.08 -37.40 -24.14
CA LEU C 383 12.99 -36.44 -23.53
C LEU C 383 12.19 -35.23 -23.08
N LEU C 384 12.25 -34.93 -21.79
CA LEU C 384 11.45 -33.87 -21.17
C LEU C 384 12.32 -32.67 -20.86
N LEU C 385 11.98 -31.52 -21.44
CA LEU C 385 12.66 -30.26 -21.15
C LEU C 385 11.63 -29.14 -21.07
N LEU C 386 12.04 -28.03 -20.47
CA LEU C 386 11.12 -26.97 -20.06
C LEU C 386 11.27 -25.73 -20.93
N SER C 387 10.26 -24.87 -20.83
CA SER C 387 10.27 -23.55 -21.42
C SER C 387 10.62 -22.51 -20.36
N CYS C 388 10.98 -21.31 -20.83
CA CYS C 388 11.16 -20.14 -19.97
C CYS C 388 11.31 -18.89 -20.83
N GLY C 389 11.79 -17.81 -20.23
CA GLY C 389 11.91 -16.56 -20.93
C GLY C 389 10.60 -15.78 -20.95
N VAL C 390 10.73 -14.46 -21.14
CA VAL C 390 9.55 -13.60 -21.09
C VAL C 390 8.66 -13.79 -22.30
N TYR C 391 9.19 -14.32 -23.40
CA TYR C 391 8.39 -14.61 -24.59
C TYR C 391 8.15 -16.10 -24.79
N GLY C 392 8.62 -16.94 -23.87
CA GLY C 392 8.47 -18.37 -24.00
C GLY C 392 9.15 -18.91 -25.24
N ASN C 393 10.40 -18.49 -25.46
CA ASN C 393 11.11 -18.83 -26.69
C ASN C 393 12.49 -19.41 -26.44
N VAL C 394 12.81 -19.76 -25.20
CA VAL C 394 14.13 -20.31 -24.86
C VAL C 394 13.92 -21.59 -24.06
N ILE C 395 14.65 -22.63 -24.44
CA ILE C 395 14.60 -23.91 -23.73
C ILE C 395 15.72 -23.93 -22.70
N ARG C 396 15.38 -24.33 -21.48
CA ARG C 396 16.38 -24.51 -20.43
C ARG C 396 16.68 -25.98 -20.24
N PHE C 397 17.94 -26.29 -19.97
CA PHE C 397 18.43 -27.65 -19.82
C PHE C 397 18.71 -27.89 -18.34
N LEU C 398 17.76 -28.50 -17.65
CA LEU C 398 17.89 -28.73 -16.21
C LEU C 398 17.94 -30.21 -15.90
N TYR C 399 18.80 -30.94 -16.63
CA TYR C 399 19.01 -32.34 -16.34
C TYR C 399 19.68 -32.49 -14.97
N PRO C 400 19.38 -33.58 -14.26
CA PRO C 400 20.14 -33.86 -13.03
C PRO C 400 21.62 -33.97 -13.34
N LEU C 401 22.44 -33.37 -12.48
CA LEU C 401 23.89 -33.49 -12.61
C LEU C 401 24.35 -34.94 -12.52
N THR C 402 23.52 -35.83 -11.97
CA THR C 402 23.86 -37.22 -11.79
C THR C 402 23.57 -38.08 -13.02
N ILE C 403 23.26 -37.47 -14.15
CA ILE C 403 22.85 -38.24 -15.32
C ILE C 403 24.04 -39.06 -15.82
N PRO C 404 23.87 -40.36 -16.09
CA PRO C 404 24.95 -41.15 -16.67
C PRO C 404 25.38 -40.60 -18.02
N ASP C 405 26.63 -40.91 -18.39
CA ASP C 405 27.20 -40.38 -19.61
C ASP C 405 26.47 -40.90 -20.85
N ALA C 406 26.16 -42.20 -20.87
CA ALA C 406 25.43 -42.75 -22.01
C ALA C 406 24.03 -42.18 -22.10
N GLN C 407 23.39 -41.94 -20.95
CA GLN C 407 22.06 -41.31 -20.95
C GLN C 407 22.12 -39.90 -21.53
N PHE C 408 23.15 -39.14 -21.15
CA PHE C 408 23.31 -37.79 -21.68
C PHE C 408 23.63 -37.80 -23.16
N SER C 409 24.53 -38.70 -23.59
CA SER C 409 24.89 -38.79 -25.01
C SER C 409 23.68 -39.14 -25.86
N LYS C 410 22.79 -39.98 -25.34
CA LYS C 410 21.55 -40.28 -26.07
C LYS C 410 20.69 -39.03 -26.21
N ALA C 411 20.43 -38.34 -25.10
CA ALA C 411 19.54 -37.19 -25.10
C ALA C 411 20.04 -36.10 -26.04
N LEU C 412 21.36 -35.89 -26.09
CA LEU C 412 21.91 -34.90 -27.01
C LEU C 412 21.74 -35.34 -28.46
N ASP C 413 21.89 -36.64 -28.73
CA ASP C 413 21.57 -37.15 -30.05
C ASP C 413 20.12 -36.87 -30.39
N ILE C 414 19.19 -37.27 -29.50
CA ILE C 414 17.79 -36.95 -29.72
C ILE C 414 17.60 -35.45 -29.90
N LEU C 415 18.28 -34.64 -29.09
CA LEU C 415 18.16 -33.19 -29.19
C LEU C 415 18.65 -32.70 -30.54
N ALA C 416 19.71 -33.30 -31.08
CA ALA C 416 20.23 -32.84 -32.37
C ALA C 416 19.25 -33.13 -33.50
N ARG C 417 18.54 -34.25 -33.43
CA ARG C 417 17.64 -34.62 -34.53
C ARG C 417 16.42 -33.71 -34.58
N VAL C 418 15.92 -33.29 -33.41
CA VAL C 418 14.71 -32.47 -33.37
C VAL C 418 14.95 -31.03 -33.81
N LEU C 419 16.20 -30.57 -33.82
CA LEU C 419 16.48 -29.21 -34.30
C LEU C 419 16.59 -29.16 -35.81
N LYS C 420 17.05 -30.24 -36.43
CA LYS C 420 17.25 -30.27 -37.88
C LYS C 420 15.92 -30.19 -38.62
N SER C 421 15.02 -31.12 -38.33
CA SER C 421 13.74 -31.20 -39.03
C SER C 421 12.93 -29.91 -38.90
N SER D 3 24.05 -31.63 26.74
CA SER D 3 23.49 -31.00 25.55
C SER D 3 23.64 -29.49 25.62
N SER D 4 24.32 -29.01 26.66
CA SER D 4 24.49 -27.57 26.84
C SER D 4 25.39 -26.96 25.77
N GLU D 5 26.33 -27.74 25.26
CA GLU D 5 27.23 -27.23 24.21
C GLU D 5 26.52 -27.11 22.86
N LEU D 6 25.51 -27.95 22.62
CA LEU D 6 24.76 -27.83 21.37
C LEU D 6 23.80 -26.65 21.40
N ASN D 7 23.31 -26.29 22.59
CA ASN D 7 22.51 -25.08 22.73
C ASN D 7 23.28 -23.86 22.24
N GLN D 8 24.57 -23.79 22.57
CA GLN D 8 25.38 -22.65 22.13
C GLN D 8 25.87 -22.82 20.70
N ARG D 9 26.06 -24.06 20.24
CA ARG D 9 26.38 -24.28 18.84
C ARG D 9 25.28 -23.75 17.94
N ARG D 10 24.03 -23.79 18.41
CA ARG D 10 22.91 -23.23 17.65
C ARG D 10 22.88 -21.72 17.77
N GLN D 11 23.11 -21.19 18.98
CA GLN D 11 23.06 -19.75 19.18
C GLN D 11 24.07 -19.01 18.32
N GLN D 12 25.08 -19.71 17.81
CA GLN D 12 26.10 -19.11 16.95
C GLN D 12 25.96 -19.51 15.49
N ALA D 13 24.97 -20.33 15.14
CA ALA D 13 24.79 -20.79 13.77
C ALA D 13 23.40 -20.54 13.20
N THR D 14 22.36 -20.46 14.04
CA THR D 14 21.01 -20.14 13.59
C THR D 14 20.51 -18.88 14.28
N PRO D 15 19.88 -17.97 13.55
CA PRO D 15 19.61 -16.63 14.10
C PRO D 15 18.68 -16.65 15.30
N ARG D 16 18.74 -15.57 16.08
CA ARG D 16 17.89 -15.43 17.26
C ARG D 16 16.41 -15.36 16.90
N GLY D 17 16.08 -14.99 15.66
CA GLY D 17 14.70 -14.89 15.24
C GLY D 17 13.93 -16.20 15.32
N VAL D 18 14.64 -17.33 15.25
CA VAL D 18 14.01 -18.64 15.38
C VAL D 18 14.03 -18.98 16.87
N GLY D 19 12.98 -18.54 17.57
CA GLY D 19 12.87 -18.86 18.98
C GLY D 19 12.49 -20.31 19.19
N VAL D 20 13.00 -20.88 20.28
CA VAL D 20 12.76 -22.28 20.62
C VAL D 20 12.47 -22.36 22.12
N MET D 21 11.42 -23.10 22.48
CA MET D 21 10.91 -23.07 23.85
C MET D 21 11.68 -24.01 24.76
N CYS D 22 11.64 -25.31 24.48
CA CYS D 22 12.21 -26.31 25.37
C CYS D 22 13.74 -26.30 25.29
N ASN D 23 14.37 -26.60 26.42
CA ASN D 23 15.84 -26.67 26.50
C ASN D 23 16.57 -27.79 25.74
N TYR D 24 16.01 -28.99 25.82
CA TYR D 24 16.51 -30.22 25.22
C TYR D 24 16.16 -30.54 23.77
N PHE D 25 16.99 -31.32 23.06
CA PHE D 25 16.60 -31.66 21.70
C PHE D 25 15.94 -33.03 21.61
N VAL D 26 15.40 -33.30 20.43
CA VAL D 26 14.67 -34.51 20.10
C VAL D 26 15.64 -35.53 19.51
N GLU D 27 15.39 -36.82 19.80
CA GLU D 27 16.11 -37.90 19.15
C GLU D 27 15.18 -38.87 18.42
N LYS D 28 14.09 -39.29 19.07
CA LYS D 28 13.07 -40.12 18.45
C LYS D 28 11.72 -39.74 19.01
N ALA D 29 10.68 -40.03 18.24
CA ALA D 29 9.32 -39.66 18.61
C ALA D 29 8.37 -40.80 18.26
N GLU D 30 7.48 -41.13 19.20
CA GLU D 30 6.48 -42.20 18.95
C GLU D 30 5.11 -41.84 19.46
N ASN D 31 4.13 -41.85 18.57
CA ASN D 31 2.80 -41.58 19.02
C ASN D 31 2.93 -40.19 19.57
N ALA D 32 2.62 -40.09 20.85
CA ALA D 32 2.66 -38.82 21.57
C ALA D 32 3.69 -38.87 22.68
N THR D 33 4.75 -39.63 22.47
CA THR D 33 5.84 -39.78 23.43
C THR D 33 7.13 -39.36 22.74
N LEU D 34 7.83 -38.41 23.33
CA LEU D 34 9.07 -37.89 22.78
C LEU D 34 10.25 -38.30 23.65
N TRP D 35 11.34 -38.67 23.00
CA TRP D 35 12.59 -39.02 23.69
C TRP D 35 13.63 -37.94 23.42
N ASP D 36 14.24 -37.44 24.48
CA ASP D 36 15.31 -36.45 24.40
C ASP D 36 16.58 -37.21 24.07
N ILE D 37 17.68 -36.47 23.94
CA ILE D 37 19.02 -37.04 23.93
C ILE D 37 19.47 -37.84 25.16
N GLU D 38 18.91 -37.58 26.34
CA GLU D 38 19.38 -38.15 27.60
C GLU D 38 18.43 -39.19 28.19
N GLY D 39 17.60 -39.83 27.35
CA GLY D 39 16.70 -40.87 27.82
C GLY D 39 15.40 -40.38 28.44
N ASN D 40 15.30 -39.08 28.75
CA ASN D 40 14.06 -38.53 29.28
C ASN D 40 12.90 -38.85 28.35
N GLU D 41 11.78 -39.23 28.97
CA GLU D 41 10.55 -39.58 28.26
C GLU D 41 9.48 -38.56 28.63
N VAL D 42 8.94 -37.86 27.62
CA VAL D 42 7.95 -36.81 27.82
C VAL D 42 6.77 -37.10 26.90
N ILE D 43 5.57 -37.22 27.49
CA ILE D 43 4.35 -37.38 26.72
C ILE D 43 4.01 -36.06 26.06
N ASP D 44 3.74 -36.09 24.76
CA ASP D 44 3.58 -34.87 23.97
C ASP D 44 2.12 -34.43 23.98
N PHE D 45 1.82 -33.38 24.73
CA PHE D 45 0.55 -32.68 24.65
C PHE D 45 0.61 -31.49 23.70
N ALA D 46 1.62 -31.46 22.84
CA ALA D 46 1.76 -30.41 21.83
C ALA D 46 1.56 -30.93 20.42
N ALA D 47 2.03 -32.14 20.14
CA ALA D 47 1.99 -32.72 18.79
C ALA D 47 2.41 -31.67 17.76
N GLY D 48 3.54 -31.04 18.03
CA GLY D 48 4.11 -30.04 17.13
C GLY D 48 3.14 -29.00 16.63
N ILE D 49 2.28 -28.50 17.53
CA ILE D 49 1.22 -27.55 17.20
C ILE D 49 0.17 -28.13 16.26
N ALA D 50 -0.54 -29.15 16.73
CA ALA D 50 -1.65 -29.79 16.00
C ALA D 50 -1.14 -30.41 14.70
N VAL D 51 0.16 -30.70 14.60
CA VAL D 51 0.71 -31.24 13.36
C VAL D 51 0.55 -32.75 13.26
N LEU D 52 0.32 -33.44 14.39
CA LEU D 52 0.25 -34.90 14.43
C LEU D 52 -0.98 -35.34 15.23
N ASN D 53 -2.17 -35.19 14.63
CA ASN D 53 -3.36 -35.75 15.24
C ASN D 53 -3.31 -37.28 15.24
N THR D 54 -2.69 -37.87 14.21
CA THR D 54 -2.52 -39.32 14.14
C THR D 54 -1.21 -39.78 14.76
N GLY D 55 -0.48 -38.91 15.44
CA GLY D 55 0.63 -39.31 16.26
C GLY D 55 1.97 -39.24 15.53
N HIS D 56 3.04 -39.14 16.34
CA HIS D 56 4.39 -39.18 15.82
C HIS D 56 4.67 -40.55 15.21
N ARG D 57 4.91 -40.59 13.90
CA ARG D 57 5.33 -41.79 13.19
C ARG D 57 4.30 -42.92 13.36
N HIS D 58 3.08 -42.65 12.91
CA HIS D 58 2.05 -43.68 12.95
C HIS D 58 2.39 -44.78 11.94
N PRO D 59 2.24 -46.07 12.30
CA PRO D 59 2.76 -47.15 11.44
C PRO D 59 2.21 -47.17 10.04
N LYS D 60 0.94 -46.78 9.82
CA LYS D 60 0.36 -46.88 8.48
C LYS D 60 1.08 -45.95 7.51
N VAL D 61 0.95 -44.64 7.71
CA VAL D 61 1.47 -43.73 6.69
C VAL D 61 3.00 -43.71 6.67
N VAL D 62 3.65 -44.06 7.78
CA VAL D 62 5.09 -44.31 7.71
C VAL D 62 5.37 -45.45 6.73
N ALA D 63 4.44 -46.39 6.61
CA ALA D 63 4.53 -47.37 5.54
C ALA D 63 4.04 -46.81 4.21
N ALA D 64 3.13 -45.84 4.25
CA ALA D 64 2.68 -45.19 3.02
C ALA D 64 3.72 -44.22 2.46
N VAL D 65 4.55 -43.65 3.32
CA VAL D 65 5.64 -42.81 2.80
C VAL D 65 6.83 -43.66 2.36
N ALA D 66 6.98 -44.85 2.93
CA ALA D 66 8.09 -45.72 2.53
C ALA D 66 7.88 -46.28 1.14
N ASP D 67 6.66 -46.72 0.83
CA ASP D 67 6.36 -47.15 -0.53
C ASP D 67 6.38 -45.97 -1.49
N GLN D 68 5.83 -44.83 -1.07
CA GLN D 68 5.91 -43.63 -1.88
C GLN D 68 7.35 -43.17 -2.08
N LEU D 69 8.26 -43.52 -1.17
CA LEU D 69 9.66 -43.16 -1.35
C LEU D 69 10.22 -43.80 -2.61
N GLN D 70 10.29 -45.13 -2.64
CA GLN D 70 10.90 -45.83 -3.76
C GLN D 70 9.97 -45.87 -4.98
N ALA D 71 9.02 -44.95 -5.02
CA ALA D 71 8.26 -44.64 -6.23
C ALA D 71 8.73 -43.33 -6.84
N PHE D 72 8.62 -42.23 -6.10
CA PHE D 72 9.21 -40.94 -6.46
C PHE D 72 8.98 -39.99 -5.29
N THR D 73 10.01 -39.19 -4.98
CA THR D 73 9.94 -38.24 -3.88
C THR D 73 9.53 -36.84 -4.32
N HIS D 74 9.92 -36.42 -5.52
CA HIS D 74 9.56 -35.10 -6.02
C HIS D 74 9.55 -35.13 -7.53
N THR D 75 8.60 -34.44 -8.12
CA THR D 75 8.54 -34.32 -9.58
C THR D 75 7.96 -32.99 -10.05
N ALA D 76 7.57 -32.10 -9.13
CA ALA D 76 6.92 -30.83 -9.45
C ALA D 76 5.63 -31.08 -10.22
N TYR D 77 4.49 -31.04 -9.51
CA TYR D 77 3.20 -31.36 -10.10
C TYR D 77 2.87 -30.49 -11.32
N GLN D 78 3.50 -29.32 -11.44
CA GLN D 78 3.20 -28.41 -12.55
C GLN D 78 3.67 -28.94 -13.90
N ILE D 79 4.51 -29.97 -13.93
CA ILE D 79 5.01 -30.51 -15.19
C ILE D 79 4.60 -31.97 -15.30
N VAL D 80 5.12 -32.80 -14.39
CA VAL D 80 4.79 -34.22 -14.34
C VAL D 80 3.84 -34.43 -13.17
N PRO D 81 2.55 -34.64 -13.41
CA PRO D 81 1.60 -34.88 -12.32
C PRO D 81 1.62 -36.34 -11.90
N TYR D 82 1.04 -36.60 -10.72
CA TYR D 82 0.92 -37.93 -10.17
C TYR D 82 -0.53 -38.20 -9.79
N GLU D 83 -0.93 -39.47 -9.89
CA GLU D 83 -2.30 -39.85 -9.57
C GLU D 83 -2.60 -39.79 -8.08
N SER D 84 -1.58 -39.67 -7.23
CA SER D 84 -1.84 -39.48 -5.81
C SER D 84 -2.32 -38.07 -5.50
N TYR D 85 -2.07 -37.12 -6.40
CA TYR D 85 -2.62 -35.77 -6.23
C TYR D 85 -4.12 -35.76 -6.47
N VAL D 86 -4.56 -36.25 -7.63
CA VAL D 86 -5.99 -36.38 -7.90
C VAL D 86 -6.63 -37.35 -6.92
N SER D 87 -5.84 -38.29 -6.37
CA SER D 87 -6.39 -39.27 -5.43
C SER D 87 -6.96 -38.58 -4.20
N LEU D 88 -6.27 -37.58 -3.68
CA LEU D 88 -6.72 -36.88 -2.48
C LEU D 88 -7.68 -35.74 -2.81
N ALA D 89 -7.43 -35.01 -3.89
CA ALA D 89 -8.36 -33.96 -4.31
C ALA D 89 -9.77 -34.52 -4.48
N GLU D 90 -9.87 -35.79 -4.90
CA GLU D 90 -11.18 -36.44 -4.97
C GLU D 90 -11.77 -36.62 -3.58
N ARG D 91 -10.97 -37.11 -2.64
CA ARG D 91 -11.50 -37.46 -1.32
C ARG D 91 -11.96 -36.23 -0.56
N ILE D 92 -11.11 -35.20 -0.47
CA ILE D 92 -11.46 -34.02 0.32
C ILE D 92 -12.63 -33.28 -0.29
N ASN D 93 -12.76 -33.28 -1.63
CA ASN D 93 -13.93 -32.70 -2.26
C ASN D 93 -15.22 -33.38 -1.82
N ASP D 94 -15.14 -34.63 -1.38
CA ASP D 94 -16.31 -35.34 -0.88
C ASP D 94 -16.52 -35.17 0.62
N LEU D 95 -15.46 -34.83 1.37
CA LEU D 95 -15.56 -34.66 2.81
C LEU D 95 -15.67 -33.20 3.25
N ALA D 96 -15.27 -32.25 2.40
CA ALA D 96 -15.28 -30.86 2.79
C ALA D 96 -16.71 -30.32 2.83
N PRO D 97 -17.03 -29.48 3.80
CA PRO D 97 -18.39 -28.90 3.91
C PRO D 97 -18.55 -27.66 3.02
N ILE D 98 -18.59 -27.88 1.72
CA ILE D 98 -18.72 -26.82 0.74
C ILE D 98 -20.01 -27.05 -0.06
N ASP D 99 -20.82 -26.00 -0.19
CA ASP D 99 -22.09 -26.12 -0.90
C ASP D 99 -21.84 -26.28 -2.40
N GLY D 100 -22.26 -27.43 -2.94
CA GLY D 100 -22.10 -27.70 -4.36
C GLY D 100 -20.83 -28.45 -4.66
N PRO D 101 -20.45 -28.50 -5.94
CA PRO D 101 -19.20 -29.20 -6.31
C PRO D 101 -17.99 -28.48 -5.73
N ALA D 102 -17.05 -29.28 -5.22
CA ALA D 102 -15.84 -28.76 -4.60
C ALA D 102 -14.62 -29.16 -5.44
N LYS D 103 -13.60 -28.31 -5.40
CA LYS D 103 -12.34 -28.56 -6.08
C LYS D 103 -11.19 -28.18 -5.17
N THR D 104 -10.10 -28.92 -5.26
CA THR D 104 -9.01 -28.83 -4.30
C THR D 104 -7.67 -28.67 -5.01
N ALA D 105 -6.88 -27.70 -4.56
CA ALA D 105 -5.48 -27.56 -4.93
C ALA D 105 -4.62 -27.71 -3.68
N PHE D 106 -3.42 -28.24 -3.86
CA PHE D 106 -2.53 -28.55 -2.76
C PHE D 106 -1.26 -27.71 -2.83
N PHE D 107 -0.77 -27.31 -1.66
CA PHE D 107 0.47 -26.55 -1.54
C PHE D 107 1.27 -27.16 -0.40
N THR D 108 2.30 -26.45 0.07
CA THR D 108 3.26 -27.04 1.02
C THR D 108 3.03 -26.57 2.45
N THR D 109 3.09 -25.26 2.69
CA THR D 109 2.93 -24.74 4.05
C THR D 109 1.56 -24.11 4.23
N GLY D 110 1.12 -24.07 5.50
CA GLY D 110 -0.19 -23.53 5.80
C GLY D 110 -0.33 -22.07 5.41
N ALA D 111 0.75 -21.30 5.58
CA ALA D 111 0.72 -19.91 5.14
C ALA D 111 0.49 -19.80 3.64
N GLU D 112 0.96 -20.78 2.87
CA GLU D 112 0.72 -20.79 1.43
C GLU D 112 -0.73 -21.12 1.11
N ALA D 113 -1.38 -21.93 1.96
CA ALA D 113 -2.79 -22.24 1.74
C ALA D 113 -3.66 -20.99 1.91
N VAL D 114 -3.52 -20.30 3.04
CA VAL D 114 -4.25 -19.05 3.25
C VAL D 114 -3.84 -18.03 2.20
N GLU D 115 -2.56 -18.03 1.81
CA GLU D 115 -2.10 -17.16 0.75
C GLU D 115 -2.86 -17.41 -0.55
N ASN D 116 -2.94 -18.69 -0.95
CA ASN D 116 -3.62 -19.02 -2.20
C ASN D 116 -5.13 -18.80 -2.09
N ALA D 117 -5.71 -19.02 -0.91
CA ALA D 117 -7.11 -18.70 -0.71
C ALA D 117 -7.37 -17.22 -0.96
N VAL D 118 -6.42 -16.37 -0.56
CA VAL D 118 -6.53 -14.94 -0.86
C VAL D 118 -6.45 -14.71 -2.36
N LYS D 119 -5.51 -15.38 -3.03
CA LYS D 119 -5.37 -15.23 -4.48
C LYS D 119 -6.64 -15.67 -5.20
N ILE D 120 -7.24 -16.78 -4.77
CA ILE D 120 -8.46 -17.25 -5.39
C ILE D 120 -9.63 -16.33 -5.05
N ALA D 121 -9.67 -15.84 -3.80
CA ALA D 121 -10.72 -14.89 -3.43
C ALA D 121 -10.61 -13.60 -4.22
N ARG D 122 -9.38 -13.13 -4.45
CA ARG D 122 -9.19 -11.91 -5.22
C ARG D 122 -9.50 -12.13 -6.70
N ALA D 123 -9.09 -13.28 -7.24
CA ALA D 123 -9.31 -13.54 -8.66
C ALA D 123 -10.80 -13.71 -8.97
N TYR D 124 -11.59 -14.20 -8.02
CA TYR D 124 -13.01 -14.41 -8.26
C TYR D 124 -13.81 -13.12 -8.05
N THR D 125 -13.43 -12.33 -7.05
CA THR D 125 -14.16 -11.12 -6.71
C THR D 125 -13.66 -9.90 -7.47
N GLY D 126 -12.39 -9.87 -7.84
CA GLY D 126 -11.81 -8.66 -8.38
C GLY D 126 -11.70 -7.54 -7.38
N ARG D 127 -11.80 -7.84 -6.08
CA ARG D 127 -11.81 -6.89 -5.00
C ARG D 127 -10.53 -6.98 -4.17
N PRO D 128 -10.09 -5.88 -3.56
CA PRO D 128 -8.85 -5.90 -2.79
C PRO D 128 -9.03 -6.24 -1.31
N GLY D 129 -10.23 -6.06 -0.80
CA GLY D 129 -10.43 -6.06 0.65
C GLY D 129 -10.30 -7.45 1.26
N LEU D 130 -9.70 -7.50 2.45
CA LEU D 130 -9.59 -8.71 3.25
C LEU D 130 -9.79 -8.33 4.71
N ILE D 131 -10.68 -9.05 5.39
CA ILE D 131 -11.02 -8.77 6.78
C ILE D 131 -10.74 -10.01 7.61
N THR D 132 -9.95 -9.84 8.67
CA THR D 132 -9.73 -10.90 9.65
C THR D 132 -10.15 -10.41 11.03
N PHE D 133 -9.69 -11.08 12.09
CA PHE D 133 -10.11 -10.75 13.44
C PHE D 133 -8.91 -10.71 14.37
N GLY D 134 -9.08 -9.97 15.47
CA GLY D 134 -8.02 -9.88 16.45
C GLY D 134 -7.73 -11.22 17.10
N GLY D 135 -6.44 -11.48 17.34
CA GLY D 135 -6.02 -12.77 17.83
C GLY D 135 -5.95 -13.86 16.79
N GLY D 136 -6.42 -13.60 15.57
CA GLY D 136 -6.33 -14.61 14.53
C GLY D 136 -4.92 -14.73 14.00
N PHE D 137 -4.53 -15.96 13.69
CA PHE D 137 -3.21 -16.26 13.12
C PHE D 137 -3.40 -17.00 11.81
N HIS D 138 -2.77 -16.50 10.77
CA HIS D 138 -2.85 -17.12 9.47
C HIS D 138 -1.56 -17.37 8.72
N GLY D 139 -0.41 -17.19 9.33
CA GLY D 139 0.87 -17.45 8.71
C GLY D 139 1.85 -16.33 8.94
N ARG D 140 3.07 -16.54 8.43
CA ARG D 140 4.18 -15.63 8.68
C ARG D 140 4.74 -14.99 7.42
N THR D 141 4.07 -15.12 6.28
CA THR D 141 4.49 -14.38 5.10
C THR D 141 3.85 -12.98 5.12
N PHE D 142 4.23 -12.14 4.15
CA PHE D 142 3.84 -10.74 4.18
C PHE D 142 2.34 -10.56 4.28
N MET D 143 1.59 -11.22 3.40
CA MET D 143 0.13 -11.09 3.43
C MET D 143 -0.47 -11.77 4.65
N THR D 144 0.03 -12.96 5.01
CA THR D 144 -0.53 -13.69 6.14
C THR D 144 -0.22 -13.00 7.46
N MET D 145 0.91 -12.29 7.55
CA MET D 145 1.18 -11.50 8.74
C MET D 145 0.22 -10.31 8.83
N ALA D 146 -0.11 -9.70 7.69
CA ALA D 146 -1.13 -8.65 7.69
C ALA D 146 -2.47 -9.22 8.14
N LEU D 147 -2.82 -10.42 7.68
CA LEU D 147 -4.06 -11.05 8.12
C LEU D 147 -3.99 -11.50 9.58
N THR D 148 -2.79 -11.82 10.06
CA THR D 148 -2.63 -12.21 11.45
C THR D 148 -3.01 -11.06 12.38
N GLY D 149 -3.70 -11.39 13.47
CA GLY D 149 -4.20 -10.37 14.38
C GLY D 149 -3.41 -10.22 15.66
N LYS D 150 -2.14 -10.62 15.63
CA LYS D 150 -1.25 -10.49 16.79
C LYS D 150 0.08 -9.93 16.29
N VAL D 151 0.39 -8.71 16.71
CA VAL D 151 1.59 -8.03 16.20
C VAL D 151 2.85 -8.65 16.79
N ALA D 152 3.00 -8.58 18.10
CA ALA D 152 4.19 -9.11 18.72
C ALA D 152 3.98 -10.59 19.05
N PRO D 153 4.94 -11.46 18.73
CA PRO D 153 6.18 -11.07 18.05
C PRO D 153 6.12 -11.33 16.55
N TYR D 154 4.91 -11.54 16.03
CA TYR D 154 4.75 -12.13 14.71
C TYR D 154 5.11 -11.13 13.60
N LYS D 155 4.69 -9.87 13.74
CA LYS D 155 4.99 -8.87 12.73
C LYS D 155 5.77 -7.69 13.26
N ILE D 156 6.29 -7.76 14.48
CA ILE D 156 7.10 -6.67 15.02
C ILE D 156 8.37 -6.54 14.18
N GLY D 157 8.54 -5.38 13.57
CA GLY D 157 9.75 -5.09 12.81
C GLY D 157 9.76 -5.53 11.36
N PHE D 158 8.61 -5.88 10.79
CA PHE D 158 8.55 -6.32 9.40
C PHE D 158 7.60 -5.50 8.55
N GLY D 159 7.13 -4.35 9.04
CA GLY D 159 6.27 -3.49 8.28
C GLY D 159 7.03 -2.71 7.23
N PRO D 160 6.30 -1.88 6.47
CA PRO D 160 4.84 -1.69 6.55
C PRO D 160 4.08 -2.78 5.82
N PHE D 161 2.77 -2.85 6.04
CA PHE D 161 1.93 -3.91 5.53
C PHE D 161 0.90 -3.36 4.55
N PRO D 162 0.38 -4.19 3.65
CA PRO D 162 -0.46 -3.67 2.57
C PRO D 162 -1.79 -3.12 3.09
N GLY D 163 -2.41 -2.29 2.26
CA GLY D 163 -3.71 -1.75 2.57
C GLY D 163 -4.83 -2.73 2.31
N SER D 164 -6.05 -2.26 2.54
CA SER D 164 -7.28 -3.03 2.34
C SER D 164 -7.34 -4.27 3.23
N VAL D 165 -6.59 -4.28 4.34
CA VAL D 165 -6.61 -5.38 5.29
C VAL D 165 -6.88 -4.80 6.67
N TYR D 166 -8.00 -5.19 7.27
CA TYR D 166 -8.40 -4.68 8.57
C TYR D 166 -8.89 -5.84 9.43
N HIS D 167 -8.99 -5.58 10.74
CA HIS D 167 -9.29 -6.63 11.71
C HIS D 167 -10.51 -6.23 12.53
N GLY D 168 -11.53 -7.07 12.50
CA GLY D 168 -12.63 -6.95 13.43
C GLY D 168 -12.29 -7.56 14.77
N VAL D 169 -13.28 -7.56 15.66
CA VAL D 169 -13.14 -8.12 17.00
C VAL D 169 -13.79 -9.50 17.02
N TYR D 170 -13.05 -10.50 17.47
CA TYR D 170 -13.54 -11.87 17.49
C TYR D 170 -14.54 -12.05 18.63
N PRO D 171 -15.68 -12.71 18.39
CA PRO D 171 -16.65 -12.92 19.47
C PRO D 171 -16.07 -13.79 20.58
N ASN D 172 -16.43 -13.47 21.81
CA ASN D 172 -15.81 -14.05 22.99
C ASN D 172 -16.62 -13.67 24.24
N ALA D 173 -17.64 -14.46 24.55
CA ALA D 173 -18.47 -14.16 25.72
C ALA D 173 -17.68 -14.23 27.02
N ALA D 174 -16.57 -14.96 27.04
CA ALA D 174 -15.77 -15.04 28.25
C ALA D 174 -15.07 -13.73 28.59
N HIS D 175 -14.87 -12.86 27.60
CA HIS D 175 -14.21 -11.58 27.82
C HIS D 175 -15.18 -10.41 27.75
N GLY D 176 -16.48 -10.66 27.62
CA GLY D 176 -17.46 -9.61 27.58
C GLY D 176 -17.71 -9.00 26.22
N VAL D 177 -17.23 -9.61 25.14
CA VAL D 177 -17.56 -9.19 23.80
C VAL D 177 -18.59 -10.16 23.26
N THR D 178 -19.73 -9.63 22.81
CA THR D 178 -20.82 -10.47 22.36
C THR D 178 -20.73 -10.71 20.86
N THR D 179 -21.65 -11.53 20.34
CA THR D 179 -21.75 -11.66 18.89
C THR D 179 -22.10 -10.32 18.26
N ALA D 180 -22.96 -9.54 18.92
CA ALA D 180 -23.28 -8.21 18.42
C ALA D 180 -22.08 -7.28 18.47
N ASP D 181 -21.25 -7.40 19.52
CA ASP D 181 -20.03 -6.61 19.60
C ASP D 181 -19.10 -6.95 18.44
N ALA D 182 -19.00 -8.23 18.09
CA ALA D 182 -18.17 -8.64 16.97
C ALA D 182 -18.72 -8.09 15.65
N LEU D 183 -20.03 -8.26 15.43
CA LEU D 183 -20.62 -7.81 14.18
C LEU D 183 -20.55 -6.30 14.01
N LYS D 184 -20.56 -5.56 15.13
CA LYS D 184 -20.51 -4.10 15.03
C LYS D 184 -19.14 -3.61 14.62
N SER D 185 -18.08 -4.32 15.04
CA SER D 185 -16.74 -3.99 14.57
C SER D 185 -16.64 -4.16 13.06
N LEU D 186 -17.29 -5.20 12.53
CA LEU D 186 -17.37 -5.36 11.07
C LEU D 186 -18.14 -4.21 10.44
N GLU D 187 -19.24 -3.79 11.07
CA GLU D 187 -20.00 -2.65 10.56
C GLU D 187 -19.16 -1.38 10.60
N ARG D 188 -18.34 -1.21 11.63
CA ARG D 188 -17.48 -0.04 11.72
C ARG D 188 -16.38 -0.05 10.67
N ILE D 189 -15.96 -1.24 10.23
CA ILE D 189 -14.98 -1.32 9.15
C ILE D 189 -15.63 -0.93 7.83
N PHE D 190 -16.87 -1.38 7.60
CA PHE D 190 -17.59 -1.02 6.38
C PHE D 190 -17.93 0.46 6.32
N LYS D 191 -17.91 1.16 7.45
CA LYS D 191 -18.28 2.57 7.50
C LYS D 191 -17.10 3.52 7.61
N ALA D 192 -15.90 3.01 7.85
CA ALA D 192 -14.75 3.88 8.05
C ALA D 192 -13.53 3.44 7.26
N ASP D 193 -13.38 2.13 7.03
CA ASP D 193 -12.16 1.58 6.45
C ASP D 193 -12.30 1.29 4.96
N ILE D 194 -13.24 0.43 4.59
CA ILE D 194 -13.37 -0.03 3.21
C ILE D 194 -14.82 -0.38 2.94
N ALA D 195 -15.27 -0.14 1.70
CA ALA D 195 -16.64 -0.42 1.33
C ALA D 195 -16.88 -1.93 1.30
N PRO D 196 -18.11 -2.36 1.59
CA PRO D 196 -18.40 -3.81 1.55
C PRO D 196 -18.21 -4.43 0.18
N ASP D 197 -18.65 -3.76 -0.88
CA ASP D 197 -18.45 -4.26 -2.23
C ASP D 197 -16.99 -4.23 -2.67
N GLN D 198 -16.08 -3.81 -1.79
CA GLN D 198 -14.65 -3.83 -2.08
C GLN D 198 -13.90 -4.87 -1.26
N VAL D 199 -14.57 -5.58 -0.38
CA VAL D 199 -13.95 -6.63 0.42
C VAL D 199 -14.08 -7.95 -0.32
N ALA D 200 -12.94 -8.57 -0.64
CA ALA D 200 -12.96 -9.82 -1.40
C ALA D 200 -13.37 -11.00 -0.52
N ALA D 201 -12.89 -11.05 0.72
CA ALA D 201 -13.15 -12.21 1.55
C ALA D 201 -13.06 -11.82 3.03
N ILE D 202 -13.74 -12.60 3.86
CA ILE D 202 -13.62 -12.53 5.30
C ILE D 202 -13.02 -13.85 5.76
N ILE D 203 -11.80 -13.82 6.27
CA ILE D 203 -11.07 -15.02 6.67
C ILE D 203 -11.21 -15.20 8.18
N LEU D 204 -11.44 -16.44 8.60
CA LEU D 204 -11.88 -16.71 9.96
C LEU D 204 -11.44 -18.10 10.38
N GLU D 205 -10.82 -18.20 11.55
CA GLU D 205 -10.62 -19.50 12.17
C GLU D 205 -11.91 -19.95 12.85
N PRO D 206 -12.44 -21.13 12.53
CA PRO D 206 -13.67 -21.58 13.20
C PRO D 206 -13.58 -21.50 14.71
N ILE D 207 -12.46 -21.93 15.29
CA ILE D 207 -12.07 -21.57 16.65
C ILE D 207 -10.61 -21.14 16.59
N GLN D 208 -10.28 -20.05 17.27
CA GLN D 208 -9.00 -19.40 17.07
C GLN D 208 -7.86 -20.23 17.65
N GLY D 209 -6.85 -20.50 16.82
CA GLY D 209 -5.68 -21.25 17.24
C GLY D 209 -4.68 -20.74 18.25
N GLU D 210 -3.86 -19.76 17.84
CA GLU D 210 -3.01 -19.00 18.76
C GLU D 210 -3.73 -17.88 19.47
N GLY D 211 -5.03 -17.67 19.20
CA GLY D 211 -5.77 -16.60 19.83
C GLY D 211 -6.30 -16.90 21.21
N GLY D 212 -6.38 -18.19 21.57
CA GLY D 212 -6.84 -18.57 22.90
C GLY D 212 -7.89 -19.66 22.90
N PHE D 213 -8.02 -20.38 21.79
CA PHE D 213 -8.97 -21.49 21.66
C PHE D 213 -10.40 -21.03 21.91
N ASN D 214 -10.74 -19.86 21.39
CA ASN D 214 -12.09 -19.31 21.53
C ASN D 214 -12.95 -19.73 20.35
N VAL D 215 -14.09 -20.34 20.64
CA VAL D 215 -14.98 -20.88 19.62
C VAL D 215 -15.90 -19.78 19.11
N ALA D 216 -16.08 -19.74 17.80
CA ALA D 216 -17.04 -18.81 17.21
C ALA D 216 -18.45 -19.37 17.37
N PRO D 217 -19.39 -18.59 17.88
CA PRO D 217 -20.76 -19.12 18.05
C PRO D 217 -21.47 -19.26 16.71
N ALA D 218 -22.42 -20.20 16.66
CA ALA D 218 -23.30 -20.29 15.50
C ALA D 218 -24.09 -19.02 15.31
N ASP D 219 -24.34 -18.28 16.40
CA ASP D 219 -24.83 -16.91 16.31
C ASP D 219 -23.96 -16.09 15.36
N PHE D 220 -22.64 -16.22 15.50
CA PHE D 220 -21.71 -15.44 14.69
C PHE D 220 -21.63 -15.97 13.26
N MET D 221 -21.59 -17.30 13.10
CA MET D 221 -21.36 -17.87 11.78
C MET D 221 -22.52 -17.63 10.84
N GLN D 222 -23.75 -17.91 11.29
CA GLN D 222 -24.92 -17.69 10.44
C GLN D 222 -25.05 -16.22 10.07
N ALA D 223 -24.83 -15.32 11.02
CA ALA D 223 -24.81 -13.90 10.71
C ALA D 223 -23.69 -13.57 9.72
N LEU D 224 -22.50 -14.13 9.95
CA LEU D 224 -21.39 -13.89 9.04
C LEU D 224 -21.72 -14.37 7.64
N ARG D 225 -22.29 -15.57 7.52
CA ARG D 225 -22.70 -16.07 6.21
C ARG D 225 -23.70 -15.14 5.54
N ASP D 226 -24.48 -14.39 6.33
CA ASP D 226 -25.54 -13.57 5.76
C ASP D 226 -25.01 -12.30 5.12
N LEU D 227 -24.10 -11.58 5.80
CA LEU D 227 -23.67 -10.29 5.28
C LEU D 227 -22.76 -10.46 4.07
N CYS D 228 -21.94 -11.51 4.03
CA CYS D 228 -21.12 -11.76 2.85
C CYS D 228 -21.97 -12.14 1.65
N ASP D 229 -23.03 -12.93 1.87
CA ASP D 229 -23.98 -13.20 0.78
C ASP D 229 -24.68 -11.93 0.33
N THR D 230 -24.89 -10.98 1.24
CA THR D 230 -25.50 -9.71 0.87
C THR D 230 -24.56 -8.85 0.04
N HIS D 231 -23.31 -8.75 0.47
CA HIS D 231 -22.33 -7.84 -0.14
C HIS D 231 -21.40 -8.54 -1.12
N GLY D 232 -21.68 -9.78 -1.50
CA GLY D 232 -20.84 -10.48 -2.45
C GLY D 232 -19.47 -10.84 -1.95
N ILE D 233 -19.30 -10.96 -0.64
CA ILE D 233 -18.02 -11.30 -0.03
C ILE D 233 -17.95 -12.82 0.13
N LEU D 234 -16.75 -13.38 0.00
CA LEU D 234 -16.54 -14.79 0.19
C LEU D 234 -16.08 -15.08 1.61
N LEU D 235 -16.66 -16.11 2.22
CA LEU D 235 -16.27 -16.54 3.55
C LEU D 235 -15.22 -17.63 3.45
N ILE D 236 -14.10 -17.42 4.13
CA ILE D 236 -12.99 -18.37 4.16
C ILE D 236 -12.79 -18.82 5.59
N ALA D 237 -12.78 -20.14 5.80
CA ALA D 237 -12.56 -20.73 7.12
C ALA D 237 -11.14 -21.28 7.17
N ASP D 238 -10.35 -20.81 8.13
CA ASP D 238 -8.97 -21.25 8.27
C ASP D 238 -8.94 -22.40 9.27
N GLU D 239 -8.94 -23.63 8.76
CA GLU D 239 -8.88 -24.84 9.59
C GLU D 239 -7.51 -25.49 9.54
N VAL D 240 -6.46 -24.69 9.40
CA VAL D 240 -5.10 -25.23 9.40
C VAL D 240 -4.80 -25.91 10.73
N GLN D 241 -5.29 -25.34 11.83
CA GLN D 241 -5.09 -25.89 13.17
C GLN D 241 -6.29 -26.72 13.65
N THR D 242 -7.51 -26.27 13.38
CA THR D 242 -8.70 -26.93 13.88
C THR D 242 -9.16 -28.09 13.00
N GLY D 243 -8.49 -28.33 11.87
CA GLY D 243 -8.96 -29.32 10.94
C GLY D 243 -8.58 -30.74 11.34
N PHE D 244 -9.29 -31.69 10.73
CA PHE D 244 -8.98 -33.11 10.79
C PHE D 244 -9.18 -33.71 12.18
N ALA D 245 -10.44 -33.87 12.57
CA ALA D 245 -10.93 -34.76 13.61
C ALA D 245 -10.65 -34.29 15.04
N ARG D 246 -9.92 -33.20 15.24
CA ARG D 246 -9.64 -32.78 16.61
C ARG D 246 -10.81 -32.06 17.26
N THR D 247 -11.72 -31.48 16.47
CA THR D 247 -12.92 -30.85 17.01
C THR D 247 -14.06 -31.82 17.21
N GLY D 248 -13.77 -33.12 17.32
CA GLY D 248 -14.79 -34.15 17.38
C GLY D 248 -15.39 -34.51 16.04
N LYS D 249 -15.26 -33.65 15.03
CA LYS D 249 -15.67 -33.93 13.67
C LYS D 249 -14.50 -33.63 12.74
N LEU D 250 -14.62 -34.08 11.49
CA LEU D 250 -13.53 -33.92 10.53
C LEU D 250 -13.09 -32.46 10.42
N PHE D 251 -14.03 -31.57 10.13
CA PHE D 251 -13.76 -30.15 10.06
C PHE D 251 -14.62 -29.42 11.08
N ALA D 252 -14.05 -28.38 11.70
CA ALA D 252 -14.79 -27.62 12.70
C ALA D 252 -16.02 -26.94 12.10
N MET D 253 -15.96 -26.62 10.81
CA MET D 253 -17.12 -26.02 10.14
C MET D 253 -18.29 -26.99 10.06
N GLN D 254 -18.07 -28.29 10.25
CA GLN D 254 -19.16 -29.24 10.31
C GLN D 254 -19.98 -29.11 11.59
N HIS D 255 -19.47 -28.37 12.59
CA HIS D 255 -20.26 -28.05 13.77
C HIS D 255 -21.34 -27.01 13.49
N TYR D 256 -21.29 -26.35 12.34
CA TYR D 256 -22.19 -25.25 12.01
C TYR D 256 -23.13 -25.64 10.87
N GLU D 257 -24.13 -24.81 10.66
CA GLU D 257 -25.15 -25.10 9.65
C GLU D 257 -24.82 -24.49 8.29
N VAL D 258 -24.25 -23.29 8.27
CA VAL D 258 -23.84 -22.67 7.02
C VAL D 258 -22.40 -23.04 6.73
N LYS D 259 -22.02 -22.94 5.45
CA LYS D 259 -20.75 -23.48 5.02
C LYS D 259 -19.93 -22.40 4.32
N PRO D 260 -18.61 -22.41 4.50
CA PRO D 260 -17.76 -21.43 3.83
C PRO D 260 -17.55 -21.77 2.37
N ASP D 261 -17.32 -20.72 1.57
CA ASP D 261 -17.07 -20.92 0.15
C ASP D 261 -15.66 -21.44 -0.10
N LEU D 262 -14.71 -21.11 0.78
CA LEU D 262 -13.36 -21.65 0.72
C LEU D 262 -12.90 -22.03 2.12
N MET D 263 -11.90 -22.91 2.18
CA MET D 263 -11.34 -23.38 3.43
C MET D 263 -9.91 -23.82 3.21
N THR D 264 -9.02 -23.44 4.13
CA THR D 264 -7.60 -23.79 4.06
C THR D 264 -7.27 -24.87 5.07
N MET D 265 -6.40 -25.80 4.67
CA MET D 265 -6.02 -26.93 5.49
C MET D 265 -4.51 -27.10 5.48
N ALA D 266 -3.98 -27.57 6.61
CA ALA D 266 -2.56 -27.89 6.75
C ALA D 266 -2.29 -28.65 8.04
N1 LLP D 267 -3.02 -20.60 9.92
C2 LLP D 267 -3.43 -21.22 11.03
C2' LLP D 267 -4.91 -21.15 11.49
C3 LLP D 267 -2.49 -21.96 11.81
O3 LLP D 267 -2.91 -22.61 12.97
C4 LLP D 267 -1.18 -22.04 11.42
C4' LLP D 267 -0.17 -22.90 12.34
C5 LLP D 267 -0.75 -21.40 10.29
C6 LLP D 267 -1.68 -20.68 9.52
C5' LLP D 267 0.74 -21.48 9.83
OP4 LLP D 267 1.05 -22.72 9.23
P LLP D 267 2.37 -22.84 8.45
OP1 LLP D 267 2.51 -24.24 7.85
OP2 LLP D 267 2.39 -21.84 7.37
OP3 LLP D 267 3.52 -22.57 9.37
N LLP D 267 -1.06 -28.56 8.52
CA LLP D 267 -0.62 -29.21 9.77
CB LLP D 267 -1.32 -28.58 10.95
CG LLP D 267 -0.81 -27.13 11.04
CD LLP D 267 -1.07 -26.50 12.41
CE LLP D 267 -0.12 -25.28 12.57
NZ LLP D 267 -0.88 -24.04 12.83
C LLP D 267 -0.84 -30.69 9.72
O LLP D 267 -0.11 -31.38 9.03
N SER D 268 -1.86 -31.19 10.44
CA SER D 268 -2.06 -32.63 10.53
C SER D 268 -2.73 -33.20 9.30
N LEU D 269 -2.97 -32.35 8.29
CA LEU D 269 -3.52 -32.83 7.02
C LEU D 269 -2.64 -33.91 6.41
N ALA D 270 -1.32 -33.78 6.57
CA ALA D 270 -0.37 -34.79 6.13
C ALA D 270 0.23 -35.58 7.29
N GLY D 271 -0.18 -35.30 8.52
CA GLY D 271 0.30 -36.06 9.66
C GLY D 271 1.79 -35.98 9.90
N GLY D 272 2.36 -34.78 9.81
CA GLY D 272 3.76 -34.58 10.12
C GLY D 272 4.69 -34.35 8.94
N PHE D 273 4.14 -34.12 7.75
CA PHE D 273 4.95 -33.86 6.57
C PHE D 273 4.44 -32.60 5.89
N PRO D 274 5.32 -31.87 5.19
CA PRO D 274 4.91 -30.57 4.64
C PRO D 274 3.85 -30.68 3.56
N LEU D 275 2.62 -30.33 3.91
CA LEU D 275 1.55 -30.28 2.92
C LEU D 275 0.43 -29.37 3.42
N SER D 276 -0.07 -28.52 2.52
CA SER D 276 -1.25 -27.71 2.76
C SER D 276 -2.20 -27.91 1.59
N GLY D 277 -3.31 -27.17 1.60
CA GLY D 277 -4.28 -27.28 0.54
C GLY D 277 -5.42 -26.31 0.74
N VAL D 278 -6.13 -26.05 -0.36
CA VAL D 278 -7.30 -25.20 -0.37
C VAL D 278 -8.43 -25.95 -1.06
N VAL D 279 -9.59 -26.00 -0.41
CA VAL D 279 -10.80 -26.58 -0.98
C VAL D 279 -11.89 -25.51 -0.95
N GLY D 280 -12.73 -25.51 -1.97
CA GLY D 280 -13.78 -24.52 -2.03
C GLY D 280 -14.77 -24.82 -3.13
N ARG D 281 -15.64 -23.85 -3.39
CA ARG D 281 -16.61 -23.99 -4.46
C ARG D 281 -15.91 -24.09 -5.81
N ALA D 282 -16.44 -24.97 -6.67
CA ALA D 282 -15.81 -25.23 -7.96
C ALA D 282 -15.72 -23.97 -8.81
N GLU D 283 -16.76 -23.12 -8.75
CA GLU D 283 -16.78 -21.92 -9.57
C GLU D 283 -15.75 -20.90 -9.11
N VAL D 284 -15.57 -20.75 -7.79
CA VAL D 284 -14.63 -19.77 -7.27
C VAL D 284 -13.20 -20.27 -7.41
N MET D 285 -12.95 -21.55 -7.09
CA MET D 285 -11.61 -22.10 -7.24
C MET D 285 -11.13 -22.07 -8.68
N ASP D 286 -12.05 -22.03 -9.65
CA ASP D 286 -11.71 -21.97 -11.06
C ASP D 286 -11.56 -20.55 -11.57
N ALA D 287 -11.36 -19.58 -10.68
CA ALA D 287 -11.21 -18.19 -11.09
C ALA D 287 -9.80 -17.90 -11.61
N PRO D 288 -8.73 -18.29 -10.92
CA PRO D 288 -7.39 -18.04 -11.46
C PRO D 288 -7.17 -18.80 -12.77
N ALA D 289 -6.49 -18.15 -13.71
CA ALA D 289 -6.20 -18.74 -14.99
C ALA D 289 -5.11 -19.81 -14.85
N PRO D 290 -5.02 -20.72 -15.82
CA PRO D 290 -3.94 -21.72 -15.78
C PRO D 290 -2.57 -21.07 -15.71
N GLY D 291 -1.72 -21.60 -14.84
CA GLY D 291 -0.42 -21.03 -14.57
C GLY D 291 -0.40 -20.03 -13.44
N GLY D 292 -1.56 -19.56 -12.98
CA GLY D 292 -1.59 -18.58 -11.90
C GLY D 292 -1.31 -19.18 -10.54
N LEU D 293 -1.73 -20.43 -10.32
CA LEU D 293 -1.48 -21.13 -9.06
C LEU D 293 -0.38 -22.16 -9.26
N GLY D 294 0.49 -22.28 -8.26
CA GLY D 294 1.58 -23.23 -8.35
C GLY D 294 2.46 -23.33 -7.12
N GLY D 295 3.75 -23.56 -7.35
CA GLY D 295 4.69 -23.84 -6.29
C GLY D 295 5.47 -25.11 -6.57
N THR D 296 6.78 -25.09 -6.34
CA THR D 296 7.61 -26.24 -6.70
C THR D 296 7.28 -27.45 -5.84
N TYR D 297 7.34 -27.28 -4.51
CA TYR D 297 7.05 -28.37 -3.59
C TYR D 297 5.56 -28.64 -3.44
N ALA D 298 4.70 -27.91 -4.16
CA ALA D 298 3.26 -28.00 -3.96
C ALA D 298 2.77 -29.43 -4.15
N GLY D 299 2.24 -30.00 -3.07
CA GLY D 299 1.76 -31.37 -3.10
C GLY D 299 2.81 -32.45 -3.10
N ASN D 300 3.83 -32.30 -2.25
CA ASN D 300 4.92 -33.25 -2.15
C ASN D 300 4.43 -34.70 -2.22
N PRO D 301 4.92 -35.50 -3.17
CA PRO D 301 4.39 -36.87 -3.33
C PRO D 301 4.40 -37.70 -2.05
N LEU D 302 5.43 -37.56 -1.21
CA LEU D 302 5.44 -38.30 0.04
C LEU D 302 4.41 -37.75 1.02
N ALA D 303 4.18 -36.44 0.99
CA ALA D 303 3.20 -35.84 1.91
C ALA D 303 1.78 -36.21 1.51
N VAL D 304 1.47 -36.20 0.20
CA VAL D 304 0.14 -36.62 -0.23
C VAL D 304 -0.10 -38.08 0.09
N ALA D 305 0.97 -38.88 0.14
CA ALA D 305 0.81 -40.29 0.49
C ALA D 305 0.47 -40.46 1.96
N ALA D 306 1.13 -39.70 2.83
CA ALA D 306 0.75 -39.73 4.24
C ALA D 306 -0.60 -39.07 4.45
N ALA D 307 -0.84 -37.94 3.78
CA ALA D 307 -2.12 -37.25 3.91
C ALA D 307 -3.27 -38.14 3.42
N HIS D 308 -2.96 -39.10 2.57
CA HIS D 308 -3.92 -40.13 2.20
C HIS D 308 -4.14 -41.11 3.36
N ALA D 309 -3.04 -41.43 4.03
CA ALA D 309 -3.01 -42.36 5.15
C ALA D 309 -3.75 -41.92 6.36
N VAL D 310 -3.59 -40.68 6.75
CA VAL D 310 -4.31 -40.18 7.90
C VAL D 310 -5.71 -40.20 7.43
N LEU D 311 -5.91 -40.01 6.15
CA LEU D 311 -7.33 -40.05 5.81
C LEU D 311 -7.89 -41.46 5.89
N ASP D 312 -7.05 -42.48 6.16
CA ASP D 312 -7.62 -43.79 6.48
C ASP D 312 -7.66 -44.05 7.98
N VAL D 313 -6.63 -43.61 8.70
CA VAL D 313 -6.71 -43.59 10.15
C VAL D 313 -7.89 -42.75 10.60
N ILE D 314 -8.28 -41.70 9.82
CA ILE D 314 -9.50 -40.91 10.03
C ILE D 314 -10.62 -41.83 10.48
N ALA D 315 -10.85 -42.89 9.74
CA ALA D 315 -12.14 -43.59 9.74
C ALA D 315 -12.09 -44.93 10.46
N GLU D 316 -11.06 -45.74 10.20
CA GLU D 316 -10.99 -47.05 10.82
C GLU D 316 -10.74 -46.93 12.32
N GLU D 317 -9.85 -46.02 12.72
CA GLU D 317 -9.67 -45.76 14.16
C GLU D 317 -10.78 -44.90 14.71
N GLN D 318 -11.49 -44.16 13.85
CA GLN D 318 -12.54 -43.22 14.25
C GLN D 318 -12.03 -42.32 15.38
N LEU D 319 -11.16 -41.39 15.01
CA LEU D 319 -10.63 -40.44 15.97
C LEU D 319 -11.50 -39.20 16.12
N CYS D 320 -12.52 -39.03 15.27
CA CYS D 320 -13.51 -37.99 15.50
C CYS D 320 -14.32 -38.29 16.75
N GLN D 321 -14.78 -39.54 16.89
CA GLN D 321 -15.55 -39.91 18.08
C GLN D 321 -14.65 -39.96 19.32
N ARG D 322 -13.43 -40.46 19.18
CA ARG D 322 -12.51 -40.47 20.31
C ARG D 322 -12.20 -39.06 20.78
N ALA D 323 -11.95 -38.15 19.83
CA ALA D 323 -11.61 -36.77 20.17
C ALA D 323 -12.64 -36.14 21.10
N GLU D 324 -13.91 -36.52 20.96
CA GLU D 324 -14.92 -36.06 21.89
C GLU D 324 -14.82 -36.78 23.24
N GLN D 325 -14.24 -37.97 23.28
CA GLN D 325 -14.11 -38.70 24.54
C GLN D 325 -12.89 -38.27 25.32
N LEU D 326 -11.77 -38.02 24.63
CA LEU D 326 -10.62 -37.39 25.28
C LEU D 326 -10.96 -35.99 25.75
N GLY D 327 -11.58 -35.19 24.89
CA GLY D 327 -11.90 -33.83 25.25
C GLY D 327 -12.72 -33.75 26.52
N SER D 328 -13.85 -34.47 26.56
CA SER D 328 -14.81 -34.33 27.64
C SER D 328 -14.29 -34.82 28.98
N HIS D 329 -13.28 -35.71 29.01
CA HIS D 329 -12.75 -36.14 30.30
C HIS D 329 -11.79 -35.11 30.86
N LEU D 330 -10.80 -34.69 30.05
CA LEU D 330 -9.95 -33.56 30.45
C LEU D 330 -10.80 -32.31 30.69
N GLN D 331 -11.95 -32.20 30.03
CA GLN D 331 -12.93 -31.18 30.42
C GLN D 331 -13.30 -31.34 31.90
N GLU D 332 -13.48 -32.58 32.34
CA GLU D 332 -13.85 -32.82 33.73
C GLU D 332 -12.67 -32.68 34.68
N VAL D 333 -11.46 -33.08 34.24
CA VAL D 333 -10.30 -33.00 35.13
C VAL D 333 -10.02 -31.56 35.54
N LEU D 334 -10.18 -30.62 34.61
CA LEU D 334 -9.98 -29.21 34.91
C LEU D 334 -11.21 -28.53 35.49
N ASN D 335 -12.37 -29.20 35.51
CA ASN D 335 -13.59 -28.59 36.00
C ASN D 335 -13.77 -28.76 37.50
N GLN D 336 -13.23 -29.83 38.10
CA GLN D 336 -13.14 -29.88 39.55
C GLN D 336 -11.78 -29.44 40.06
N ALA D 337 -10.76 -29.41 39.21
CA ALA D 337 -9.58 -28.60 39.51
C ALA D 337 -9.95 -27.12 39.53
N ARG D 338 -11.07 -26.75 38.91
CA ARG D 338 -11.57 -25.38 39.01
C ARG D 338 -11.92 -25.03 40.44
N ALA D 339 -12.53 -25.95 41.17
CA ALA D 339 -12.84 -25.70 42.58
C ALA D 339 -11.58 -25.78 43.44
N THR D 340 -10.64 -26.65 43.07
CA THR D 340 -9.39 -26.77 43.83
C THR D 340 -8.43 -25.65 43.47
N CYS D 341 -8.26 -25.37 42.17
CA CYS D 341 -7.40 -24.28 41.74
C CYS D 341 -8.26 -23.07 41.43
N PRO D 342 -8.16 -21.98 42.21
CA PRO D 342 -9.06 -20.84 41.99
C PRO D 342 -8.68 -19.99 40.79
N ALA D 343 -7.43 -20.05 40.32
CA ALA D 343 -6.98 -19.18 39.23
C ALA D 343 -7.68 -19.47 37.91
N ILE D 344 -8.39 -20.59 37.79
CA ILE D 344 -9.11 -20.90 36.56
C ILE D 344 -10.32 -19.98 36.46
N VAL D 345 -10.39 -19.20 35.38
CA VAL D 345 -11.50 -18.28 35.17
C VAL D 345 -12.49 -18.90 34.19
N ASP D 346 -12.01 -19.80 33.34
CA ASP D 346 -12.84 -20.42 32.32
C ASP D 346 -12.03 -21.51 31.61
N VAL D 347 -12.73 -22.59 31.23
CA VAL D 347 -12.18 -23.60 30.34
C VAL D 347 -13.09 -23.69 29.12
N ARG D 348 -12.50 -23.89 27.95
CA ARG D 348 -13.26 -23.85 26.71
C ARG D 348 -12.68 -24.84 25.72
N GLY D 349 -13.51 -25.28 24.79
CA GLY D 349 -13.07 -26.19 23.74
C GLY D 349 -14.21 -26.98 23.18
N ARG D 350 -13.99 -27.48 21.95
CA ARG D 350 -14.90 -28.37 21.28
C ARG D 350 -14.12 -29.59 20.81
N GLY D 351 -14.65 -30.78 21.08
CA GLY D 351 -13.85 -31.98 20.88
C GLY D 351 -12.75 -32.04 21.92
N SER D 352 -11.54 -32.40 21.48
CA SER D 352 -10.36 -32.37 22.33
C SER D 352 -9.45 -31.18 22.03
N MET D 353 -9.90 -30.25 21.19
CA MET D 353 -9.21 -28.96 21.03
C MET D 353 -9.65 -28.07 22.19
N VAL D 354 -9.10 -28.37 23.37
CA VAL D 354 -9.53 -27.77 24.62
C VAL D 354 -8.39 -26.94 25.20
N ALA D 355 -8.77 -25.93 25.99
CA ALA D 355 -7.80 -25.06 26.63
C ALA D 355 -8.38 -24.54 27.93
N VAL D 356 -7.50 -24.04 28.80
CA VAL D 356 -7.88 -23.50 30.10
C VAL D 356 -7.21 -22.15 30.29
N GLU D 357 -7.97 -21.17 30.76
CA GLU D 357 -7.47 -19.81 30.98
C GLU D 357 -7.24 -19.58 32.47
N PHE D 358 -6.12 -18.94 32.80
CA PHE D 358 -5.75 -18.66 34.18
C PHE D 358 -5.64 -17.15 34.39
N ASN D 359 -6.26 -16.67 35.45
CA ASN D 359 -6.22 -15.25 35.81
C ASN D 359 -5.68 -15.09 37.22
N ASP D 360 -4.91 -14.03 37.42
CA ASP D 360 -4.46 -13.69 38.76
C ASP D 360 -5.66 -13.23 39.59
N PRO D 361 -5.76 -13.67 40.85
CA PRO D 361 -6.86 -13.40 41.77
C PRO D 361 -7.14 -11.93 42.18
N GLN D 362 -6.13 -11.09 42.36
CA GLN D 362 -6.37 -9.71 42.80
C GLN D 362 -7.21 -8.85 41.84
N THR D 363 -6.89 -8.96 40.55
CA THR D 363 -7.61 -8.25 39.49
C THR D 363 -7.88 -9.31 38.43
N GLY D 364 -9.00 -9.26 37.72
CA GLY D 364 -9.15 -10.39 36.81
C GLY D 364 -8.42 -10.08 35.52
N GLU D 365 -7.13 -9.82 35.62
CA GLU D 365 -6.34 -9.77 34.40
C GLU D 365 -5.56 -11.06 34.24
N PRO D 366 -5.22 -11.41 33.00
CA PRO D 366 -4.34 -12.56 32.77
C PRO D 366 -3.00 -12.44 33.47
N SER D 367 -2.30 -13.55 33.57
CA SER D 367 -0.87 -13.50 33.89
C SER D 367 -0.23 -14.75 33.32
N PRO D 368 0.67 -14.61 32.35
CA PRO D 368 1.25 -15.79 31.72
C PRO D 368 2.28 -16.55 32.54
N GLU D 369 2.73 -16.00 33.66
CA GLU D 369 3.73 -16.72 34.45
C GLU D 369 3.13 -17.63 35.52
N PHE D 370 1.84 -17.51 35.85
CA PHE D 370 1.16 -18.61 36.53
C PHE D 370 0.74 -19.66 35.51
N THR D 371 0.13 -19.20 34.43
CA THR D 371 -0.05 -20.03 33.24
C THR D 371 1.27 -20.68 32.84
N ARG D 372 2.37 -19.93 32.86
CA ARG D 372 3.69 -20.47 32.57
C ARG D 372 4.42 -20.99 33.80
N LEU D 373 3.82 -20.90 35.00
CA LEU D 373 4.32 -21.70 36.11
C LEU D 373 3.94 -23.16 35.91
N VAL D 374 2.72 -23.40 35.45
CA VAL D 374 2.29 -24.72 34.98
C VAL D 374 3.22 -25.22 33.89
N GLN D 375 3.70 -24.31 33.02
CA GLN D 375 4.64 -24.69 31.96
C GLN D 375 5.75 -25.58 32.48
N GLN D 376 6.54 -25.10 33.44
CA GLN D 376 7.72 -25.84 33.86
C GLN D 376 7.35 -27.12 34.63
N LYS D 377 6.41 -27.01 35.57
CA LYS D 377 6.00 -28.16 36.38
C LYS D 377 5.57 -29.33 35.52
N ALA D 378 4.98 -29.05 34.36
CA ALA D 378 4.50 -30.12 33.49
C ALA D 378 5.65 -30.93 32.94
N GLN D 379 6.63 -30.28 32.29
CA GLN D 379 7.77 -31.01 31.75
C GLN D 379 8.77 -31.38 32.84
N GLU D 380 8.78 -30.68 33.97
CA GLU D 380 9.44 -31.21 35.16
C GLU D 380 8.90 -32.59 35.49
N ASN D 381 7.64 -32.83 35.18
CA ASN D 381 7.01 -34.14 35.26
C ASN D 381 7.05 -34.90 33.94
N GLY D 382 7.70 -34.36 32.93
CA GLY D 382 7.73 -34.99 31.62
C GLY D 382 6.46 -34.81 30.84
N LEU D 383 5.97 -33.57 30.78
CA LEU D 383 4.72 -33.25 30.10
C LEU D 383 4.87 -31.88 29.44
N LEU D 384 4.74 -31.84 28.12
CA LEU D 384 4.95 -30.59 27.38
C LEU D 384 3.60 -29.97 27.04
N LEU D 385 3.31 -28.82 27.64
CA LEU D 385 2.10 -28.06 27.39
C LEU D 385 2.45 -26.74 26.73
N LEU D 386 1.67 -26.36 25.72
CA LEU D 386 1.94 -25.14 24.96
C LEU D 386 1.16 -23.95 25.53
N SER D 387 1.67 -22.76 25.23
CA SER D 387 1.00 -21.52 25.60
C SER D 387 0.11 -21.05 24.46
N CYS D 388 -0.62 -19.97 24.70
CA CYS D 388 -1.62 -19.48 23.75
C CYS D 388 -2.04 -18.08 24.20
N GLY D 389 -3.12 -17.58 23.61
CA GLY D 389 -3.79 -16.39 24.10
C GLY D 389 -3.17 -15.09 23.60
N VAL D 390 -3.96 -14.03 23.70
CA VAL D 390 -3.49 -12.69 23.40
C VAL D 390 -2.51 -12.20 24.47
N TYR D 391 -2.56 -12.78 25.67
CA TYR D 391 -1.70 -12.38 26.77
C TYR D 391 -0.77 -13.49 27.26
N GLY D 392 -0.90 -14.70 26.75
CA GLY D 392 -0.09 -15.80 27.23
C GLY D 392 -0.65 -16.53 28.42
N ASN D 393 -1.94 -16.41 28.69
CA ASN D 393 -2.54 -16.88 29.93
C ASN D 393 -3.36 -18.16 29.79
N VAL D 394 -3.25 -18.85 28.65
CA VAL D 394 -4.10 -20.00 28.37
C VAL D 394 -3.23 -21.18 27.96
N ILE D 395 -3.33 -22.28 28.69
CA ILE D 395 -2.74 -23.54 28.27
C ILE D 395 -3.66 -24.19 27.24
N ARG D 396 -3.09 -24.56 26.09
CA ARG D 396 -3.81 -25.32 25.08
C ARG D 396 -3.29 -26.75 25.09
N PHE D 397 -4.21 -27.70 25.07
CA PHE D 397 -3.86 -29.13 25.13
C PHE D 397 -3.90 -29.68 23.71
N LEU D 398 -2.72 -29.89 23.14
CA LEU D 398 -2.66 -30.35 21.76
C LEU D 398 -2.03 -31.74 21.68
N TYR D 399 -2.57 -32.70 22.43
CA TYR D 399 -2.12 -34.07 22.36
C TYR D 399 -2.62 -34.72 21.07
N PRO D 400 -1.87 -35.66 20.52
CA PRO D 400 -2.37 -36.44 19.38
C PRO D 400 -3.63 -37.20 19.74
N LEU D 401 -4.49 -37.39 18.73
CA LEU D 401 -5.72 -38.15 18.92
C LEU D 401 -5.43 -39.63 19.14
N THR D 402 -4.24 -40.11 18.78
CA THR D 402 -3.87 -41.51 18.91
C THR D 402 -3.24 -41.85 20.24
N ILE D 403 -3.54 -41.07 21.29
CA ILE D 403 -2.94 -41.30 22.61
C ILE D 403 -3.62 -42.50 23.26
N PRO D 404 -2.87 -43.50 23.71
CA PRO D 404 -3.47 -44.55 24.53
C PRO D 404 -4.10 -43.96 25.79
N ASP D 405 -5.08 -44.68 26.35
CA ASP D 405 -5.83 -44.13 27.47
C ASP D 405 -4.99 -44.12 28.74
N ALA D 406 -4.07 -45.06 28.90
CA ALA D 406 -3.11 -44.99 30.01
C ALA D 406 -2.11 -43.86 29.80
N GLN D 407 -1.70 -43.65 28.55
CA GLN D 407 -0.92 -42.47 28.21
C GLN D 407 -1.62 -41.19 28.68
N PHE D 408 -2.94 -41.14 28.50
CA PHE D 408 -3.70 -39.92 28.77
C PHE D 408 -3.86 -39.68 30.26
N SER D 409 -4.44 -40.65 30.97
CA SER D 409 -4.73 -40.49 32.40
C SER D 409 -3.49 -40.20 33.21
N LYS D 410 -2.33 -40.70 32.78
CA LYS D 410 -1.07 -40.28 33.40
C LYS D 410 -0.93 -38.77 33.33
N ALA D 411 -0.88 -38.22 32.11
CA ALA D 411 -0.72 -36.78 31.93
C ALA D 411 -1.88 -36.01 32.55
N LEU D 412 -3.05 -36.64 32.68
CA LEU D 412 -4.21 -35.93 33.24
C LEU D 412 -4.05 -35.71 34.74
N ASP D 413 -3.58 -36.71 35.47
CA ASP D 413 -3.37 -36.56 36.90
C ASP D 413 -2.08 -35.82 37.21
N ILE D 414 -1.10 -35.91 36.31
CA ILE D 414 0.03 -34.99 36.37
C ILE D 414 -0.45 -33.55 36.20
N LEU D 415 -1.41 -33.35 35.30
CA LEU D 415 -2.05 -32.03 35.18
C LEU D 415 -2.88 -31.69 36.41
N ALA D 416 -3.26 -32.68 37.22
CA ALA D 416 -3.88 -32.36 38.50
C ALA D 416 -2.86 -31.80 39.48
N ARG D 417 -1.60 -32.21 39.37
CA ARG D 417 -0.57 -31.79 40.31
C ARG D 417 0.07 -30.46 39.95
N VAL D 418 -0.03 -30.01 38.69
CA VAL D 418 0.57 -28.73 38.32
C VAL D 418 -0.24 -27.56 38.83
N LEU D 419 -1.53 -27.77 39.12
CA LEU D 419 -2.44 -26.66 39.39
C LEU D 419 -2.56 -26.29 40.85
N LYS D 420 -2.18 -27.18 41.77
CA LYS D 420 -2.33 -26.92 43.19
C LYS D 420 -1.02 -26.59 43.90
N SER D 421 0.11 -26.82 43.24
CA SER D 421 1.41 -26.49 43.84
C SER D 421 1.54 -24.99 44.08
#